data_3I2R
# 
_entry.id   3I2R 
# 
_audit_conform.dict_name       mmcif_pdbx.dic 
_audit_conform.dict_version    5.378 
_audit_conform.dict_location   http://mmcif.pdb.org/dictionaries/ascii/mmcif_pdbx.dic 
# 
loop_
_database_2.database_id 
_database_2.database_code 
_database_2.pdbx_database_accession 
_database_2.pdbx_DOI 
PDB   3I2R         pdb_00003i2r 10.2210/pdb3i2r/pdb 
NDB   NA0052       ?            ?                   
RCSB  RCSB053890   ?            ?                   
WWPDB D_1000053890 ?            ?                   
# 
loop_
_pdbx_database_related.db_name 
_pdbx_database_related.db_id 
_pdbx_database_related.details 
_pdbx_database_related.content_type 
PDB 3I2P 
;Crystal structure of the hairpin ribozyme product-mimic with 5'-deoxy-5'-fluoroguanosine
;
unspecified 
PDB 3I2Q 
;Crystal structure of the hairpin ribozyme with 2'OMe substrate strand and N1-deazaadenosine at position A9
;
unspecified 
PDB 3I2S 
;Crystal structure of the hairpin ribozyme with a 2'OMe substrate and N1-deazaadenosine at position A10
;
unspecified 
PDB 3I2U 
;Crystal structure of the haiprin ribozyme with a 2',5'-linked substrate and N1-deazaadenosine at position A10
;
unspecified 
# 
_pdbx_database_status.status_code                     REL 
_pdbx_database_status.entry_id                        3I2R 
_pdbx_database_status.recvd_initial_deposition_date   2009-06-29 
_pdbx_database_status.deposit_site                    RCSB 
_pdbx_database_status.process_site                    RCSB 
_pdbx_database_status.status_code_sf                  REL 
_pdbx_database_status.status_code_mr                  ? 
_pdbx_database_status.SG_entry                        ? 
_pdbx_database_status.pdb_format_compatible           Y 
_pdbx_database_status.status_code_cs                  ? 
_pdbx_database_status.status_code_nmr_data            ? 
_pdbx_database_status.methods_development_category    ? 
# 
loop_
_audit_author.name 
_audit_author.pdbx_ordinal 
'Wedekind, J.E.' 1 
'Spitale, R.C.'  2 
'Krucinska, J.'  3 
# 
_citation.id                        primary 
_citation.title                     
;Single-atom imino substitutions at A9 and A10 reveal distinct effects on the fold and function of the hairpin ribozyme catalytic core.
;
_citation.journal_abbrev            Biochemistry 
_citation.journal_volume            48 
_citation.page_first                7777 
_citation.page_last                 7779 
_citation.year                      2009 
_citation.journal_id_ASTM           BICHAW 
_citation.country                   US 
_citation.journal_id_ISSN           0006-2960 
_citation.journal_id_CSD            0033 
_citation.book_publisher            ? 
_citation.pdbx_database_id_PubMed   19634899 
_citation.pdbx_database_id_DOI      10.1021/bi9011622 
# 
loop_
_citation_author.citation_id 
_citation_author.name 
_citation_author.ordinal 
_citation_author.identifier_ORCID 
primary 'Spitale, R.C.'  1 ? 
primary 'Volpini, R.'    2 ? 
primary 'Mungillo, M.V.' 3 ? 
primary 'Krucinska, J.'  4 ? 
primary 'Cristalli, G.'  5 ? 
primary 'Wedekind, J.E.' 6 ? 
# 
_cell.entry_id           3I2R 
_cell.length_a           93.650 
_cell.length_b           93.650 
_cell.length_c           132.240 
_cell.angle_alpha        90.00 
_cell.angle_beta         90.00 
_cell.angle_gamma        120.00 
_cell.Z_PDB              12 
_cell.pdbx_unique_axis   ? 
_cell.length_a_esd       ? 
_cell.length_b_esd       ? 
_cell.length_c_esd       ? 
_cell.angle_alpha_esd    ? 
_cell.angle_beta_esd     ? 
_cell.angle_gamma_esd    ? 
# 
_symmetry.entry_id                         3I2R 
_symmetry.space_group_name_H-M             'P 61 2 2' 
_symmetry.pdbx_full_space_group_name_H-M   ? 
_symmetry.cell_setting                     ? 
_symmetry.Int_Tables_number                178 
_symmetry.space_group_name_Hall            ? 
# 
loop_
_entity.id 
_entity.type 
_entity.src_method 
_entity.pdbx_description 
_entity.formula_weight 
_entity.pdbx_number_of_molecules 
_entity.pdbx_ec 
_entity.pdbx_mutation 
_entity.pdbx_fragment 
_entity.details 
1 polymer     syn "5'-R(*UP*CP*CP*CP*AP*GP*UP*CP*CP*AP*CP*CP*GP*U)-3'"                4358.636 1 ? ? ? 'Hairpin ribozyme' 
2 polymer     syn 'DNA/RNA (30-MER)'                                                  9762.001 1 ? ? ? 'Hairpin ribozyme' 
3 polymer     syn "5'-R(*UP*CP*GP*UP*GP*GP*UP*AP*CP*AP*UP*UP*AP*CP*CP*UP*GP*CP*C)-3'" 5991.568 1 ? ? ? 'Hairpin ribozyme' 
4 non-polymer syn 'SULFATE ION'                                                       96.063   1 ? ? ? ?                  
5 non-polymer syn 'COBALT HEXAMMINE(III)'                                             161.116  2 ? ? ? ?                  
# 
loop_
_entity_poly.entity_id 
_entity_poly.type 
_entity_poly.nstd_linkage 
_entity_poly.nstd_monomer 
_entity_poly.pdbx_seq_one_letter_code 
_entity_poly.pdbx_seq_one_letter_code_can 
_entity_poly.pdbx_strand_id 
_entity_poly.pdbx_target_identifier 
1 polyribonucleotide                                  no no  UCCCAGUCCACCGU                           UCCCAGUCCACCGU A ? 
2 'polydeoxyribonucleotide/polyribonucleotide hybrid' no yes 'CGGUGAG(1DP)AGGG(S9L)GGCAGAGAAACACACGA' 
CGGUGAGXAGGGXGGCAGAGAAACACACGA B ? 
3 polyribonucleotide                                  no no  UCGUGGUACAUUACCUGCC                      UCGUGGUACAUUACCUGCC C ? 
# 
loop_
_entity_poly_seq.entity_id 
_entity_poly_seq.num 
_entity_poly_seq.mon_id 
_entity_poly_seq.hetero 
1 1  U   n 
1 2  C   n 
1 3  C   n 
1 4  C   n 
1 5  A   n 
1 6  G   n 
1 7  U   n 
1 8  C   n 
1 9  C   n 
1 10 A   n 
1 11 C   n 
1 12 C   n 
1 13 G   n 
1 14 U   n 
2 1  C   n 
2 2  G   n 
2 3  G   n 
2 4  U   n 
2 5  G   n 
2 6  A   n 
2 7  G   n 
2 8  1DP n 
2 9  A   n 
2 10 G   n 
2 11 G   n 
2 12 G   n 
2 13 S9L n 
2 14 G   n 
2 15 G   n 
2 16 C   n 
2 17 A   n 
2 18 G   n 
2 19 A   n 
2 20 G   n 
2 21 A   n 
2 22 A   n 
2 23 A   n 
2 24 C   n 
2 25 A   n 
2 26 C   n 
2 27 A   n 
2 28 C   n 
2 29 G   n 
2 30 A   n 
3 1  U   n 
3 2  C   n 
3 3  G   n 
3 4  U   n 
3 5  G   n 
3 6  G   n 
3 7  U   n 
3 8  A   n 
3 9  C   n 
3 10 A   n 
3 11 U   n 
3 12 U   n 
3 13 A   n 
3 14 C   n 
3 15 C   n 
3 16 U   n 
3 17 G   n 
3 18 C   n 
3 19 C   n 
# 
loop_
_pdbx_entity_src_syn.entity_id 
_pdbx_entity_src_syn.pdbx_src_id 
_pdbx_entity_src_syn.pdbx_alt_source_flag 
_pdbx_entity_src_syn.pdbx_beg_seq_num 
_pdbx_entity_src_syn.pdbx_end_seq_num 
_pdbx_entity_src_syn.organism_scientific 
_pdbx_entity_src_syn.organism_common_name 
_pdbx_entity_src_syn.ncbi_taxonomy_id 
_pdbx_entity_src_syn.details 
1 1 sample ? ? ? ? ? 'The RNA was synthesized by Dharmacon Inc., following the tobacco ringspot virus sequence' 
2 1 sample ? ? ? ? ? 'The RNA was synthesized by Dharmacon Inc., following the tobacco ringspot virus sequence' 
3 1 sample ? ? ? ? ? 'The RNA was synthesized by Dharmacon Inc., following the tobacco ringspot virus sequence' 
# 
loop_
_struct_ref.id 
_struct_ref.db_name 
_struct_ref.db_code 
_struct_ref.pdbx_db_accession 
_struct_ref.entity_id 
_struct_ref.pdbx_align_begin 
_struct_ref.pdbx_seq_one_letter_code 
_struct_ref.pdbx_db_isoform 
1 PDB 3I2R 3I2R 1 1  UCCCAGUCCACCGU                 ? 
2 PDB 3I2R 3I2R 2 2  CGGUGAGAAGGGXGGCAGAGAAACACACGA ? 
3 PDB 3I2R 3I2R 3 31 UCGUGGUACAUUACCUGCC            ? 
# 
loop_
_struct_ref_seq.align_id 
_struct_ref_seq.ref_id 
_struct_ref_seq.pdbx_PDB_id_code 
_struct_ref_seq.pdbx_strand_id 
_struct_ref_seq.seq_align_beg 
_struct_ref_seq.pdbx_seq_align_beg_ins_code 
_struct_ref_seq.seq_align_end 
_struct_ref_seq.pdbx_seq_align_end_ins_code 
_struct_ref_seq.pdbx_db_accession 
_struct_ref_seq.db_align_beg 
_struct_ref_seq.pdbx_db_align_beg_ins_code 
_struct_ref_seq.db_align_end 
_struct_ref_seq.pdbx_db_align_end_ins_code 
_struct_ref_seq.pdbx_auth_seq_align_beg 
_struct_ref_seq.pdbx_auth_seq_align_end 
1 1 3I2R A 1 ? 14 ? 3I2R 1  ? 14 ? 1  14 
2 2 3I2R B 1 ? 30 ? 3I2R 2  ? 31 ? 2  31 
3 3 3I2R C 1 ? 19 ? 3I2R 31 ? 49 ? 31 49 
# 
loop_
_chem_comp.id 
_chem_comp.type 
_chem_comp.mon_nstd_flag 
_chem_comp.name 
_chem_comp.pdbx_synonyms 
_chem_comp.formula 
_chem_comp.formula_weight 
1DP 'RNA linking' . "N1-deaza-adenosine-5'-monophosphate"                     
'3-(5-O-phosphono-beta-D-ribofuranosyl)-3H-imidazo[4,5-b]pyridin-7-amine' 'C11 H15 N4 O7 P' 346.233 
A   'RNA linking' y "ADENOSINE-5'-MONOPHOSPHATE"                              ? 'C10 H14 N5 O7 P' 347.221 
C   'RNA linking' y "CYTIDINE-5'-MONOPHOSPHATE"                               ? 'C9 H14 N3 O8 P'  323.197 
G   'RNA linking' y "GUANOSINE-5'-MONOPHOSPHATE"                              ? 'C10 H14 N5 O8 P' 363.221 
NCO non-polymer   . 'COBALT HEXAMMINE(III)'                                   ? 'Co H18 N6 3'     161.116 
S9L non-polymer   . '2-[2-(2-HYDROXYETHOXY)ETHOXY]ETHYL DIHYDROGEN PHOSPHATE' ? 'C6 H15 O7 P'     230.153 
SO4 non-polymer   . 'SULFATE ION'                                             ? 'O4 S -2'         96.063  
U   'RNA linking' y "URIDINE-5'-MONOPHOSPHATE"                                ? 'C9 H13 N2 O9 P'  324.181 
# 
_exptl.entry_id          3I2R 
_exptl.method            'X-RAY DIFFRACTION' 
_exptl.crystals_number   1 
# 
_exptl_crystal.id                    1 
_exptl_crystal.density_meas          ? 
_exptl_crystal.density_Matthews      4.16 
_exptl_crystal.density_percent_sol   70.44 
_exptl_crystal.description           ? 
_exptl_crystal.F_000                 ? 
_exptl_crystal.preparation           ? 
# 
_exptl_crystal_grow.crystal_id      1 
_exptl_crystal_grow.method          'VAPOR DIFFUSION, HANGING DROP' 
_exptl_crystal_grow.temp            293.15 
_exptl_crystal_grow.temp_details    ? 
_exptl_crystal_grow.pH              7.0 
_exptl_crystal_grow.pdbx_details    
;Well solutions contained 20.5% w/v PEG 2000 MME, 0.10 M Na cacodylate pH 6.5 or 7.0, 0.25 M Li2SO4, 2.5 mM Co(NH3)6Cl3 and 2 mM Spermidine-HCl. Crystals grew as hexagonal rods or plates and reached a size of 0.3 mm x 0.2 mm x 0.2 mm in approximately 3 weeks, VAPOR DIFFUSION, HANGING DROP, temperature 293.15K
;
_exptl_crystal_grow.pdbx_pH_range   ? 
# 
loop_
_exptl_crystal_grow_comp.crystal_id 
_exptl_crystal_grow_comp.id 
_exptl_crystal_grow_comp.sol_id 
_exptl_crystal_grow_comp.name 
_exptl_crystal_grow_comp.volume 
_exptl_crystal_grow_comp.conc 
_exptl_crystal_grow_comp.details 
1 1  1 'PEG 2000 MME'  ? ? ? 
1 2  1 'Na cacodylate' ? ? ? 
1 3  1 Li2SO4          ? ? ? 
1 4  1 'Co(NH3)6Cl3'   ? ? ? 
1 5  1 Spermidine-HCl  ? ? ? 
1 6  2 'PEG 2000 MME'  ? ? ? 
1 7  2 'Na cacodylate' ? ? ? 
1 8  2 Li2SO4          ? ? ? 
1 9  2 'Co(NH3)6Cl3'   ? ? ? 
1 10 2 Spermidine-HCl  ? ? ? 
# 
_diffrn.id                     1 
_diffrn.ambient_temp           100 
_diffrn.ambient_temp_details   ? 
_diffrn.crystal_id             1 
# 
_diffrn_detector.diffrn_id              1 
_diffrn_detector.detector               CCD 
_diffrn_detector.type                   'ADSC QUANTUM 315r' 
_diffrn_detector.pdbx_collection_date   2009-01-29 
_diffrn_detector.details                'Vertical focusing mirror, single crystal Si(111) bent monochromator (horizontal focusing)' 
# 
_diffrn_radiation.diffrn_id                        1 
_diffrn_radiation.wavelength_id                    1 
_diffrn_radiation.pdbx_monochromatic_or_laue_m_l   M 
_diffrn_radiation.monochromator                    'Si(111) single crystal' 
_diffrn_radiation.pdbx_diffrn_protocol             'SINGLE WAVELENGTH' 
_diffrn_radiation.pdbx_scattering_type             x-ray 
# 
_diffrn_radiation_wavelength.id           1 
_diffrn_radiation_wavelength.wavelength   0.9700 
_diffrn_radiation_wavelength.wt           1.0 
# 
_diffrn_source.diffrn_id                   1 
_diffrn_source.source                      SYNCHROTRON 
_diffrn_source.type                        'SSRL BEAMLINE BL7-1' 
_diffrn_source.pdbx_synchrotron_site       SSRL 
_diffrn_source.pdbx_synchrotron_beamline   BL7-1 
_diffrn_source.pdbx_wavelength             ? 
_diffrn_source.pdbx_wavelength_list        0.9700 
# 
_reflns.entry_id                     3I2R 
_reflns.observed_criterion_sigma_I   ? 
_reflns.observed_criterion_sigma_F   ? 
_reflns.d_resolution_low             50.00 
_reflns.d_resolution_high            2.80 
_reflns.number_obs                   8903 
_reflns.number_all                   ? 
_reflns.percent_possible_obs         99.5 
_reflns.pdbx_Rmerge_I_obs            0.081 
_reflns.pdbx_Rsym_value              ? 
_reflns.pdbx_netI_over_sigmaI        9.7 
_reflns.B_iso_Wilson_estimate        42.6 
_reflns.pdbx_redundancy              10.5 
_reflns.R_free_details               ? 
_reflns.limit_h_max                  ? 
_reflns.limit_h_min                  ? 
_reflns.limit_k_max                  ? 
_reflns.limit_k_min                  ? 
_reflns.limit_l_max                  ? 
_reflns.limit_l_min                  ? 
_reflns.observed_criterion_F_max     ? 
_reflns.observed_criterion_F_min     ? 
_reflns.pdbx_chi_squared             ? 
_reflns.pdbx_scaling_rejects         ? 
_reflns.pdbx_diffrn_id               1 
_reflns.pdbx_ordinal                 1 
# 
_reflns_shell.d_res_high             2.80 
_reflns_shell.d_res_low              2.90 
_reflns_shell.percent_possible_all   100.00 
_reflns_shell.Rmerge_I_obs           0.454 
_reflns_shell.pdbx_Rsym_value        ? 
_reflns_shell.meanI_over_sigI_obs    3.7 
_reflns_shell.pdbx_redundancy        10.5 
_reflns_shell.percent_possible_obs   ? 
_reflns_shell.number_unique_all      ? 
_reflns_shell.number_measured_all    ? 
_reflns_shell.number_measured_obs    ? 
_reflns_shell.number_unique_obs      ? 
_reflns_shell.pdbx_chi_squared       ? 
_reflns_shell.pdbx_diffrn_id         ? 
_reflns_shell.pdbx_ordinal           1 
# 
_refine.entry_id                                 3I2R 
_refine.ls_number_reflns_obs                     8871 
_refine.ls_number_reflns_all                     ? 
_refine.pdbx_ls_sigma_I                          ? 
_refine.pdbx_ls_sigma_F                          ? 
_refine.pdbx_data_cutoff_high_absF               43690.73 
_refine.pdbx_data_cutoff_low_absF                0.000000 
_refine.pdbx_data_cutoff_high_rms_absF           ? 
_refine.ls_d_res_low                             38.77 
_refine.ls_d_res_high                            2.80 
_refine.ls_percent_reflns_obs                    99.1 
_refine.ls_R_factor_obs                          0.232 
_refine.ls_R_factor_all                          ? 
_refine.ls_R_factor_R_work                       0.232 
_refine.ls_R_factor_R_free                       0.273 
_refine.ls_R_factor_R_free_error                 0.010 
_refine.ls_R_factor_R_free_error_details         ? 
_refine.ls_percent_reflns_R_free                 7.8 
_refine.ls_number_reflns_R_free                  689 
_refine.ls_number_parameters                     ? 
_refine.ls_number_restraints                     ? 
_refine.occupancy_min                            ? 
_refine.occupancy_max                            ? 
_refine.correlation_coeff_Fo_to_Fc               ? 
_refine.correlation_coeff_Fo_to_Fc_free          ? 
_refine.B_iso_mean                               69.1 
_refine.aniso_B[1][1]                            -9.56 
_refine.aniso_B[2][2]                            -9.56 
_refine.aniso_B[3][3]                            19.13 
_refine.aniso_B[1][2]                            0.00 
_refine.aniso_B[1][3]                            0.00 
_refine.aniso_B[2][3]                            0.00 
_refine.solvent_model_details                    'FLAT MODEL' 
_refine.solvent_model_param_ksol                 0.35 
_refine.solvent_model_param_bsol                 58.1611 
_refine.pdbx_solvent_vdw_probe_radii             ? 
_refine.pdbx_solvent_ion_probe_radii             ? 
_refine.pdbx_solvent_shrinkage_radii             ? 
_refine.pdbx_ls_cross_valid_method               THROUGHOUT 
_refine.details                                  'BULK SOLVENT MODEL USED' 
_refine.pdbx_starting_model                      'PDB entry 2OUE' 
_refine.pdbx_method_to_determine_struct          'FOURIER SYNTHESIS' 
_refine.pdbx_isotropic_thermal_model             RESTRAINED 
_refine.pdbx_stereochemistry_target_values       ? 
_refine.pdbx_stereochem_target_val_spec_case     ? 
_refine.pdbx_R_Free_selection_details            RANDOM 
_refine.pdbx_overall_ESU_R                       ? 
_refine.pdbx_overall_ESU_R_Free                  ? 
_refine.overall_SU_ML                            ? 
_refine.overall_SU_B                             ? 
_refine.ls_redundancy_reflns_obs                 ? 
_refine.B_iso_min                                ? 
_refine.B_iso_max                                ? 
_refine.overall_SU_R_Cruickshank_DPI             ? 
_refine.overall_SU_R_free                        ? 
_refine.ls_wR_factor_R_free                      ? 
_refine.ls_wR_factor_R_work                      ? 
_refine.overall_FOM_free_R_set                   ? 
_refine.overall_FOM_work_R_set                   ? 
_refine.pdbx_overall_phase_error                 ? 
_refine.pdbx_refine_id                           'X-RAY DIFFRACTION' 
_refine.pdbx_diffrn_id                           1 
_refine.pdbx_TLS_residual_ADP_flag               ? 
_refine.pdbx_overall_SU_R_free_Cruickshank_DPI   ? 
_refine.pdbx_overall_SU_R_Blow_DPI               ? 
_refine.pdbx_overall_SU_R_free_Blow_DPI          ? 
# 
_refine_analyze.entry_id                        3I2R 
_refine_analyze.Luzzati_coordinate_error_obs    0.50 
_refine_analyze.Luzzati_sigma_a_obs             0.52 
_refine_analyze.Luzzati_d_res_low_obs           5.00 
_refine_analyze.Luzzati_coordinate_error_free   0.60 
_refine_analyze.Luzzati_sigma_a_free            0.54 
_refine_analyze.Luzzati_d_res_low_free          ? 
_refine_analyze.number_disordered_residues      ? 
_refine_analyze.occupancy_sum_hydrogen          ? 
_refine_analyze.occupancy_sum_non_hydrogen      ? 
_refine_analyze.pdbx_Luzzati_d_res_high_obs     ? 
_refine_analyze.pdbx_refine_id                  'X-RAY DIFFRACTION' 
# 
_refine_hist.pdbx_refine_id                   'X-RAY DIFFRACTION' 
_refine_hist.cycle_id                         LAST 
_refine_hist.pdbx_number_atoms_protein        0 
_refine_hist.pdbx_number_atoms_nucleic_acid   1326 
_refine_hist.pdbx_number_atoms_ligand         19 
_refine_hist.number_atoms_solvent             0 
_refine_hist.number_atoms_total               1345 
_refine_hist.d_res_high                       2.80 
_refine_hist.d_res_low                        38.77 
# 
loop_
_refine_ls_restr.type 
_refine_ls_restr.dev_ideal 
_refine_ls_restr.dev_ideal_target 
_refine_ls_restr.weight 
_refine_ls_restr.number 
_refine_ls_restr.pdbx_refine_id 
_refine_ls_restr.pdbx_restraint_function 
c_bond_d           0.008 ? ? ? 'X-RAY DIFFRACTION' ? 
c_angle_deg        1.6   ? ? ? 'X-RAY DIFFRACTION' ? 
c_dihedral_angle_d 16.7  ? ? ? 'X-RAY DIFFRACTION' ? 
c_improper_angle_d 2.33  ? ? ? 'X-RAY DIFFRACTION' ? 
# 
_refine_ls_shell.pdbx_total_number_of_bins_used   6 
_refine_ls_shell.d_res_high                       2.80 
_refine_ls_shell.d_res_low                        2.98 
_refine_ls_shell.number_reflns_R_work             1323 
_refine_ls_shell.R_factor_R_work                  0.537 
_refine_ls_shell.percent_reflns_obs               99.4 
_refine_ls_shell.R_factor_R_free                  0.457 
_refine_ls_shell.R_factor_R_free_error            0.046 
_refine_ls_shell.percent_reflns_R_free            7.0 
_refine_ls_shell.number_reflns_R_free             99 
_refine_ls_shell.number_reflns_all                ? 
_refine_ls_shell.R_factor_all                     ? 
_refine_ls_shell.number_reflns_obs                ? 
_refine_ls_shell.redundancy_reflns_obs            ? 
_refine_ls_shell.pdbx_refine_id                   'X-RAY DIFFRACTION' 
# 
loop_
_pdbx_xplor_file.serial_no 
_pdbx_xplor_file.param_file 
_pdbx_xplor_file.topol_file 
_pdbx_xplor_file.pdbx_refine_id 
1 dna-rnaATT protein.top 'X-RAY DIFFRACTION' 
2 cobalt.par ?           'X-RAY DIFFRACTION' 
3 to         ?           'X-RAY DIFFRACTION' 
4 to         ?           'X-RAY DIFFRACTION' 
5 to         ?           'X-RAY DIFFRACTION' 
# 
_struct.entry_id                  3I2R 
_struct.title                     
;Crystal structure of the hairpin ribozyme with a 2',5'-linked substrate with N1-deazaadenosine at position A9
;
_struct.pdbx_model_details        ? 
_struct.pdbx_CASP_flag            ? 
_struct.pdbx_model_type_details   ? 
# 
_struct_keywords.entry_id        3I2R 
_struct_keywords.pdbx_keywords   RNA 
_struct_keywords.text            'hairpin ribozyme, N1-deazaadenosine, RNA' 
# 
loop_
_struct_asym.id 
_struct_asym.pdbx_blank_PDB_chainid_flag 
_struct_asym.pdbx_modified 
_struct_asym.entity_id 
_struct_asym.details 
A N N 1 ? 
B N N 2 ? 
C N N 3 ? 
D N N 4 ? 
E N N 5 ? 
F N N 5 ? 
# 
_struct_biol.id        1 
_struct_biol.details   'THE BIOLOGICAL UNIT IS THE SAME AS AN ASYMMETRIC UNIT' 
# 
loop_
_struct_conn.id 
_struct_conn.conn_type_id 
_struct_conn.pdbx_leaving_atom_flag 
_struct_conn.pdbx_PDB_id 
_struct_conn.ptnr1_label_asym_id 
_struct_conn.ptnr1_label_comp_id 
_struct_conn.ptnr1_label_seq_id 
_struct_conn.ptnr1_label_atom_id 
_struct_conn.pdbx_ptnr1_label_alt_id 
_struct_conn.pdbx_ptnr1_PDB_ins_code 
_struct_conn.pdbx_ptnr1_standard_comp_id 
_struct_conn.ptnr1_symmetry 
_struct_conn.ptnr2_label_asym_id 
_struct_conn.ptnr2_label_comp_id 
_struct_conn.ptnr2_label_seq_id 
_struct_conn.ptnr2_label_atom_id 
_struct_conn.pdbx_ptnr2_label_alt_id 
_struct_conn.pdbx_ptnr2_PDB_ins_code 
_struct_conn.ptnr1_auth_asym_id 
_struct_conn.ptnr1_auth_comp_id 
_struct_conn.ptnr1_auth_seq_id 
_struct_conn.ptnr2_auth_asym_id 
_struct_conn.ptnr2_auth_comp_id 
_struct_conn.ptnr2_auth_seq_id 
_struct_conn.ptnr2_symmetry 
_struct_conn.pdbx_ptnr3_label_atom_id 
_struct_conn.pdbx_ptnr3_label_seq_id 
_struct_conn.pdbx_ptnr3_label_comp_id 
_struct_conn.pdbx_ptnr3_label_asym_id 
_struct_conn.pdbx_ptnr3_label_alt_id 
_struct_conn.pdbx_ptnr3_PDB_ins_code 
_struct_conn.details 
_struct_conn.pdbx_dist_value 
_struct_conn.pdbx_value_order 
_struct_conn.pdbx_role 
covale1  covale one  ? A A   5  "O2'" ? ? ? 1_555 A G   6  P  ? ? A A   5  A G   6  1_555 ? ? ? ? ? ? ?                    1.607 ? 
? 
covale2  covale both ? B G   7  "O3'" ? ? ? 1_555 B 1DP 8  P  ? ? B G   8  B 1DP 9  1_555 ? ? ? ? ? ? ?                    1.602 ? 
? 
covale3  covale both ? B 1DP 8  "O3'" ? ? ? 1_555 B A   9  P  ? ? B 1DP 9  B A   10 1_555 ? ? ? ? ? ? ?                    1.610 ? 
? 
covale4  covale both ? B G   12 "O3'" ? ? ? 1_555 B S9L 13 P  ? ? B G   13 B S9L 14 1_555 ? ? ? ? ? ? ?                    1.616 ? 
? 
covale5  covale both ? B S9L 13 "O3'" ? ? ? 1_555 B G   14 P  ? ? B S9L 14 B G   15 1_555 ? ? ? ? ? ? ?                    1.606 ? 
? 
hydrog1  hydrog ?    ? A C   2  N3    ? ? ? 1_555 B G   12 N1 ? ? A C   2  B G   13 1_555 ? ? ? ? ? ? WATSON-CRICK         ?     ? 
? 
hydrog2  hydrog ?    ? A C   2  N4    ? ? ? 1_555 B G   12 O6 ? ? A C   2  B G   13 1_555 ? ? ? ? ? ? WATSON-CRICK         ?     ? 
? 
hydrog3  hydrog ?    ? A C   2  O2    ? ? ? 1_555 B G   12 N2 ? ? A C   2  B G   13 1_555 ? ? ? ? ? ? WATSON-CRICK         ?     ? 
? 
hydrog4  hydrog ?    ? A C   3  N3    ? ? ? 1_555 B G   11 N1 ? ? A C   3  B G   12 1_555 ? ? ? ? ? ? WATSON-CRICK         ?     ? 
? 
hydrog5  hydrog ?    ? A C   3  N4    ? ? ? 1_555 B G   11 O6 ? ? A C   3  B G   12 1_555 ? ? ? ? ? ? WATSON-CRICK         ?     ? 
? 
hydrog6  hydrog ?    ? A C   3  O2    ? ? ? 1_555 B G   11 N2 ? ? A C   3  B G   12 1_555 ? ? ? ? ? ? WATSON-CRICK         ?     ? 
? 
hydrog7  hydrog ?    ? A C   4  N3    ? ? ? 1_555 B G   10 N1 ? ? A C   4  B G   11 1_555 ? ? ? ? ? ? WATSON-CRICK         ?     ? 
? 
hydrog8  hydrog ?    ? A C   4  N4    ? ? ? 1_555 B G   10 O6 ? ? A C   4  B G   11 1_555 ? ? ? ? ? ? WATSON-CRICK         ?     ? 
? 
hydrog9  hydrog ?    ? A C   4  O2    ? ? ? 1_555 B G   10 N2 ? ? A C   4  B G   11 1_555 ? ? ? ? ? ? WATSON-CRICK         ?     ? 
? 
hydrog10 hydrog ?    ? A A   5  N3    ? ? ? 1_555 B A   9  N6 ? ? A A   5  B A   10 1_555 ? ? ? ? ? ? 'A-A MISPAIR'        ?     ? 
? 
hydrog11 hydrog ?    ? A G   6  N1    ? ? ? 1_555 B C   24 N3 ? ? A G   6  B C   25 1_555 ? ? ? ? ? ? WATSON-CRICK         ?     ? 
? 
hydrog12 hydrog ?    ? A G   6  N2    ? ? ? 1_555 B C   24 O2 ? ? A G   6  B C   25 1_555 ? ? ? ? ? ? WATSON-CRICK         ?     ? 
? 
hydrog13 hydrog ?    ? A G   6  O6    ? ? ? 1_555 B C   24 N4 ? ? A G   6  B C   25 1_555 ? ? ? ? ? ? WATSON-CRICK         ?     ? 
? 
hydrog14 hydrog ?    ? A U   7  O4    ? ? ? 1_555 B G   7  N2 ? ? A U   7  B G   8  1_555 ? ? ? ? ? ? 'U-G MISPAIR'        ?     ? 
? 
hydrog15 hydrog ?    ? A C   8  N4    ? ? ? 1_555 B A   6  N1 ? ? A C   8  B A   7  1_555 ? ? ? ? ? ? 'C-A MISPAIR'        ?     ? 
? 
hydrog16 hydrog ?    ? A C   9  O2    ? ? ? 1_555 B G   5  N2 ? ? A C   9  B G   6  1_555 ? ? ? ? ? ? 'C-G PAIR'           ?     ? 
? 
hydrog17 hydrog ?    ? A A   10 N1    ? ? ? 1_555 B U   4  N3 ? ? A A   10 B U   5  1_555 ? ? ? ? ? ? WATSON-CRICK         ?     ? 
? 
hydrog18 hydrog ?    ? A A   10 N6    ? ? ? 1_555 B U   4  O4 ? ? A A   10 B U   5  1_555 ? ? ? ? ? ? WATSON-CRICK         ?     ? 
? 
hydrog19 hydrog ?    ? A C   11 N3    ? ? ? 1_555 B G   3  N1 ? ? A C   11 B G   4  1_555 ? ? ? ? ? ? WATSON-CRICK         ?     ? 
? 
hydrog20 hydrog ?    ? A C   11 N4    ? ? ? 1_555 B G   3  O6 ? ? A C   11 B G   4  1_555 ? ? ? ? ? ? WATSON-CRICK         ?     ? 
? 
hydrog21 hydrog ?    ? A C   11 O2    ? ? ? 1_555 B G   3  N2 ? ? A C   11 B G   4  1_555 ? ? ? ? ? ? WATSON-CRICK         ?     ? 
? 
hydrog22 hydrog ?    ? A C   12 N3    ? ? ? 1_555 B G   2  N1 ? ? A C   12 B G   3  1_555 ? ? ? ? ? ? WATSON-CRICK         ?     ? 
? 
hydrog23 hydrog ?    ? A C   12 N4    ? ? ? 1_555 B G   2  O6 ? ? A C   12 B G   3  1_555 ? ? ? ? ? ? WATSON-CRICK         ?     ? 
? 
hydrog24 hydrog ?    ? A C   12 O2    ? ? ? 1_555 B G   2  N2 ? ? A C   12 B G   3  1_555 ? ? ? ? ? ? WATSON-CRICK         ?     ? 
? 
hydrog25 hydrog ?    ? A G   13 N1    ? ? ? 1_555 B C   1  N3 ? ? A G   13 B C   2  1_555 ? ? ? ? ? ? 'G-C PAIR'           ?     ? 
? 
hydrog26 hydrog ?    ? B G   14 N1    ? ? ? 1_555 C C   19 N3 ? ? B G   15 C C   49 1_555 ? ? ? ? ? ? WATSON-CRICK         ?     ? 
? 
hydrog27 hydrog ?    ? B G   14 N2    ? ? ? 1_555 C C   19 O2 ? ? B G   15 C C   49 1_555 ? ? ? ? ? ? WATSON-CRICK         ?     ? 
? 
hydrog28 hydrog ?    ? B G   14 O6    ? ? ? 1_555 C C   19 N4 ? ? B G   15 C C   49 1_555 ? ? ? ? ? ? WATSON-CRICK         ?     ? 
? 
hydrog29 hydrog ?    ? B G   15 N1    ? ? ? 1_555 C C   18 N3 ? ? B G   16 C C   48 1_555 ? ? ? ? ? ? WATSON-CRICK         ?     ? 
? 
hydrog30 hydrog ?    ? B G   15 N2    ? ? ? 1_555 C C   18 O2 ? ? B G   16 C C   48 1_555 ? ? ? ? ? ? WATSON-CRICK         ?     ? 
? 
hydrog31 hydrog ?    ? B G   15 O6    ? ? ? 1_555 C C   18 N4 ? ? B G   16 C C   48 1_555 ? ? ? ? ? ? WATSON-CRICK         ?     ? 
? 
hydrog32 hydrog ?    ? B C   16 N3    ? ? ? 1_555 C G   17 N1 ? ? B C   17 C G   47 1_555 ? ? ? ? ? ? WATSON-CRICK         ?     ? 
? 
hydrog33 hydrog ?    ? B C   16 N4    ? ? ? 1_555 C G   17 O6 ? ? B C   17 C G   47 1_555 ? ? ? ? ? ? WATSON-CRICK         ?     ? 
? 
hydrog34 hydrog ?    ? B C   16 O2    ? ? ? 1_555 C G   17 N2 ? ? B C   17 C G   47 1_555 ? ? ? ? ? ? WATSON-CRICK         ?     ? 
? 
hydrog35 hydrog ?    ? B A   17 N1    ? ? ? 1_555 C U   16 N3 ? ? B A   18 C U   46 1_555 ? ? ? ? ? ? WATSON-CRICK         ?     ? 
? 
hydrog36 hydrog ?    ? B A   17 N6    ? ? ? 1_555 C U   16 O4 ? ? B A   18 C U   46 1_555 ? ? ? ? ? ? WATSON-CRICK         ?     ? 
? 
hydrog37 hydrog ?    ? B G   18 N1    ? ? ? 1_555 C C   15 N3 ? ? B G   19 C C   45 1_555 ? ? ? ? ? ? WATSON-CRICK         ?     ? 
? 
hydrog38 hydrog ?    ? B G   18 N2    ? ? ? 1_555 C C   15 O2 ? ? B G   19 C C   45 1_555 ? ? ? ? ? ? WATSON-CRICK         ?     ? 
? 
hydrog39 hydrog ?    ? B G   18 O6    ? ? ? 1_555 C C   15 N4 ? ? B G   19 C C   45 1_555 ? ? ? ? ? ? WATSON-CRICK         ?     ? 
? 
hydrog40 hydrog ?    ? B A   19 N1    ? ? ? 1_555 C C   14 N4 ? ? B A   20 C C   44 1_555 ? ? ? ? ? ? 'A-C MISPAIR'        ?     ? 
? 
hydrog41 hydrog ?    ? B G   20 N2    ? ? ? 1_555 C A   13 N7 ? ? B G   21 C A   43 1_555 ? ? ? ? ? ? TYPE_11_PAIR         ?     ? 
? 
hydrog42 hydrog ?    ? B G   20 N3    ? ? ? 1_555 C A   13 N6 ? ? B G   21 C A   43 1_555 ? ? ? ? ? ? TYPE_11_PAIR         ?     ? 
? 
hydrog43 hydrog ?    ? B A   21 N6    ? ? ? 1_555 C U   11 O2 ? ? B A   22 C U   41 1_555 ? ? ? ? ? ? 'REVERSED HOOGSTEEN' ?     ? 
? 
hydrog44 hydrog ?    ? B A   21 N7    ? ? ? 1_555 C U   11 N3 ? ? B A   22 C U   41 1_555 ? ? ? ? ? ? 'REVERSED HOOGSTEEN' ?     ? 
? 
hydrog45 hydrog ?    ? B A   22 N6    ? ? ? 1_555 C A   10 N1 ? ? B A   23 C A   40 1_555 ? ? ? ? ? ? 'A-A MISPAIR'        ?     ? 
? 
hydrog46 hydrog ?    ? B A   23 N6    ? ? ? 1_555 C A   8  N7 ? ? B A   24 C A   38 1_555 ? ? ? ? ? ? 'A-A MISPAIR'        ?     ? 
? 
hydrog47 hydrog ?    ? B A   25 N1    ? ? ? 1_555 C G   6  N1 ? ? B A   26 C G   36 1_555 ? ? ? ? ? ? TYPE_8_PAIR          ?     ? 
? 
hydrog48 hydrog ?    ? B A   25 N6    ? ? ? 1_555 C G   6  O6 ? ? B A   26 C G   36 1_555 ? ? ? ? ? ? TYPE_8_PAIR          ?     ? 
? 
hydrog49 hydrog ?    ? B C   26 N3    ? ? ? 1_555 C G   5  N1 ? ? B C   27 C G   35 1_555 ? ? ? ? ? ? WATSON-CRICK         ?     ? 
? 
hydrog50 hydrog ?    ? B C   26 N4    ? ? ? 1_555 C G   5  O6 ? ? B C   27 C G   35 1_555 ? ? ? ? ? ? WATSON-CRICK         ?     ? 
? 
hydrog51 hydrog ?    ? B C   26 O2    ? ? ? 1_555 C G   5  N2 ? ? B C   27 C G   35 1_555 ? ? ? ? ? ? WATSON-CRICK         ?     ? 
? 
hydrog52 hydrog ?    ? B A   27 N1    ? ? ? 1_555 C U   4  N3 ? ? B A   28 C U   34 1_555 ? ? ? ? ? ? WATSON-CRICK         ?     ? 
? 
hydrog53 hydrog ?    ? B A   27 N6    ? ? ? 1_555 C U   4  O4 ? ? B A   28 C U   34 1_555 ? ? ? ? ? ? WATSON-CRICK         ?     ? 
? 
hydrog54 hydrog ?    ? B C   28 N3    ? ? ? 1_555 C G   3  N1 ? ? B C   29 C G   33 1_555 ? ? ? ? ? ? WATSON-CRICK         ?     ? 
? 
hydrog55 hydrog ?    ? B C   28 N4    ? ? ? 1_555 C G   3  O6 ? ? B C   29 C G   33 1_555 ? ? ? ? ? ? WATSON-CRICK         ?     ? 
? 
hydrog56 hydrog ?    ? B C   28 O2    ? ? ? 1_555 C G   3  N2 ? ? B C   29 C G   33 1_555 ? ? ? ? ? ? WATSON-CRICK         ?     ? 
? 
hydrog57 hydrog ?    ? B G   29 N1    ? ? ? 1_555 C C   2  N3 ? ? B G   30 C C   32 1_555 ? ? ? ? ? ? WATSON-CRICK         ?     ? 
? 
hydrog58 hydrog ?    ? B G   29 N2    ? ? ? 1_555 C C   2  O2 ? ? B G   30 C C   32 1_555 ? ? ? ? ? ? WATSON-CRICK         ?     ? 
? 
hydrog59 hydrog ?    ? B G   29 O6    ? ? ? 1_555 C C   2  N4 ? ? B G   30 C C   32 1_555 ? ? ? ? ? ? WATSON-CRICK         ?     ? 
? 
hydrog60 hydrog ?    ? B A   30 N1    ? ? ? 1_555 C U   1  N3 ? ? B A   31 C U   31 1_555 ? ? ? ? ? ? WATSON-CRICK         ?     ? 
? 
hydrog61 hydrog ?    ? B A   30 N6    ? ? ? 1_555 C U   1  O4 ? ? B A   31 C U   31 1_555 ? ? ? ? ? ? WATSON-CRICK         ?     ? 
? 
# 
loop_
_struct_conn_type.id 
_struct_conn_type.criteria 
_struct_conn_type.reference 
covale ? ? 
hydrog ? ? 
# 
loop_
_struct_site.id 
_struct_site.pdbx_evidence_code 
_struct_site.pdbx_auth_asym_id 
_struct_site.pdbx_auth_comp_id 
_struct_site.pdbx_auth_seq_id 
_struct_site.pdbx_auth_ins_code 
_struct_site.pdbx_num_residues 
_struct_site.details 
AC1 Software C NCO 101 ? 4 'BINDING SITE FOR RESIDUE NCO C 101' 
AC2 Software B NCO 101 ? 5 'BINDING SITE FOR RESIDUE NCO B 101' 
AC3 Software A SO4 102 ? 3 'BINDING SITE FOR RESIDUE SO4 A 102' 
# 
loop_
_struct_site_gen.id 
_struct_site_gen.site_id 
_struct_site_gen.pdbx_num_res 
_struct_site_gen.label_comp_id 
_struct_site_gen.label_asym_id 
_struct_site_gen.label_seq_id 
_struct_site_gen.pdbx_auth_ins_code 
_struct_site_gen.auth_comp_id 
_struct_site_gen.auth_asym_id 
_struct_site_gen.auth_seq_id 
_struct_site_gen.label_atom_id 
_struct_site_gen.label_alt_id 
_struct_site_gen.symmetry 
_struct_site_gen.details 
1  AC1 4 A   B 19 ? A   B 20  . ? 1_555 ? 
2  AC1 4 G   B 20 ? G   B 21  . ? 1_555 ? 
3  AC1 4 A   C 10 ? A   C 40  . ? 1_555 ? 
4  AC1 4 U   C 11 ? U   C 41  . ? 1_555 ? 
5  AC2 5 C   A 2  ? C   A 2   . ? 1_555 ? 
6  AC2 5 SO4 D .  ? SO4 A 102 . ? 1_555 ? 
7  AC2 5 G   B 10 ? G   B 11  . ? 1_555 ? 
8  AC2 5 G   B 11 ? G   B 12  . ? 1_555 ? 
9  AC2 5 G   B 12 ? G   B 13  . ? 1_555 ? 
10 AC3 3 U   A 1  ? U   A 1   . ? 1_555 ? 
11 AC3 3 C   A 2  ? C   A 2   . ? 1_555 ? 
12 AC3 3 NCO E .  ? NCO B 101 . ? 1_555 ? 
# 
_atom_sites.entry_id                    3I2R 
_atom_sites.fract_transf_matrix[1][1]   0.00489869 
_atom_sites.fract_transf_matrix[1][2]   0.00839848 
_atom_sites.fract_transf_matrix[1][3]   0.00758256 
_atom_sites.fract_transf_matrix[2][1]   0.00770509 
_atom_sites.fract_transf_matrix[2][2]   -0.00352902 
_atom_sites.fract_transf_matrix[2][3]   0.00895581 
_atom_sites.fract_transf_matrix[3][1]   0.00585698 
_atom_sites.fract_transf_matrix[3][2]   0.00083584 
_atom_sites.fract_transf_matrix[3][3]   -0.00470967 
_atom_sites.fract_transf_vector[1]      0.434511 
_atom_sites.fract_transf_vector[2]      0.213593 
_atom_sites.fract_transf_vector[3]      0.384805 
# 
loop_
_atom_type.symbol 
C  
CO 
N  
O  
P  
S  
# 
loop_
_atom_site.group_PDB 
_atom_site.id 
_atom_site.type_symbol 
_atom_site.label_atom_id 
_atom_site.label_alt_id 
_atom_site.label_comp_id 
_atom_site.label_asym_id 
_atom_site.label_entity_id 
_atom_site.label_seq_id 
_atom_site.pdbx_PDB_ins_code 
_atom_site.Cartn_x 
_atom_site.Cartn_y 
_atom_site.Cartn_z 
_atom_site.occupancy 
_atom_site.B_iso_or_equiv 
_atom_site.pdbx_formal_charge 
_atom_site.auth_seq_id 
_atom_site.auth_comp_id 
_atom_site.auth_asym_id 
_atom_site.auth_atom_id 
_atom_site.pdbx_PDB_model_num 
ATOM   1    O  "O5'" A U   A 1 1  ? 15.949  5.285   6.199   0.12 53.57  ? 1   U   A "O5'" 1 
ATOM   2    O  "O5'" B U   A 1 1  ? 17.702  6.372   5.614   0.50 62.72  ? 1   U   A "O5'" 1 
ATOM   3    C  "C5'" A U   A 1 1  ? 17.276  5.743   5.950   0.12 53.97  ? 1   U   A "C5'" 1 
ATOM   4    C  "C5'" B U   A 1 1  ? 19.029  6.037   5.217   0.50 65.52  ? 1   U   A "C5'" 1 
ATOM   5    C  "C4'" A U   A 1 1  ? 18.306  4.641   6.042   0.12 54.92  ? 1   U   A "C4'" 1 
ATOM   6    C  "C4'" B U   A 1 1  ? 19.321  4.585   5.513   0.50 66.27  ? 1   U   A "C4'" 1 
ATOM   7    O  "O4'" A U   A 1 1  ? 18.471  4.257   7.434   0.12 52.99  ? 1   U   A "O4'" 1 
ATOM   8    O  "O4'" B U   A 1 1  ? 19.450  4.407   6.945   0.50 66.13  ? 1   U   A "O4'" 1 
ATOM   9    C  "C3'" A U   A 1 1  ? 17.917  3.343   5.353   0.12 57.10  ? 1   U   A "C3'" 1 
ATOM   10   C  "C3'" B U   A 1 1  ? 18.238  3.595   5.121   0.50 66.40  ? 1   U   A "C3'" 1 
ATOM   11   O  "O3'" A U   A 1 1  ? 18.167  3.346   3.950   0.12 63.53  ? 1   U   A "O3'" 1 
ATOM   12   O  "O3'" B U   A 1 1  ? 18.318  3.240   3.768   0.50 68.05  ? 1   U   A "O3'" 1 
ATOM   13   C  "C2'" A U   A 1 1  ? 18.757  2.312   6.092   0.12 54.84  ? 1   U   A "C2'" 1 
ATOM   14   C  "C2'" B U   A 1 1  ? 18.522  2.424   6.046   0.50 66.50  ? 1   U   A "C2'" 1 
ATOM   15   O  "O2'" A U   A 1 1  ? 20.091  2.253   5.628   0.12 55.59  ? 1   U   A "O2'" 1 
ATOM   16   O  "O2'" B U   A 1 1  ? 19.617  1.632   5.630   0.50 70.25  ? 1   U   A "O2'" 1 
ATOM   17   C  "C1'" A U   A 1 1  ? 18.719  2.861   7.519   0.12 51.62  ? 1   U   A "C1'" 1 
ATOM   18   C  "C1'" B U   A 1 1  ? 18.867  3.170   7.329   0.50 64.61  ? 1   U   A "C1'" 1 
ATOM   19   N  N1    A U   A 1 1  ? 17.673  2.241   8.345   0.12 48.45  ? 1   U   A N1    1 
ATOM   20   N  N1    B U   A 1 1  ? 17.592  3.491   7.969   0.50 62.65  ? 1   U   A N1    1 
ATOM   21   C  C2    A U   A 1 1  ? 17.948  0.999   8.883   0.12 47.16  ? 1   U   A C2    1 
ATOM   22   C  C2    B U   A 1 1  ? 16.978  2.512   8.721   0.50 61.74  ? 1   U   A C2    1 
ATOM   23   O  O2    A U   A 1 1  ? 19.004  0.422   8.695   0.12 46.36  ? 1   U   A O2    1 
ATOM   24   O  O2    B U   A 1 1  ? 17.487  1.418   8.924   0.50 61.66  ? 1   U   A O2    1 
ATOM   25   N  N3    A U   A 1 1  ? 16.942  0.459   9.646   0.12 45.68  ? 1   U   A N3    1 
ATOM   26   N  N3    B U   A 1 1  ? 15.750  2.862   9.224   0.50 60.62  ? 1   U   A N3    1 
ATOM   27   C  C4    A U   A 1 1  ? 15.713  1.022   9.916   0.12 45.33  ? 1   U   A C4    1 
ATOM   28   C  C4    B U   A 1 1  ? 15.105  4.079   9.060   0.50 61.24  ? 1   U   A C4    1 
ATOM   29   O  O4    A U   A 1 1  ? 14.917  0.418   10.634  0.12 44.13  ? 1   U   A O4    1 
ATOM   30   O  O4    B U   A 1 1  ? 13.997  4.250   9.567   0.50 60.48  ? 1   U   A O4    1 
ATOM   31   C  C5    A U   A 1 1  ? 15.502  2.307   9.321   0.12 45.81  ? 1   U   A C5    1 
ATOM   32   C  C5    B U   A 1 1  ? 15.830  5.043   8.290   0.50 61.31  ? 1   U   A C5    1 
ATOM   33   C  C6    A U   A 1 1  ? 16.466  2.860   8.576   0.12 47.18  ? 1   U   A C6    1 
ATOM   34   C  C6    B U   A 1 1  ? 17.017  4.725   7.789   0.50 61.21  ? 1   U   A C6    1 
ATOM   35   P  P     . C   A 1 2  ? 16.975  2.959   2.952   1.00 72.29  ? 2   C   A P     1 
ATOM   36   O  OP1   . C   A 1 2  ? 17.492  2.480   1.637   1.00 72.33  ? 2   C   A OP1   1 
ATOM   37   O  OP2   . C   A 1 2  ? 16.067  4.136   3.010   1.00 68.17  ? 2   C   A OP2   1 
ATOM   38   O  "O5'" . C   A 1 2  ? 16.280  1.745   3.713   1.00 65.88  ? 2   C   A "O5'" 1 
ATOM   39   C  "C5'" . C   A 1 2  ? 16.983  0.536   3.887   1.00 52.83  ? 2   C   A "C5'" 1 
ATOM   40   C  "C4'" . C   A 1 2  ? 16.131  -0.477  4.595   1.00 52.87  ? 2   C   A "C4'" 1 
ATOM   41   O  "O4'" . C   A 1 2  ? 15.815  0.014   5.924   1.00 51.54  ? 2   C   A "O4'" 1 
ATOM   42   C  "C3'" . C   A 1 2  ? 14.765  -0.742  3.987   1.00 50.38  ? 2   C   A "C3'" 1 
ATOM   43   O  "O3'" . C   A 1 2  ? 14.829  -1.663  2.911   1.00 52.39  ? 2   C   A "O3'" 1 
ATOM   44   C  "C2'" . C   A 1 2  ? 14.003  -1.314  5.173   1.00 52.19  ? 2   C   A "C2'" 1 
ATOM   45   O  "O2'" . C   A 1 2  ? 14.381  -2.652  5.426   1.00 49.51  ? 2   C   A "O2'" 1 
ATOM   46   C  "C1'" . C   A 1 2  ? 14.529  -0.443  6.310   1.00 46.16  ? 2   C   A "C1'" 1 
ATOM   47   N  N1    . C   A 1 2  ? 13.665  0.712   6.602   1.00 44.87  ? 2   C   A N1    1 
ATOM   48   C  C2    . C   A 1 2  ? 12.503  0.496   7.345   1.00 44.06  ? 2   C   A C2    1 
ATOM   49   O  O2    . C   A 1 2  ? 12.252  -0.645  7.731   1.00 46.49  ? 2   C   A O2    1 
ATOM   50   N  N3    . C   A 1 2  ? 11.680  1.532   7.619   1.00 43.12  ? 2   C   A N3    1 
ATOM   51   C  C4    . C   A 1 2  ? 11.978  2.747   7.175   1.00 44.65  ? 2   C   A C4    1 
ATOM   52   N  N4    . C   A 1 2  ? 11.126  3.735   7.454   1.00 44.81  ? 2   C   A N4    1 
ATOM   53   C  C5    . C   A 1 2  ? 13.163  3.005   6.418   1.00 44.78  ? 2   C   A C5    1 
ATOM   54   C  C6    . C   A 1 2  ? 13.973  1.965   6.159   1.00 43.10  ? 2   C   A C6    1 
ATOM   55   P  P     . C   A 1 3  ? 13.790  -1.530  1.696   1.00 51.00  ? 3   C   A P     1 
ATOM   56   O  OP1   . C   A 1 3  ? 14.257  -2.364  0.566   1.00 53.25  ? 3   C   A OP1   1 
ATOM   57   O  OP2   . C   A 1 3  ? 13.532  -0.086  1.484   1.00 56.36  ? 3   C   A OP2   1 
ATOM   58   O  "O5'" . C   A 1 3  ? 12.455  -2.169  2.272   1.00 52.20  ? 3   C   A "O5'" 1 
ATOM   59   C  "C5'" . C   A 1 3  ? 12.419  -3.531  2.638   1.00 44.51  ? 3   C   A "C5'" 1 
ATOM   60   C  "C4'" . C   A 1 3  ? 11.076  -3.883  3.218   1.00 45.15  ? 3   C   A "C4'" 1 
ATOM   61   O  "O4'" . C   A 1 3  ? 10.891  -3.174  4.469   1.00 46.59  ? 3   C   A "O4'" 1 
ATOM   62   C  "C3'" . C   A 1 3  ? 9.890   -3.454  2.381   1.00 43.56  ? 3   C   A "C3'" 1 
ATOM   63   O  "O3'" . C   A 1 3  ? 9.612   -4.418  1.386   1.00 46.05  ? 3   C   A "O3'" 1 
ATOM   64   C  "C2'" . C   A 1 3  ? 8.779   -3.390  3.414   1.00 44.05  ? 3   C   A "C2'" 1 
ATOM   65   O  "O2'" . C   A 1 3  ? 8.309   -4.679  3.731   1.00 50.98  ? 3   C   A "O2'" 1 
ATOM   66   C  "C1'" . C   A 1 3  ? 9.523   -2.834  4.623   1.00 44.68  ? 3   C   A "C1'" 1 
ATOM   67   N  N1    . C   A 1 3  ? 9.410   -1.375  4.762   1.00 46.29  ? 3   C   A N1    1 
ATOM   68   C  C2    . C   A 1 3  ? 8.254   -0.852  5.334   1.00 45.81  ? 3   C   A C2    1 
ATOM   69   O  O2    . C   A 1 3  ? 7.353   -1.628  5.661   1.00 46.69  ? 3   C   A O2    1 
ATOM   70   N  N3    . C   A 1 3  ? 8.143   0.481   5.511   1.00 44.52  ? 3   C   A N3    1 
ATOM   71   C  C4    . C   A 1 3  ? 9.132   1.283   5.126   1.00 44.36  ? 3   C   A C4    1 
ATOM   72   N  N4    . C   A 1 3  ? 8.980   2.590   5.319   1.00 44.56  ? 3   C   A N4    1 
ATOM   73   C  C5    . C   A 1 3  ? 10.321  0.778   4.520   1.00 44.20  ? 3   C   A C5    1 
ATOM   74   C  C6    . C   A 1 3  ? 10.416  -0.544  4.356   1.00 43.49  ? 3   C   A C6    1 
ATOM   75   P  P     . C   A 1 4  ? 9.052   -3.938  -0.030  1.00 53.32  ? 4   C   A P     1 
ATOM   76   O  OP1   . C   A 1 4  ? 8.959   -5.105  -0.942  1.00 54.68  ? 4   C   A OP1   1 
ATOM   77   O  OP2   . C   A 1 4  ? 9.867   -2.758  -0.420  1.00 49.00  ? 4   C   A OP2   1 
ATOM   78   O  "O5'" . C   A 1 4  ? 7.572   -3.453  0.305   1.00 52.29  ? 4   C   A "O5'" 1 
ATOM   79   C  "C5'" . C   A 1 4  ? 6.649   -4.338  0.916   1.00 48.80  ? 4   C   A "C5'" 1 
ATOM   80   C  "C4'" . C   A 1 4  ? 5.363   -3.621  1.227   1.00 52.87  ? 4   C   A "C4'" 1 
ATOM   81   O  "O4'" . C   A 1 4  ? 5.580   -2.655  2.287   1.00 53.68  ? 4   C   A "O4'" 1 
ATOM   82   C  "C3'" . C   A 1 4  ? 4.833   -2.784  0.079   1.00 52.93  ? 4   C   A "C3'" 1 
ATOM   83   O  "O3'" . C   A 1 4  ? 4.082   -3.620  -0.800  1.00 58.23  ? 4   C   A "O3'" 1 
ATOM   84   C  "C2'" . C   A 1 4  ? 3.958   -1.757  0.793   1.00 51.03  ? 4   C   A "C2'" 1 
ATOM   85   O  "O2'" . C   A 1 4  ? 2.675   -2.232  1.130   1.00 50.93  ? 4   C   A "O2'" 1 
ATOM   86   C  "C1'" . C   A 1 4  ? 4.732   -1.537  2.090   1.00 50.65  ? 4   C   A "C1'" 1 
ATOM   87   N  N1    . C   A 1 4  ? 5.518   -0.301  2.169   1.00 52.19  ? 4   C   A N1    1 
ATOM   88   C  C2    . C   A 1 4  ? 4.929   0.806   2.759   1.00 52.15  ? 4   C   A C2    1 
ATOM   89   O  O2    . C   A 1 4  ? 3.776   0.704   3.178   1.00 55.03  ? 4   C   A O2    1 
ATOM   90   N  N3    . C   A 1 4  ? 5.625   1.955   2.863   1.00 52.10  ? 4   C   A N3    1 
ATOM   91   C  C4    . C   A 1 4  ? 6.872   2.018   2.398   1.00 53.73  ? 4   C   A C4    1 
ATOM   92   N  N4    . C   A 1 4  ? 7.533   3.169   2.534   1.00 54.51  ? 4   C   A N4    1 
ATOM   93   C  C5    . C   A 1 4  ? 7.500   0.903   1.780   1.00 51.72  ? 4   C   A C5    1 
ATOM   94   C  C6    . C   A 1 4  ? 6.792   -0.230  1.687   1.00 52.21  ? 4   C   A C6    1 
ATOM   95   P  P     . A   A 1 5  ? 4.106   -3.334  -2.379  1.00 58.75  ? 5   A   A P     1 
ATOM   96   O  OP1   . A   A 1 5  ? 3.083   -4.197  -3.013  1.00 59.59  ? 5   A   A OP1   1 
ATOM   97   O  OP2   . A   A 1 5  ? 5.515   -3.402  -2.837  1.00 59.49  ? 5   A   A OP2   1 
ATOM   98   O  "O5'" . A   A 1 5  ? 3.637   -1.822  -2.442  1.00 61.76  ? 5   A   A "O5'" 1 
ATOM   99   C  "C5'" . A   A 1 5  ? 2.480   -1.702  -2.592  1.00 62.47  ? 5   A   A "C5'" 1 
ATOM   100  C  "C4'" . A   A 1 5  ? 2.138   -0.571  -2.851  1.00 61.27  ? 5   A   A "C4'" 1 
ATOM   101  O  "O4'" . A   A 1 5  ? 2.540   0.149   -1.669  1.00 65.56  ? 5   A   A "O4'" 1 
ATOM   102  C  "C3'" . A   A 1 5  ? 2.766   0.264   -4.005  1.00 60.13  ? 5   A   A "C3'" 1 
ATOM   103  C  "C2'" . A   A 1 5  ? 2.588   1.720   -3.476  1.00 63.96  ? 5   A   A "C2'" 1 
ATOM   104  O  "O2'" . A   A 1 5  ? 1.686   2.799   -3.403  1.00 68.65  ? 5   A   A "O2'" 1 
ATOM   105  C  "C1'" . A   A 1 5  ? 2.917   1.462   -2.005  1.00 62.63  ? 5   A   A "C1'" 1 
ATOM   106  N  N9    . A   A 1 5  ? 4.221   1.648   -1.835  1.00 62.43  ? 5   A   A N9    1 
ATOM   107  C  C8    . A   A 1 5  ? 5.139   0.642   -2.011  1.00 62.05  ? 5   A   A C8    1 
ATOM   108  N  N7    . A   A 1 5  ? 6.378   1.013   -1.813  1.00 61.22  ? 5   A   A N7    1 
ATOM   109  C  C5    . A   A 1 5  ? 6.277   2.356   -1.489  1.00 60.15  ? 5   A   A C5    1 
ATOM   110  C  C6    . A   A 1 5  ? 7.249   3.324   -1.178  1.00 60.10  ? 5   A   A C6    1 
ATOM   111  N  N6    . A   A 1 5  ? 8.554   3.074   -1.139  1.00 60.47  ? 5   A   A N6    1 
ATOM   112  N  N1    . A   A 1 5  ? 6.826   4.575   -0.912  1.00 61.07  ? 5   A   A N1    1 
ATOM   113  C  C2    . A   A 1 5  ? 5.514   4.823   -0.964  1.00 60.88  ? 5   A   A C2    1 
ATOM   114  N  N3    . A   A 1 5  ? 4.502   3.995   -1.249  1.00 61.01  ? 5   A   A N3    1 
ATOM   115  C  C4    . A   A 1 5  ? 4.957   2.761   -1.504  1.00 59.53  ? 5   A   A C4    1 
ATOM   116  P  P     . G   A 1 6  ? 1.387   3.884   -4.550  1.00 74.48  ? 6   G   A P     1 
ATOM   117  O  OP1   . G   A 1 6  ? 1.612   5.153   -3.824  1.00 70.58  ? 6   G   A OP1   1 
ATOM   118  O  OP2   . G   A 1 6  ? 2.114   3.626   -5.813  1.00 82.04  ? 6   G   A OP2   1 
ATOM   119  O  "O5'" . G   A 1 6  ? -0.207  3.835   -4.778  1.00 68.14  ? 6   G   A "O5'" 1 
ATOM   120  C  "C5'" . G   A 1 6  ? -0.789  2.850   -5.643  1.00 67.05  ? 6   G   A "C5'" 1 
ATOM   121  C  "C4'" . G   A 1 6  ? -2.092  3.313   -6.332  1.00 62.43  ? 6   G   A "C4'" 1 
ATOM   122  O  "O4'" . G   A 1 6  ? -3.270  2.757   -5.673  1.00 59.93  ? 6   G   A "O4'" 1 
ATOM   123  C  "C3'" . G   A 1 6  ? -2.350  4.821   -6.414  1.00 60.46  ? 6   G   A "C3'" 1 
ATOM   124  O  "O3'" . G   A 1 6  ? -2.829  5.187   -7.704  1.00 60.97  ? 6   G   A "O3'" 1 
ATOM   125  C  "C2'" . G   A 1 6  ? -3.356  5.136   -5.302  1.00 61.48  ? 6   G   A "C2'" 1 
ATOM   126  O  "O2'" . G   A 1 6  ? -4.367  6.022   -5.738  1.00 62.88  ? 6   G   A "O2'" 1 
ATOM   127  C  "C1'" . G   A 1 6  ? -4.059  3.796   -5.157  1.00 56.12  ? 6   G   A "C1'" 1 
ATOM   128  N  N9    . G   A 1 6  ? -4.809  3.394   -3.967  1.00 55.87  ? 6   G   A N9    1 
ATOM   129  C  C8    . G   A 1 6  ? -5.904  2.557   -3.940  1.00 52.65  ? 6   G   A C8    1 
ATOM   130  N  N7    . G   A 1 6  ? -6.425  2.432   -2.751  1.00 50.70  ? 6   G   A N7    1 
ATOM   131  C  C5    . G   A 1 6  ? -5.618  3.217   -1.938  1.00 49.04  ? 6   G   A C5    1 
ATOM   132  C  C6    . G   A 1 6  ? -5.696  3.479   -0.556  1.00 48.70  ? 6   G   A C6    1 
ATOM   133  O  O6    . G   A 1 6  ? -6.528  3.061   0.261   1.00 46.67  ? 6   G   A O6    1 
ATOM   134  N  N1    . G   A 1 6  ? -4.678  4.331   -0.139  1.00 48.04  ? 6   G   A N1    1 
ATOM   135  C  C2    . G   A 1 6  ? -3.713  4.867   -0.956  1.00 49.30  ? 6   G   A C2    1 
ATOM   136  N  N2    . G   A 1 6  ? -2.816  5.676   -0.378  1.00 49.01  ? 6   G   A N2    1 
ATOM   137  N  N3    . G   A 1 6  ? -3.633  4.634   -2.249  1.00 49.40  ? 6   G   A N3    1 
ATOM   138  C  C4    . G   A 1 6  ? -4.608  3.807   -2.672  1.00 52.20  ? 6   G   A C4    1 
ATOM   139  P  P     . U   A 1 7  ? -2.003  6.191   -8.632  1.00 63.98  ? 7   U   A P     1 
ATOM   140  O  OP1   . U   A 1 7  ? -2.824  6.324   -9.853  1.00 61.42  ? 7   U   A OP1   1 
ATOM   141  O  OP2   . U   A 1 7  ? -0.596  5.737   -8.732  1.00 64.85  ? 7   U   A OP2   1 
ATOM   142  O  "O5'" . U   A 1 7  ? -2.072  7.593   -7.892  1.00 62.59  ? 7   U   A "O5'" 1 
ATOM   143  C  "C5'" . U   A 1 7  ? -3.205  8.421   -8.061  1.00 65.18  ? 7   U   A "C5'" 1 
ATOM   144  C  "C4'" . U   A 1 7  ? -2.928  9.806   -7.543  1.00 67.29  ? 7   U   A "C4'" 1 
ATOM   145  O  "O4'" . U   A 1 7  ? -2.461  9.719   -6.172  1.00 67.20  ? 7   U   A "O4'" 1 
ATOM   146  C  "C3'" . U   A 1 7  ? -1.817  10.569  -8.233  1.00 69.72  ? 7   U   A "C3'" 1 
ATOM   147  O  "O3'" . U   A 1 7  ? -2.266  11.165  -9.440  1.00 72.78  ? 7   U   A "O3'" 1 
ATOM   148  C  "C2'" . U   A 1 7  ? -1.483  11.619  -7.186  1.00 71.08  ? 7   U   A "C2'" 1 
ATOM   149  O  "O2'" . U   A 1 7  ? -2.416  12.681  -7.152  1.00 76.12  ? 7   U   A "O2'" 1 
ATOM   150  C  "C1'" . U   A 1 7  ? -1.589  10.800  -5.902  1.00 69.14  ? 7   U   A "C1'" 1 
ATOM   151  N  N1    . U   A 1 7  ? -0.281  10.262  -5.517  1.00 70.28  ? 7   U   A N1    1 
ATOM   152  C  C2    . U   A 1 7  ? 0.600   11.133  -4.930  1.00 71.63  ? 7   U   A C2    1 
ATOM   153  O  O2    . U   A 1 7  ? 0.318   12.295  -4.697  1.00 74.42  ? 7   U   A O2    1 
ATOM   154  N  N3    . U   A 1 7  ? 1.823   10.600  -4.624  1.00 72.08  ? 7   U   A N3    1 
ATOM   155  C  C4    . U   A 1 7  ? 2.238   9.310   -4.839  1.00 72.62  ? 7   U   A C4    1 
ATOM   156  O  O4    . U   A 1 7  ? 3.389   8.995   -4.548  1.00 75.94  ? 7   U   A O4    1 
ATOM   157  C  C5    . U   A 1 7  ? 1.259   8.458   -5.438  1.00 70.88  ? 7   U   A C5    1 
ATOM   158  C  C6    . U   A 1 7  ? 0.060   8.954   -5.748  1.00 70.96  ? 7   U   A C6    1 
ATOM   159  P  P     . C   A 1 8  ? -1.249  11.307  -10.676 1.00 74.50  ? 8   C   A P     1 
ATOM   160  O  OP1   . C   A 1 8  ? -1.910  12.184  -11.674 1.00 75.04  ? 8   C   A OP1   1 
ATOM   161  O  OP2   . C   A 1 8  ? -0.802  9.946   -11.072 1.00 68.62  ? 8   C   A OP2   1 
ATOM   162  O  "O5'" . C   A 1 8  ? -0.019  12.111  -10.064 1.00 71.00  ? 8   C   A "O5'" 1 
ATOM   163  C  "C5'" . C   A 1 8  ? -0.170  13.465  -9.658  1.00 73.12  ? 8   C   A "C5'" 1 
ATOM   164  C  "C4'" . C   A 1 8  ? 1.149   14.013  -9.171  1.00 80.08  ? 8   C   A "C4'" 1 
ATOM   165  O  "O4'" . C   A 1 8  ? 1.507   13.385  -7.910  1.00 80.67  ? 8   C   A "O4'" 1 
ATOM   166  C  "C3'" . C   A 1 8  ? 2.342   13.730  -10.068 1.00 83.34  ? 8   C   A "C3'" 1 
ATOM   167  O  "O3'" . C   A 1 8  ? 2.425   14.647  -11.150 1.00 89.26  ? 8   C   A "O3'" 1 
ATOM   168  C  "C2'" . C   A 1 8  ? 3.493   13.879  -9.087  1.00 80.52  ? 8   C   A "C2'" 1 
ATOM   169  O  "O2'" . C   A 1 8  ? 3.739   15.230  -8.773  1.00 81.56  ? 8   C   A "O2'" 1 
ATOM   170  C  "C1'" . C   A 1 8  ? 2.913   13.186  -7.858  1.00 78.58  ? 8   C   A "C1'" 1 
ATOM   171  N  N1    . C   A 1 8  ? 3.169   11.738  -7.871  1.00 77.05  ? 8   C   A N1    1 
ATOM   172  C  C2    . C   A 1 8  ? 4.354   11.254  -7.304  1.00 77.09  ? 8   C   A C2    1 
ATOM   173  O  O2    . C   A 1 8  ? 5.154   12.063  -6.807  1.00 77.58  ? 8   C   A O2    1 
ATOM   174  N  N3    . C   A 1 8  ? 4.597   9.921   -7.314  1.00 76.16  ? 8   C   A N3    1 
ATOM   175  C  C4    . C   A 1 8  ? 3.711   9.085   -7.862  1.00 74.75  ? 8   C   A C4    1 
ATOM   176  N  N4    . C   A 1 8  ? 3.988   7.780   -7.849  1.00 72.74  ? 8   C   A N4    1 
ATOM   177  C  C5    . C   A 1 8  ? 2.498   9.553   -8.448  1.00 75.21  ? 8   C   A C5    1 
ATOM   178  C  C6    . C   A 1 8  ? 2.270   10.873  -8.431  1.00 75.23  ? 8   C   A C6    1 
ATOM   179  P  P     . C   A 1 9  ? 2.976   14.140  -12.573 1.00 94.41  ? 9   C   A P     1 
ATOM   180  O  OP1   . C   A 1 9  ? 2.810   15.259  -13.533 1.00 94.82  ? 9   C   A OP1   1 
ATOM   181  O  OP2   . C   A 1 9  ? 2.363   12.820  -12.877 1.00 90.06  ? 9   C   A OP2   1 
ATOM   182  O  "O5'" . C   A 1 9  ? 4.533   13.934  -12.308 1.00 94.12  ? 9   C   A "O5'" 1 
ATOM   183  C  "C5'" . C   A 1 9  ? 5.334   14.999  -11.798 1.00 96.50  ? 9   C   A "C5'" 1 
ATOM   184  C  "C4'" . C   A 1 9  ? 6.764   14.539  -11.608 1.00 100.82 ? 9   C   A "C4'" 1 
ATOM   185  O  "O4'" . C   A 1 9  ? 6.840   13.595  -10.504 1.00 99.80  ? 9   C   A "O4'" 1 
ATOM   186  C  "C3'" . C   A 1 9  ? 7.375   13.791  -12.784 1.00 102.83 ? 9   C   A "C3'" 1 
ATOM   187  O  "O3'" . C   A 1 9  ? 7.877   14.681  -13.777 1.00 104.06 ? 9   C   A "O3'" 1 
ATOM   188  C  "C2'" . C   A 1 9  ? 8.483   12.994  -12.110 1.00 101.95 ? 9   C   A "C2'" 1 
ATOM   189  O  "O2'" . C   A 1 9  ? 9.634   13.771  -11.851 1.00 103.72 ? 9   C   A "O2'" 1 
ATOM   190  C  "C1'" . C   A 1 9  ? 7.809   12.599  -10.794 1.00 99.44  ? 9   C   A "C1'" 1 
ATOM   191  N  N1    . C   A 1 9  ? 7.121   11.304  -10.893 1.00 98.29  ? 9   C   A N1    1 
ATOM   192  C  C2    . C   A 1 9  ? 7.841   10.144  -10.626 1.00 98.20  ? 9   C   A C2    1 
ATOM   193  O  O2    . C   A 1 9  ? 9.037   10.245  -10.322 1.00 99.26  ? 9   C   A O2    1 
ATOM   194  N  N3    . C   A 1 9  ? 7.221   8.943   -10.708 1.00 96.57  ? 9   C   A N3    1 
ATOM   195  C  C4    . C   A 1 9  ? 5.932   8.882   -11.047 1.00 95.26  ? 9   C   A C4    1 
ATOM   196  N  N4    . C   A 1 9  ? 5.355   7.680   -11.115 1.00 92.77  ? 9   C   A N4    1 
ATOM   197  C  C5    . C   A 1 9  ? 5.175   10.053  -11.331 1.00 96.38  ? 9   C   A C5    1 
ATOM   198  C  C6    . C   A 1 9  ? 5.802   11.232  -11.241 1.00 97.38  ? 9   C   A C6    1 
ATOM   199  P  P     . A   A 1 10 ? 7.956   14.200  -15.310 1.00 104.60 ? 10  A   A P     1 
ATOM   200  O  OP1   . A   A 1 10 ? 8.267   15.407  -16.111 1.00 105.79 ? 10  A   A OP1   1 
ATOM   201  O  OP2   . A   A 1 10 ? 6.760   13.388  -15.649 1.00 103.47 ? 10  A   A OP2   1 
ATOM   202  O  "O5'" . A   A 1 10 ? 9.223   13.239  -15.331 1.00 104.81 ? 10  A   A "O5'" 1 
ATOM   203  C  "C5'" . A   A 1 10 ? 10.518  13.740  -15.022 1.00 106.79 ? 10  A   A "C5'" 1 
ATOM   204  C  "C4'" . A   A 1 10 ? 11.534  12.624  -15.050 1.00 108.73 ? 10  A   A "C4'" 1 
ATOM   205  O  "O4'" . A   A 1 10 ? 11.329  11.739  -13.917 1.00 106.65 ? 10  A   A "O4'" 1 
ATOM   206  C  "C3'" . A   A 1 10 ? 11.458  11.702  -16.256 1.00 111.42 ? 10  A   A "C3'" 1 
ATOM   207  O  "O3'" . A   A 1 10 ? 12.124  12.241  -17.391 1.00 114.66 ? 10  A   A "O3'" 1 
ATOM   208  C  "C2'" . A   A 1 10 ? 12.144  10.449  -15.733 1.00 110.06 ? 10  A   A "C2'" 1 
ATOM   209  O  "O2'" . A   A 1 10 ? 13.555  10.561  -15.724 1.00 111.50 ? 10  A   A "O2'" 1 
ATOM   210  C  "C1'" . A   A 1 10 ? 11.607  10.401  -14.301 1.00 106.33 ? 10  A   A "C1'" 1 
ATOM   211  N  N9    . A   A 1 10 ? 10.363  9.639   -14.218 1.00 103.66 ? 10  A   A N9    1 
ATOM   212  C  C8    . A   A 1 10 ? 9.080   10.123  -14.157 1.00 103.52 ? 10  A   A C8    1 
ATOM   213  N  N7    . A   A 1 10 ? 8.164   9.187   -14.095 1.00 102.68 ? 10  A   A N7    1 
ATOM   214  C  C5    . A   A 1 10 ? 8.894   8.006   -14.115 1.00 101.40 ? 10  A   A C5    1 
ATOM   215  C  C6    . A   A 1 10 ? 8.508   6.654   -14.072 1.00 100.09 ? 10  A   A C6    1 
ATOM   216  N  N6    . A   A 1 10 ? 7.240   6.249   -13.997 1.00 98.35  ? 10  A   A N6    1 
ATOM   217  N  N1    . A   A 1 10 ? 9.482   5.721   -14.108 1.00 100.43 ? 10  A   A N1    1 
ATOM   218  C  C2    . A   A 1 10 ? 10.756  6.129   -14.184 1.00 101.97 ? 10  A   A C2    1 
ATOM   219  N  N3    . A   A 1 10 ? 11.245  7.369   -14.231 1.00 102.78 ? 10  A   A N3    1 
ATOM   220  C  C4    . A   A 1 10 ? 10.249  8.271   -14.192 1.00 102.52 ? 10  A   A C4    1 
ATOM   221  P  P     . C   A 1 11 ? 11.630  11.831  -18.864 1.00 117.62 ? 11  C   A P     1 
ATOM   222  O  OP1   . C   A 1 11 ? 12.377  12.667  -19.834 1.00 118.92 ? 11  C   A OP1   1 
ATOM   223  O  OP2   . C   A 1 11 ? 10.145  11.855  -18.867 1.00 116.37 ? 11  C   A OP2   1 
ATOM   224  O  "O5'" . C   A 1 11 ? 12.104  10.317  -19.022 1.00 116.20 ? 11  C   A "O5'" 1 
ATOM   225  C  "C5'" . C   A 1 11 ? 13.488  9.982   -18.980 1.00 116.31 ? 11  C   A "C5'" 1 
ATOM   226  C  "C4'" . C   A 1 11 ? 13.674  8.483   -18.964 1.00 117.64 ? 11  C   A "C4'" 1 
ATOM   227  O  "O4'" . C   A 1 11 ? 13.118  7.934   -17.738 1.00 117.16 ? 11  C   A "O4'" 1 
ATOM   228  C  "C3'" . C   A 1 11 ? 12.957  7.697   -20.050 1.00 118.75 ? 11  C   A "C3'" 1 
ATOM   229  O  "O3'" . C   A 1 11 ? 13.665  7.686   -21.279 1.00 121.19 ? 11  C   A "O3'" 1 
ATOM   230  C  "C2'" . C   A 1 11 ? 12.924  6.300   -19.449 1.00 117.88 ? 11  C   A "C2'" 1 
ATOM   231  O  "O2'" . C   A 1 11 ? 14.154  5.623   -19.588 1.00 116.93 ? 11  C   A "O2'" 1 
ATOM   232  C  "C1'" . C   A 1 11 ? 12.640  6.617   -17.982 1.00 116.15 ? 11  C   A "C1'" 1 
ATOM   233  N  N1    . C   A 1 11 ? 11.194  6.587   -17.733 1.00 114.60 ? 11  C   A N1    1 
ATOM   234  C  C2    . C   A 1 11 ? 10.571  5.348   -17.586 1.00 113.00 ? 11  C   A C2    1 
ATOM   235  O  O2    . C   A 1 11 ? 11.269  4.325   -17.621 1.00 111.32 ? 11  C   A O2    1 
ATOM   236  N  N3    . C   A 1 11 ? 9.232   5.295   -17.409 1.00 112.41 ? 11  C   A N3    1 
ATOM   237  C  C4    . C   A 1 11 ? 8.522   6.425   -17.370 1.00 113.15 ? 11  C   A C4    1 
ATOM   238  N  N4    . C   A 1 11 ? 7.202   6.328   -17.213 1.00 113.36 ? 11  C   A N4    1 
ATOM   239  C  C5    . C   A 1 11 ? 9.134   7.706   -17.493 1.00 113.42 ? 11  C   A C5    1 
ATOM   240  C  C6    . C   A 1 11 ? 10.461  7.741   -17.670 1.00 114.57 ? 11  C   A C6    1 
ATOM   241  P  P     . C   A 1 12 ? 12.848  7.564   -22.657 1.00 123.34 ? 12  C   A P     1 
ATOM   242  O  OP1   . C   A 1 12 ? 13.811  7.747   -23.773 1.00 123.73 ? 12  C   A OP1   1 
ATOM   243  O  OP2   . C   A 1 12 ? 11.678  8.475   -22.541 1.00 122.39 ? 12  C   A OP2   1 
ATOM   244  O  "O5'" . C   A 1 12 ? 12.333  6.054   -22.684 1.00 118.32 ? 12  C   A "O5'" 1 
ATOM   245  C  "C5'" . C   A 1 12 ? 13.246  4.988   -22.919 1.00 115.11 ? 12  C   A "C5'" 1 
ATOM   246  C  "C4'" . C   A 1 12 ? 12.588  3.649   -22.679 1.00 114.45 ? 12  C   A "C4'" 1 
ATOM   247  O  "O4'" . C   A 1 12 ? 11.953  3.660   -21.374 1.00 113.91 ? 12  C   A "O4'" 1 
ATOM   248  C  "C3'" . C   A 1 12 ? 11.445  3.248   -23.597 1.00 115.68 ? 12  C   A "C3'" 1 
ATOM   249  O  "O3'" . C   A 1 12 ? 11.907  2.727   -24.833 1.00 119.01 ? 12  C   A "O3'" 1 
ATOM   250  C  "C2'" . C   A 1 12 ? 10.770  2.158   -22.777 1.00 113.97 ? 12  C   A "C2'" 1 
ATOM   251  O  "O2'" . C   A 1 12 ? 11.464  0.925   -22.812 1.00 113.77 ? 12  C   A "O2'" 1 
ATOM   252  C  "C1'" . C   A 1 12 ? 10.857  2.755   -21.374 1.00 112.26 ? 12  C   A "C1'" 1 
ATOM   253  N  N1    . C   A 1 12 ? 9.630   3.488   -21.026 1.00 109.54 ? 12  C   A N1    1 
ATOM   254  C  C2    . C   A 1 12 ? 8.469   2.753   -20.750 1.00 108.04 ? 12  C   A C2    1 
ATOM   255  O  O2    . C   A 1 12 ? 8.518   1.514   -20.801 1.00 105.64 ? 12  C   A O2    1 
ATOM   256  N  N3    . C   A 1 12 ? 7.329   3.409   -20.436 1.00 106.54 ? 12  C   A N3    1 
ATOM   257  C  C4    . C   A 1 12 ? 7.320   4.744   -20.391 1.00 106.62 ? 12  C   A C4    1 
ATOM   258  N  N4    . C   A 1 12 ? 6.176   5.350   -20.074 1.00 106.00 ? 12  C   A N4    1 
ATOM   259  C  C5    . C   A 1 12 ? 8.484   5.517   -20.668 1.00 107.45 ? 12  C   A C5    1 
ATOM   260  C  C6    . C   A 1 12 ? 9.608   4.854   -20.978 1.00 109.08 ? 12  C   A C6    1 
ATOM   261  P  P     . G   A 1 13 ? 11.068  3.005   -26.178 1.00 121.45 ? 13  G   A P     1 
ATOM   262  O  OP1   . G   A 1 13 ? 11.972  2.757   -27.331 1.00 122.51 ? 13  G   A OP1   1 
ATOM   263  O  OP2   . G   A 1 13 ? 10.404  4.330   -26.033 1.00 119.44 ? 13  G   A OP2   1 
ATOM   264  O  "O5'" . G   A 1 13 ? 9.927   1.892   -26.182 1.00 116.52 ? 13  G   A "O5'" 1 
ATOM   265  C  "C5'" . G   A 1 13 ? 10.241  0.512   -26.346 1.00 111.14 ? 13  G   A "C5'" 1 
ATOM   266  C  "C4'" . G   A 1 13 ? 9.035   -0.328  -26.013 1.00 109.51 ? 13  G   A "C4'" 1 
ATOM   267  O  "O4'" . G   A 1 13 ? 8.617   -0.013  -24.659 1.00 108.96 ? 13  G   A "O4'" 1 
ATOM   268  C  "C3'" . G   A 1 13 ? 7.795   -0.042  -26.843 1.00 109.14 ? 13  G   A "C3'" 1 
ATOM   269  O  "O3'" . G   A 1 13 ? 7.844   -0.653  -28.134 1.00 109.33 ? 13  G   A "O3'" 1 
ATOM   270  C  "C2'" . G   A 1 13 ? 6.671   -0.522  -25.931 1.00 108.35 ? 13  G   A "C2'" 1 
ATOM   271  O  "O2'" . G   A 1 13 ? 6.483   -1.923  -25.945 1.00 108.56 ? 13  G   A "O2'" 1 
ATOM   272  C  "C1'" . G   A 1 13 ? 7.202   -0.100  -24.560 1.00 104.78 ? 13  G   A "C1'" 1 
ATOM   273  N  N9    . G   A 1 13 ? 6.686   1.190   -24.109 1.00 100.16 ? 13  G   A N9    1 
ATOM   274  C  C8    . G   A 1 13 ? 7.336   2.403   -24.118 1.00 99.33  ? 13  G   A C8    1 
ATOM   275  N  N7    . G   A 1 13 ? 6.609   3.379   -23.642 1.00 96.58  ? 13  G   A N7    1 
ATOM   276  C  C5    . G   A 1 13 ? 5.406   2.774   -23.299 1.00 95.66  ? 13  G   A C5    1 
ATOM   277  C  C6    . G   A 1 13 ? 4.220   3.325   -22.733 1.00 93.75  ? 13  G   A C6    1 
ATOM   278  O  O6    . G   A 1 13 ? 3.992   4.497   -22.404 1.00 91.41  ? 13  G   A O6    1 
ATOM   279  N  N1    . G   A 1 13 ? 3.239   2.355   -22.561 1.00 91.93  ? 13  G   A N1    1 
ATOM   280  C  C2    . G   A 1 13 ? 3.375   1.028   -22.887 1.00 93.40  ? 13  G   A C2    1 
ATOM   281  N  N2    . G   A 1 13 ? 2.312   0.250   -22.652 1.00 92.10  ? 13  G   A N2    1 
ATOM   282  N  N3    . G   A 1 13 ? 4.471   0.500   -23.407 1.00 94.77  ? 13  G   A N3    1 
ATOM   283  C  C4    . G   A 1 13 ? 5.438   1.424   -23.585 1.00 97.01  ? 13  G   A C4    1 
ATOM   284  O  "O5'" . C   B 2 1  ? -4.533  2.808   -18.240 1.00 106.82 ? 2   C   B "O5'" 1 
ATOM   285  C  "C5'" . C   B 2 1  ? -5.243  1.650   -18.684 1.00 107.79 ? 2   C   B "C5'" 1 
ATOM   286  C  "C4'" . C   B 2 1  ? -4.321  0.671   -19.370 1.00 109.71 ? 2   C   B "C4'" 1 
ATOM   287  O  "O4'" . C   B 2 1  ? -3.829  1.251   -20.610 1.00 109.83 ? 2   C   B "O4'" 1 
ATOM   288  C  "C3'" . C   B 2 1  ? -3.055  0.332   -18.604 1.00 111.16 ? 2   C   B "C3'" 1 
ATOM   289  O  "O3'" . C   B 2 1  ? -3.286  -0.664  -17.618 1.00 112.89 ? 2   C   B "O3'" 1 
ATOM   290  C  "C2'" . C   B 2 1  ? -2.129  -0.141  -19.718 1.00 110.23 ? 2   C   B "C2'" 1 
ATOM   291  O  "O2'" . C   B 2 1  ? -2.388  -1.465  -20.144 1.00 109.57 ? 2   C   B "O2'" 1 
ATOM   292  C  "C1'" . C   B 2 1  ? -2.484  0.847   -20.829 1.00 107.56 ? 2   C   B "C1'" 1 
ATOM   293  N  N1    . C   B 2 1  ? -1.632  2.046   -20.801 1.00 105.32 ? 2   C   B N1    1 
ATOM   294  C  C2    . C   B 2 1  ? -0.376  1.992   -21.412 1.00 104.11 ? 2   C   B C2    1 
ATOM   295  O  O2    . C   B 2 1  ? -0.025  0.937   -21.960 1.00 102.12 ? 2   C   B O2    1 
ATOM   296  N  N3    . C   B 2 1  ? 0.421   3.086   -21.388 1.00 103.85 ? 2   C   B N3    1 
ATOM   297  C  C4    . C   B 2 1  ? 0.002   4.202   -20.783 1.00 104.34 ? 2   C   B C4    1 
ATOM   298  N  N4    . C   B 2 1  ? 0.820   5.259   -20.784 1.00 103.94 ? 2   C   B N4    1 
ATOM   299  C  C5    . C   B 2 1  ? -1.273  4.285   -20.152 1.00 103.94 ? 2   C   B C5    1 
ATOM   300  C  C6    . C   B 2 1  ? -2.051  3.194   -20.185 1.00 104.56 ? 2   C   B C6    1 
ATOM   301  P  P     . G   B 2 2  ? -2.290  -0.781  -16.362 1.00 114.03 ? 3   G   B P     1 
ATOM   302  O  OP1   . G   B 2 2  ? -2.904  -1.745  -15.411 1.00 112.87 ? 3   G   B OP1   1 
ATOM   303  O  OP2   . G   B 2 2  ? -1.944  0.592   -15.898 1.00 109.09 ? 3   G   B OP2   1 
ATOM   304  O  "O5'" . G   B 2 2  ? -0.989  -1.457  -16.987 1.00 110.10 ? 3   G   B "O5'" 1 
ATOM   305  C  "C5'" . G   B 2 2  ? -1.070  -2.730  -17.622 1.00 106.15 ? 3   G   B "C5'" 1 
ATOM   306  C  "C4'" . G   B 2 2  ? 0.237   -3.069  -18.293 1.00 105.14 ? 3   G   B "C4'" 1 
ATOM   307  O  "O4'" . G   B 2 2  ? 0.479   -2.149  -19.392 1.00 101.33 ? 3   G   B "O4'" 1 
ATOM   308  C  "C3'" . G   B 2 2  ? 1.483   -2.913  -17.437 1.00 106.56 ? 3   G   B "C3'" 1 
ATOM   309  O  "O3'" . G   B 2 2  ? 1.687   -3.997  -16.538 1.00 110.15 ? 3   G   B "O3'" 1 
ATOM   310  C  "C2'" . G   B 2 2  ? 2.575   -2.818  -18.495 1.00 103.31 ? 3   G   B "C2'" 1 
ATOM   311  O  "O2'" . G   B 2 2  ? 2.961   -4.064  -19.045 1.00 102.19 ? 3   G   B "O2'" 1 
ATOM   312  C  "C1'" . G   B 2 2  ? 1.880   -1.961  -19.553 1.00 97.93  ? 3   G   B "C1'" 1 
ATOM   313  N  N9    . G   B 2 2  ? 2.191   -0.553  -19.351 1.00 92.80  ? 3   G   B N9    1 
ATOM   314  C  C8    . G   B 2 2  ? 1.358   0.432   -18.877 1.00 91.21  ? 3   G   B C8    1 
ATOM   315  N  N7    . G   B 2 2  ? 1.939   1.598   -18.797 1.00 90.23  ? 3   G   B N7    1 
ATOM   316  C  C5    . G   B 2 2  ? 3.233   1.368   -19.245 1.00 90.33  ? 3   G   B C5    1 
ATOM   317  C  C6    . G   B 2 2  ? 4.332   2.260   -19.387 1.00 90.20  ? 3   G   B C6    1 
ATOM   318  O  O6    . G   B 2 2  ? 4.384   3.468   -19.126 1.00 90.16  ? 3   G   B O6    1 
ATOM   319  N  N1    . G   B 2 2  ? 5.457   1.607   -19.884 1.00 89.34  ? 3   G   B N1    1 
ATOM   320  C  C2    . G   B 2 2  ? 5.523   0.271   -20.195 1.00 90.63  ? 3   G   B C2    1 
ATOM   321  N  N2    . G   B 2 2  ? 6.707   -0.177  -20.649 1.00 90.28  ? 3   G   B N2    1 
ATOM   322  N  N3    . G   B 2 2  ? 4.508   -0.568  -20.067 1.00 89.82  ? 3   G   B N3    1 
ATOM   323  C  C4    . G   B 2 2  ? 3.403   0.046   -19.592 1.00 90.86  ? 3   G   B C4    1 
ATOM   324  P  P     . G   B 2 3  ? 2.679   -3.804  -15.285 1.00 112.68 ? 4   G   B P     1 
ATOM   325  O  OP1   . G   B 2 3  ? 2.760   -5.112  -14.584 1.00 110.53 ? 4   G   B OP1   1 
ATOM   326  O  OP2   . G   B 2 3  ? 2.276   -2.586  -14.535 1.00 110.17 ? 4   G   B OP2   1 
ATOM   327  O  "O5'" . G   B 2 3  ? 4.089   -3.514  -15.964 1.00 110.42 ? 4   G   B "O5'" 1 
ATOM   328  C  "C5'" . G   B 2 3  ? 4.723   -4.507  -16.759 1.00 110.40 ? 4   G   B "C5'" 1 
ATOM   329  C  "C4'" . G   B 2 3  ? 6.168   -4.154  -16.956 1.00 110.67 ? 4   G   B "C4'" 1 
ATOM   330  O  "O4'" . G   B 2 3  ? 6.303   -3.095  -17.939 1.00 108.51 ? 4   G   B "O4'" 1 
ATOM   331  C  "C3'" . G   B 2 3  ? 6.833   -3.586  -15.720 1.00 111.43 ? 4   G   B "C3'" 1 
ATOM   332  O  "O3'" . G   B 2 3  ? 7.205   -4.614  -14.820 1.00 114.58 ? 4   G   B "O3'" 1 
ATOM   333  C  "C2'" . G   B 2 3  ? 8.019   -2.852  -16.322 1.00 109.38 ? 4   G   B "C2'" 1 
ATOM   334  O  "O2'" . G   B 2 3  ? 9.062   -3.725  -16.701 1.00 111.70 ? 4   G   B "O2'" 1 
ATOM   335  C  "C1'" . G   B 2 3  ? 7.370   -2.235  -17.562 1.00 105.62 ? 4   G   B "C1'" 1 
ATOM   336  N  N9    . G   B 2 3  ? 6.798   -0.934  -17.248 1.00 99.98  ? 4   G   B N9    1 
ATOM   337  C  C8    . G   B 2 3  ? 5.512   -0.679  -16.845 1.00 99.58  ? 4   G   B C8    1 
ATOM   338  N  N7    . G   B 2 3  ? 5.292   0.585   -16.607 1.00 98.99  ? 4   G   B N7    1 
ATOM   339  C  C5    . G   B 2 3  ? 6.506   1.199   -16.875 1.00 96.29  ? 4   G   B C5    1 
ATOM   340  C  C6    . G   B 2 3  ? 6.876   2.559   -16.791 1.00 95.66  ? 4   G   B C6    1 
ATOM   341  O  O6    . G   B 2 3  ? 6.184   3.525   -16.446 1.00 94.54  ? 4   G   B O6    1 
ATOM   342  N  N1    . G   B 2 3  ? 8.204   2.749   -17.156 1.00 95.22  ? 4   G   B N1    1 
ATOM   343  C  C2    . G   B 2 3  ? 9.064   1.752   -17.548 1.00 95.92  ? 4   G   B C2    1 
ATOM   344  N  N2    . G   B 2 3  ? 10.308  2.135   -17.862 1.00 96.42  ? 4   G   B N2    1 
ATOM   345  N  N3    . G   B 2 3  ? 8.728   0.475   -17.627 1.00 95.61  ? 4   G   B N3    1 
ATOM   346  C  C4    . G   B 2 3  ? 7.444   0.274   -17.278 1.00 96.99  ? 4   G   B C4    1 
ATOM   347  P  P     . U   B 2 4  ? 7.517   -4.246  -13.291 1.00 115.57 ? 5   U   B P     1 
ATOM   348  O  OP1   . U   B 2 4  ? 7.169   -5.432  -12.461 1.00 113.81 ? 5   U   B OP1   1 
ATOM   349  O  OP2   . U   B 2 4  ? 6.896   -2.928  -12.991 1.00 113.61 ? 5   U   B OP2   1 
ATOM   350  O  "O5'" . U   B 2 4  ? 9.095   -4.061  -13.288 1.00 111.78 ? 5   U   B "O5'" 1 
ATOM   351  C  "C5'" . U   B 2 4  ? 9.705   -3.075  -12.480 1.00 107.76 ? 5   U   B "C5'" 1 
ATOM   352  C  "C4'" . U   B 2 4  ? 10.856  -2.447  -13.215 1.00 106.53 ? 5   U   B "C4'" 1 
ATOM   353  O  "O4'" . U   B 2 4  ? 10.378  -1.813  -14.434 1.00 103.97 ? 5   U   B "O4'" 1 
ATOM   354  C  "C3'" . U   B 2 4  ? 11.511  -1.322  -12.443 1.00 108.04 ? 5   U   B "C3'" 1 
ATOM   355  O  "O3'" . U   B 2 4  ? 12.451  -1.836  -11.518 1.00 110.37 ? 5   U   B "O3'" 1 
ATOM   356  C  "C2'" . U   B 2 4  ? 12.128  -0.494  -13.555 1.00 105.68 ? 5   U   B "C2'" 1 
ATOM   357  O  "O2'" . U   B 2 4  ? 13.304  -1.067  -14.086 1.00 105.00 ? 5   U   B "O2'" 1 
ATOM   358  C  "C1'" . U   B 2 4  ? 11.005  -0.546  -14.589 1.00 104.29 ? 5   U   B "C1'" 1 
ATOM   359  N  N1    . U   B 2 4  ? 9.993   0.489   -14.329 1.00 102.67 ? 5   U   B N1    1 
ATOM   360  C  C2    . U   B 2 4  ? 10.390  1.817   -14.392 1.00 101.69 ? 5   U   B C2    1 
ATOM   361  O  O2    . U   B 2 4  ? 11.533  2.158   -14.658 1.00 101.40 ? 5   U   B O2    1 
ATOM   362  N  N3    . U   B 2 4  ? 9.396   2.728   -14.128 1.00 100.35 ? 5   U   B N3    1 
ATOM   363  C  C4    . U   B 2 4  ? 8.080   2.456   -13.812 1.00 99.15  ? 5   U   B C4    1 
ATOM   364  O  O4    . U   B 2 4  ? 7.302   3.387   -13.615 1.00 97.62  ? 5   U   B O4    1 
ATOM   365  C  C5    . U   B 2 4  ? 7.749   1.065   -13.767 1.00 99.61  ? 5   U   B C5    1 
ATOM   366  C  C6    . U   B 2 4  ? 8.692   0.152   -14.024 1.00 101.34 ? 5   U   B C6    1 
ATOM   367  P  P     . G   B 2 5  ? 12.407  -1.333  -9.999  1.00 111.47 ? 6   G   B P     1 
ATOM   368  O  OP1   . G   B 2 5  ? 13.393  -2.136  -9.231  1.00 112.14 ? 6   G   B OP1   1 
ATOM   369  O  OP2   . G   B 2 5  ? 10.980  -1.304  -9.573  1.00 109.26 ? 6   G   B OP2   1 
ATOM   370  O  "O5'" . G   B 2 5  ? 12.938  0.160   -10.095 1.00 104.63 ? 6   G   B "O5'" 1 
ATOM   371  C  "C5'" . G   B 2 5  ? 14.247  0.415   -10.574 1.00 99.29  ? 6   G   B "C5'" 1 
ATOM   372  C  "C4'" . G   B 2 5  ? 14.511  1.889   -10.570 1.00 96.05  ? 6   G   B "C4'" 1 
ATOM   373  O  "O4'" . G   B 2 5  ? 13.758  2.525   -11.633 1.00 93.89  ? 6   G   B "O4'" 1 
ATOM   374  C  "C3'" . G   B 2 5  ? 14.037  2.588   -9.314  1.00 95.59  ? 6   G   B "C3'" 1 
ATOM   375  O  "O3'" . G   B 2 5  ? 14.985  2.450   -8.270  1.00 98.18  ? 6   G   B "O3'" 1 
ATOM   376  C  "C2'" . G   B 2 5  ? 13.898  4.019   -9.804  1.00 94.41  ? 6   G   B "C2'" 1 
ATOM   377  O  "O2'" . G   B 2 5  ? 15.148  4.673   -9.894  1.00 93.05  ? 6   G   B "O2'" 1 
ATOM   378  C  "C1'" . G   B 2 5  ? 13.296  3.792   -11.194 1.00 91.06  ? 6   G   B "C1'" 1 
ATOM   379  N  N9    . G   B 2 5  ? 11.837  3.746   -11.154 1.00 87.49  ? 6   G   B N9    1 
ATOM   380  C  C8    . G   B 2 5  ? 11.039  2.627   -11.212 1.00 86.76  ? 6   G   B C8    1 
ATOM   381  N  N7    . G   B 2 5  ? 9.767   2.900   -11.108 1.00 84.21  ? 6   G   B N7    1 
ATOM   382  C  C5    . G   B 2 5  ? 9.721   4.282   -10.984 1.00 82.65  ? 6   G   B C5    1 
ATOM   383  C  C6    . G   B 2 5  ? 8.616   5.153   -10.826 1.00 81.23  ? 6   G   B C6    1 
ATOM   384  O  O6    . G   B 2 5  ? 7.417   4.869   -10.755 1.00 81.29  ? 6   G   B O6    1 
ATOM   385  N  N1    . G   B 2 5  ? 9.018   6.479   -10.741 1.00 79.99  ? 6   G   B N1    1 
ATOM   386  C  C2    . G   B 2 5  ? 10.318  6.914   -10.802 1.00 81.87  ? 6   G   B C2    1 
ATOM   387  N  N2    . G   B 2 5  ? 10.503  8.234   -10.715 1.00 81.30  ? 6   G   B N2    1 
ATOM   388  N  N3    . G   B 2 5  ? 11.360  6.113   -10.940 1.00 81.93  ? 6   G   B N3    1 
ATOM   389  C  C4    . G   B 2 5  ? 10.991  4.820   -11.024 1.00 83.88  ? 6   G   B C4    1 
ATOM   390  P  P     . A   B 2 6  ? 14.476  2.340   -6.751  1.00 100.57 ? 7   A   B P     1 
ATOM   391  O  OP1   . A   B 2 6  ? 15.650  1.953   -5.934  1.00 103.31 ? 7   A   B OP1   1 
ATOM   392  O  OP2   . A   B 2 6  ? 13.245  1.505   -6.708  1.00 97.72  ? 7   A   B OP2   1 
ATOM   393  O  "O5'" . A   B 2 6  ? 14.104  3.844   -6.382  1.00 99.36  ? 7   A   B "O5'" 1 
ATOM   394  C  "C5'" . A   B 2 6  ? 15.017  4.903   -6.658  1.00 92.78  ? 7   A   B "C5'" 1 
ATOM   395  C  "C4'" . A   B 2 6  ? 14.271  6.203   -6.816  1.00 91.07  ? 7   A   B "C4'" 1 
ATOM   396  O  "O4'" . A   B 2 6  ? 13.343  6.090   -7.925  1.00 90.90  ? 7   A   B "O4'" 1 
ATOM   397  C  "C3'" . A   B 2 6  ? 13.383  6.588   -5.650  1.00 90.82  ? 7   A   B "C3'" 1 
ATOM   398  O  "O3'" . A   B 2 6  ? 14.135  7.237   -4.643  1.00 92.36  ? 7   A   B "O3'" 1 
ATOM   399  C  "C2'" . A   B 2 6  ? 12.386  7.537   -6.303  1.00 90.36  ? 7   A   B "C2'" 1 
ATOM   400  O  "O2'" . A   B 2 6  ? 12.885  8.847   -6.488  1.00 89.90  ? 7   A   B "O2'" 1 
ATOM   401  C  "C1'" . A   B 2 6  ? 12.184  6.864   -7.659  1.00 88.46  ? 7   A   B "C1'" 1 
ATOM   402  N  N9    . A   B 2 6  ? 11.020  5.980   -7.665  1.00 85.66  ? 7   A   B N9    1 
ATOM   403  C  C8    . A   B 2 6  ? 10.980  4.606   -7.687  1.00 84.30  ? 7   A   B C8    1 
ATOM   404  N  N7    . A   B 2 6  ? 9.765   4.115   -7.682  1.00 82.61  ? 7   A   B N7    1 
ATOM   405  C  C5    . A   B 2 6  ? 8.952   5.240   -7.657  1.00 82.14  ? 7   A   B C5    1 
ATOM   406  C  C6    . A   B 2 6  ? 7.562   5.398   -7.644  1.00 80.91  ? 7   A   B C6    1 
ATOM   407  N  N6    . A   B 2 6  ? 6.701   4.382   -7.668  1.00 80.38  ? 7   A   B N6    1 
ATOM   408  N  N1    . A   B 2 6  ? 7.075   6.657   -7.610  1.00 80.83  ? 7   A   B N1    1 
ATOM   409  C  C2    . A   B 2 6  ? 7.937   7.679   -7.600  1.00 80.93  ? 7   A   B C2    1 
ATOM   410  N  N3    . A   B 2 6  ? 9.262   7.658   -7.617  1.00 81.91  ? 7   A   B N3    1 
ATOM   411  C  C4    . A   B 2 6  ? 9.712   6.393   -7.645  1.00 83.21  ? 7   A   B C4    1 
ATOM   412  P  P     . G   B 2 7  ? 13.774  6.977   -3.104  1.00 94.88  ? 8   G   B P     1 
ATOM   413  O  OP1   . G   B 2 7  ? 14.753  7.727   -2.288  1.00 92.29  ? 8   G   B OP1   1 
ATOM   414  O  OP2   . G   B 2 7  ? 13.671  5.488   -2.942  1.00 89.41  ? 8   G   B OP2   1 
ATOM   415  O  "O5'" . G   B 2 7  ? 12.338  7.675   -2.898  1.00 95.59  ? 8   G   B "O5'" 1 
ATOM   416  C  "C5'" . G   B 2 7  ? 12.050  9.058   -3.253  1.00 92.90  ? 8   G   B "C5'" 1 
ATOM   417  C  "C4'" . G   B 2 7  ? 10.586  9.331   -2.995  1.00 91.41  ? 8   G   B "C4'" 1 
ATOM   418  O  "O4'" . G   B 2 7  ? 9.801   8.471   -3.843  1.00 91.18  ? 8   G   B "O4'" 1 
ATOM   419  C  "C3'" . G   B 2 7  ? 10.269  9.001   -1.544  1.00 88.78  ? 8   G   B "C3'" 1 
ATOM   420  O  "O3'" . G   B 2 7  ? 9.765   10.208  -0.950  1.00 86.52  ? 8   G   B "O3'" 1 
ATOM   421  C  "C2'" . G   B 2 7  ? 9.341   7.789   -1.614  1.00 90.24  ? 8   G   B "C2'" 1 
ATOM   422  O  "O2'" . G   B 2 7  ? 8.271   7.696   -0.728  1.00 91.94  ? 8   G   B "O2'" 1 
ATOM   423  C  "C1'" . G   B 2 7  ? 8.868   7.800   -3.063  1.00 89.43  ? 8   G   B "C1'" 1 
ATOM   424  N  N9    . G   B 2 7  ? 8.641   6.490   -3.628  1.00 86.10  ? 8   G   B N9    1 
ATOM   425  C  C8    . G   B 2 7  ? 9.518   5.456   -3.821  1.00 84.17  ? 8   G   B C8    1 
ATOM   426  N  N7    . G   B 2 7  ? 8.930   4.376   -4.254  1.00 83.31  ? 8   G   B N7    1 
ATOM   427  C  C5    . G   B 2 7  ? 7.597   4.745   -4.372  1.00 83.22  ? 8   G   B C5    1 
ATOM   428  C  C6    . G   B 2 7  ? 6.466   4.005   -4.777  1.00 82.75  ? 8   G   B C6    1 
ATOM   429  O  O6    . G   B 2 7  ? 6.404   2.823   -5.113  1.00 82.48  ? 8   G   B O6    1 
ATOM   430  N  N1    . G   B 2 7  ? 5.312   4.781   -4.761  1.00 82.81  ? 8   G   B N1    1 
ATOM   431  C  C2    . G   B 2 7  ? 5.250   6.097   -4.397  1.00 83.77  ? 8   G   B C2    1 
ATOM   432  N  N2    . G   B 2 7  ? 4.042   6.672   -4.449  1.00 84.10  ? 8   G   B N2    1 
ATOM   433  N  N3    . G   B 2 7  ? 6.293   6.794   -4.009  1.00 85.86  ? 8   G   B N3    1 
ATOM   434  C  C4    . G   B 2 7  ? 7.422   6.056   -4.018  1.00 85.15  ? 8   G   B C4    1 
HETATM 435  P  P     . 1DP B 2 8  ? 9.373   10.267  0.602   1.00 86.44  ? 9   1DP B P     1 
HETATM 436  O  O1P   . 1DP B 2 8  ? 10.452  11.004  1.303   1.00 88.78  ? 9   1DP B O1P   1 
HETATM 437  O  O2P   . 1DP B 2 8  ? 9.021   8.902   1.046   1.00 83.06  ? 9   1DP B O2P   1 
HETATM 438  O  "O5'" . 1DP B 2 8  ? 8.061   11.187  0.619   1.00 82.05  ? 9   1DP B "O5'" 1 
HETATM 439  C  "C5'" . 1DP B 2 8  ? 8.074   12.520  0.106   1.00 75.80  ? 9   1DP B "C5'" 1 
HETATM 440  C  "C4'" . 1DP B 2 8  ? 6.660   13.037  -0.030  1.00 73.98  ? 9   1DP B "C4'" 1 
HETATM 441  O  "O4'" . 1DP B 2 8  ? 6.008   12.389  -1.153  1.00 76.16  ? 9   1DP B "O4'" 1 
HETATM 442  C  "C1'" . 1DP B 2 8  ? 4.641   12.157  -0.845  1.00 76.11  ? 9   1DP B "C1'" 1 
HETATM 443  N  N9    . 1DP B 2 8  ? 4.403   10.718  -0.925  1.00 73.37  ? 9   1DP B N9    1 
HETATM 444  C  C4    . 1DP B 2 8  ? 3.194   10.083  -1.047  1.00 72.20  ? 9   1DP B C4    1 
HETATM 445  N  N3    . 1DP B 2 8  ? 1.977   10.647  -1.060  1.00 71.69  ? 9   1DP B N3    1 
HETATM 446  C  C2    . 1DP B 2 8  ? 1.043   9.725   -1.252  1.00 72.68  ? 9   1DP B C2    1 
HETATM 447  C  C1    . 1DP B 2 8  ? 1.177   8.407   -1.425  1.00 72.31  ? 9   1DP B C1    1 
HETATM 448  C  C6    . 1DP B 2 8  ? 2.414   7.876   -1.409  1.00 71.35  ? 9   1DP B C6    1 
HETATM 449  N  N6    . 1DP B 2 8  ? 2.550   6.567   -1.609  1.00 70.95  ? 9   1DP B N6    1 
HETATM 450  C  C5    . 1DP B 2 8  ? 3.487   8.742   -1.199  1.00 71.66  ? 9   1DP B C5    1 
HETATM 451  N  N7    . 1DP B 2 8  ? 4.852   8.527   -1.122  1.00 71.94  ? 9   1DP B N7    1 
HETATM 452  C  C8    . 1DP B 2 8  ? 5.348   9.726   -0.949  1.00 72.55  ? 9   1DP B C8    1 
HETATM 453  C  "C2'" . 1DP B 2 8  ? 4.378   12.776  0.524   1.00 75.59  ? 9   1DP B "C2'" 1 
HETATM 454  O  "O2'" . 1DP B 2 8  ? 3.909   14.099  0.345   1.00 82.42  ? 9   1DP B "O2'" 1 
HETATM 455  C  "C3'" . 1DP B 2 8  ? 5.766   12.695  1.139   1.00 73.67  ? 9   1DP B "C3'" 1 
HETATM 456  O  "O3'" . 1DP B 2 8  ? 5.980   13.534  2.258   1.00 73.01  ? 9   1DP B "O3'" 1 
ATOM   457  P  P     . A   B 2 9  ? 6.072   12.865  3.720   1.00 77.09  ? 10  A   B P     1 
ATOM   458  O  OP1   . A   B 2 9  ? 6.485   13.907  4.689   1.00 76.52  ? 10  A   B OP1   1 
ATOM   459  O  OP2   . A   B 2 9  ? 6.854   11.604  3.619   1.00 70.63  ? 10  A   B OP2   1 
ATOM   460  O  "O5'" . A   B 2 9  ? 4.561   12.478  4.038   1.00 73.14  ? 10  A   B "O5'" 1 
ATOM   461  C  "C5'" . A   B 2 9  ? 3.525   13.451  3.941   1.00 66.85  ? 10  A   B "C5'" 1 
ATOM   462  C  "C4'" . A   B 2 9  ? 2.181   12.776  3.990   1.00 62.49  ? 10  A   B "C4'" 1 
ATOM   463  O  "O4'" . A   B 2 9  ? 1.988   12.002  2.783   1.00 62.69  ? 10  A   B "O4'" 1 
ATOM   464  C  "C3'" . A   B 2 9  ? 2.059   11.749  5.092   1.00 64.04  ? 10  A   B "C3'" 1 
ATOM   465  O  "O3'" . A   B 2 9  ? 1.717   12.362  6.315   1.00 64.70  ? 10  A   B "O3'" 1 
ATOM   466  C  "C2'" . A   B 2 9  ? 0.946   10.857  4.578   1.00 63.57  ? 10  A   B "C2'" 1 
ATOM   467  O  "O2'" . A   B 2 9  ? -0.316  11.441  4.787   1.00 63.81  ? 10  A   B "O2'" 1 
ATOM   468  C  "C1'" . A   B 2 9  ? 1.253   10.830  3.082   1.00 63.12  ? 10  A   B "C1'" 1 
ATOM   469  N  N9    . A   B 2 9  ? 2.036   9.670   2.653   1.00 63.69  ? 10  A   B N9    1 
ATOM   470  C  C8    . A   B 2 9  ? 3.385   9.593   2.422   1.00 63.21  ? 10  A   B C8    1 
ATOM   471  N  N7    . A   B 2 9  ? 3.787   8.408   2.025   1.00 62.51  ? 10  A   B N7    1 
ATOM   472  C  C5    . A   B 2 9  ? 2.624   7.656   1.997   1.00 61.54  ? 10  A   B C5    1 
ATOM   473  C  C6    . A   B 2 9  ? 2.374   6.318   1.659   1.00 61.08  ? 10  A   B C6    1 
ATOM   474  N  N6    . A   B 2 9  ? 3.318   5.469   1.261   1.00 60.03  ? 10  A   B N6    1 
ATOM   475  N  N1    . A   B 2 9  ? 1.103   5.875   1.742   1.00 62.06  ? 10  A   B N1    1 
ATOM   476  C  C2    . A   B 2 9  ? 0.153   6.730   2.136   1.00 62.17  ? 10  A   B C2    1 
ATOM   477  N  N3    . A   B 2 9  ? 0.263   8.011   2.479   1.00 62.93  ? 10  A   B N3    1 
ATOM   478  C  C4    . A   B 2 9  ? 1.540   8.417   2.387   1.00 62.69  ? 10  A   B C4    1 
ATOM   479  P  P     . G   B 2 10 ? 2.297   11.757  7.677   1.00 65.94  ? 11  G   B P     1 
ATOM   480  O  OP1   . G   B 2 10 ? 1.772   12.561  8.805   1.00 66.53  ? 11  G   B OP1   1 
ATOM   481  O  OP2   . G   B 2 10 ? 3.759   11.615  7.486   1.00 63.85  ? 11  G   B OP2   1 
ATOM   482  O  "O5'" . G   B 2 10 ? 1.615   10.327  7.763   1.00 57.94  ? 11  G   B "O5'" 1 
ATOM   483  C  "C5'" . G   B 2 10 ? 0.215   10.225  7.933   1.00 59.03  ? 11  G   B "C5'" 1 
ATOM   484  C  "C4'" . G   B 2 10 ? -0.233  8.802   7.750   1.00 56.59  ? 11  G   B "C4'" 1 
ATOM   485  O  "O4'" . G   B 2 10 ? -0.010  8.394   6.378   1.00 55.26  ? 11  G   B "O4'" 1 
ATOM   486  C  "C3'" . G   B 2 10 ? 0.529   7.786   8.573   1.00 56.07  ? 11  G   B "C3'" 1 
ATOM   487  O  "O3'" . G   B 2 10 ? -0.019  7.690   9.873   1.00 56.55  ? 11  G   B "O3'" 1 
ATOM   488  C  "C2'" . G   B 2 10 ? 0.287   6.512   7.790   1.00 54.92  ? 11  G   B "C2'" 1 
ATOM   489  O  "O2'" . G   B 2 10 ? -1.001  6.004   8.049   1.00 57.58  ? 11  G   B "O2'" 1 
ATOM   490  C  "C1'" . G   B 2 10 ? 0.366   7.030   6.354   1.00 54.97  ? 11  G   B "C1'" 1 
ATOM   491  N  N9    . G   B 2 10 ? 1.719   6.948   5.824   1.00 55.39  ? 11  G   B N9    1 
ATOM   492  C  C8    . G   B 2 10 ? 2.642   7.962   5.732   1.00 55.61  ? 11  G   B C8    1 
ATOM   493  N  N7    . G   B 2 10 ? 3.777   7.574   5.214   1.00 56.10  ? 11  G   B N7    1 
ATOM   494  C  C5    . G   B 2 10 ? 3.590   6.224   4.948   1.00 54.36  ? 11  G   B C5    1 
ATOM   495  C  C6    . G   B 2 10 ? 4.463   5.276   4.383   1.00 53.33  ? 11  G   B C6    1 
ATOM   496  O  O6    . G   B 2 10 ? 5.617   5.440   3.970   1.00 56.79  ? 11  G   B O6    1 
ATOM   497  N  N1    . G   B 2 10 ? 3.872   4.023   4.306   1.00 51.70  ? 11  G   B N1    1 
ATOM   498  C  C2    . G   B 2 10 ? 2.597   3.726   4.705   1.00 50.46  ? 11  G   B C2    1 
ATOM   499  N  N2    . G   B 2 10 ? 2.206   2.458   4.547   1.00 48.72  ? 11  G   B N2    1 
ATOM   500  N  N3    . G   B 2 10 ? 1.766   4.605   5.219   1.00 51.53  ? 11  G   B N3    1 
ATOM   501  C  C4    . G   B 2 10 ? 2.325   5.825   5.317   1.00 54.61  ? 11  G   B C4    1 
ATOM   502  P  P     . G   B 2 11 ? 0.868   7.078   11.057  1.00 60.07  ? 12  G   B P     1 
ATOM   503  O  OP1   . G   B 2 11 ? 0.120   7.272   12.321  1.00 58.32  ? 12  G   B OP1   1 
ATOM   504  O  OP2   . G   B 2 11 ? 2.238   7.628   10.910  1.00 58.18  ? 12  G   B OP2   1 
ATOM   505  O  "O5'" . G   B 2 11 ? 0.898   5.515   10.756  1.00 58.48  ? 12  G   B "O5'" 1 
ATOM   506  C  "C5'" . G   B 2 11 ? -0.274  4.734   10.924  1.00 55.04  ? 12  G   B "C5'" 1 
ATOM   507  C  "C4'" . G   B 2 11 ? -0.066  3.344   10.383  1.00 54.27  ? 12  G   B "C4'" 1 
ATOM   508  O  "O4'" . G   B 2 11 ? 0.309   3.426   8.984   1.00 56.84  ? 12  G   B "O4'" 1 
ATOM   509  C  "C3'" . G   B 2 11 ? 1.069   2.542   10.985  1.00 56.07  ? 12  G   B "C3'" 1 
ATOM   510  O  "O3'" . G   B 2 11 ? 0.670   1.951   12.202  1.00 60.96  ? 12  G   B "O3'" 1 
ATOM   511  C  "C2'" . G   B 2 11 ? 1.272   1.488   9.915   1.00 54.38  ? 12  G   B "C2'" 1 
ATOM   512  O  "O2'" . G   B 2 11 ? 0.210   0.562   9.914   1.00 54.55  ? 12  G   B "O2'" 1 
ATOM   513  C  "C1'" . G   B 2 11 ? 1.163   2.341   8.658   1.00 54.97  ? 12  G   B "C1'" 1 
ATOM   514  N  N9    . G   B 2 11 ? 2.455   2.884   8.254   1.00 52.75  ? 12  G   B N9    1 
ATOM   515  C  C8    . G   B 2 11 ? 2.880   4.177   8.374   1.00 52.08  ? 12  G   B C8    1 
ATOM   516  N  N7    . G   B 2 11 ? 4.085   4.363   7.907   1.00 54.07  ? 12  G   B N7    1 
ATOM   517  C  C5    . G   B 2 11 ? 4.476   3.114   7.456   1.00 52.07  ? 12  G   B C5    1 
ATOM   518  C  C6    . G   B 2 11 ? 5.678   2.699   6.841   1.00 53.24  ? 12  G   B C6    1 
ATOM   519  O  O6    . G   B 2 11 ? 6.668   3.370   6.564   1.00 55.09  ? 12  G   B O6    1 
ATOM   520  N  N1    . G   B 2 11 ? 5.660   1.345   6.541   1.00 54.53  ? 12  G   B N1    1 
ATOM   521  C  C2    . G   B 2 11 ? 4.614   0.497   6.798   1.00 55.24  ? 12  G   B C2    1 
ATOM   522  N  N2    . G   B 2 11 ? 4.788   -0.780  6.436   1.00 54.63  ? 12  G   B N2    1 
ATOM   523  N  N3    . G   B 2 11 ? 3.483   0.871   7.369   1.00 55.24  ? 12  G   B N3    1 
ATOM   524  C  C4    . G   B 2 11 ? 3.484   2.188   7.669   1.00 53.89  ? 12  G   B C4    1 
ATOM   525  P  P     . G   B 2 12 ? 1.739   1.768   13.383  1.00 62.63  ? 13  G   B P     1 
ATOM   526  O  OP1   . G   B 2 12 ? 0.951   1.214   14.509  1.00 61.68  ? 13  G   B OP1   1 
ATOM   527  O  OP2   . G   B 2 12 ? 2.521   3.021   13.572  1.00 59.09  ? 13  G   B OP2   1 
ATOM   528  O  "O5'" . G   B 2 12 ? 2.711   0.630   12.847  1.00 59.14  ? 13  G   B "O5'" 1 
ATOM   529  C  "C5'" . G   B 2 12 ? 2.231   -0.696  12.668  1.00 57.88  ? 13  G   B "C5'" 1 
ATOM   530  C  "C4'" . G   B 2 12 ? 3.258   -1.534  11.952  1.00 59.90  ? 13  G   B "C4'" 1 
ATOM   531  O  "O4'" . G   B 2 12 ? 3.617   -0.870  10.712  1.00 58.96  ? 13  G   B "O4'" 1 
ATOM   532  C  "C3'" . G   B 2 12 ? 4.594   -1.717  12.651  1.00 61.08  ? 13  G   B "C3'" 1 
ATOM   533  O  "O3'" . G   B 2 12 ? 4.498   -2.767  13.617  1.00 70.23  ? 13  G   B "O3'" 1 
ATOM   534  C  "C2'" . G   B 2 12 ? 5.487   -2.105  11.478  1.00 58.96  ? 13  G   B "C2'" 1 
ATOM   535  O  "O2'" . G   B 2 12 ? 5.298   -3.450  11.084  1.00 61.54  ? 13  G   B "O2'" 1 
ATOM   536  C  "C1'" . G   B 2 12 ? 4.949   -1.199  10.368  1.00 53.29  ? 13  G   B "C1'" 1 
ATOM   537  N  N9    . G   B 2 12 ? 5.706   0.035   10.201  1.00 49.54  ? 13  G   B N9    1 
ATOM   538  C  C8    . G   B 2 12 ? 5.366   1.294   10.632  1.00 50.34  ? 13  G   B C8    1 
ATOM   539  N  N7    . G   B 2 12 ? 6.267   2.194   10.346  1.00 47.06  ? 13  G   B N7    1 
ATOM   540  C  C5    . G   B 2 12 ? 7.256   1.486   9.687   1.00 48.06  ? 13  G   B C5    1 
ATOM   541  C  C6    . G   B 2 12 ? 8.475   1.921   9.147   1.00 50.46  ? 13  G   B C6    1 
ATOM   542  O  O6    . G   B 2 12 ? 8.958   3.054   9.157   1.00 55.55  ? 13  G   B O6    1 
ATOM   543  N  N1    . G   B 2 12 ? 9.167   0.885   8.541   1.00 51.61  ? 13  G   B N1    1 
ATOM   544  C  C2    . G   B 2 12 ? 8.743   -0.411  8.472   1.00 51.17  ? 13  G   B C2    1 
ATOM   545  N  N2    . G   B 2 12 ? 9.548   -1.257  7.816   1.00 49.55  ? 13  G   B N2    1 
ATOM   546  N  N3    . G   B 2 12 ? 7.610   -0.842  8.998   1.00 49.97  ? 13  G   B N3    1 
ATOM   547  C  C4    . G   B 2 12 ? 6.920   0.156   9.581   1.00 48.75  ? 13  G   B C4    1 
HETATM 548  P  P     . S9L B 2 13 ? 5.387   -2.722  14.965  1.00 72.71  ? 14  S9L B P     1 
HETATM 549  O  O1P   . S9L B 2 13 ? 4.880   -3.950  15.673  1.00 74.05  ? 14  S9L B O1P   1 
HETATM 550  O  O2P   . S9L B 2 13 ? 5.202   -1.329  15.312  1.00 72.02  ? 14  S9L B O2P   1 
HETATM 551  O  "O5'" . S9L B 2 13 ? 6.772   -3.251  14.321  1.00 82.16  ? 14  S9L B "O5'" 1 
HETATM 552  C  C12   . S9L B 2 13 ? 6.882   -4.494  13.597  1.00 90.37  ? 14  S9L B C12   1 
HETATM 553  C  C22   . S9L B 2 13 ? 8.037   -5.343  14.166  1.00 98.52  ? 14  S9L B C22   1 
HETATM 554  O  OH3   . S9L B 2 13 ? 7.532   -6.216  15.186  1.00 106.19 ? 14  S9L B OH3   1 
HETATM 555  C  C13   . S9L B 2 13 ? 8.363   -7.206  17.292  1.00 111.54 ? 14  S9L B C13   1 
HETATM 556  C  C23   . S9L B 2 13 ? 8.113   -5.916  16.471  1.00 110.60 ? 14  S9L B C23   1 
HETATM 557  O  OH4   . S9L B 2 13 ? 9.004   -8.216  16.485  1.00 112.97 ? 14  S9L B OH4   1 
HETATM 558  C  C14   . S9L B 2 13 ? 11.210  -8.175  15.406  1.00 99.95  ? 14  S9L B C14   1 
HETATM 559  C  C24   . S9L B 2 13 ? 10.423  -8.301  16.733  1.00 105.89 ? 14  S9L B C24   1 
HETATM 560  O  "O3'" . S9L B 2 13 ? 10.660  -9.077  14.442  1.00 83.21  ? 14  S9L B "O3'" 1 
ATOM   561  P  P     . G   B 2 14 ? 9.903   -10.223 13.610  1.00 74.95  ? 15  G   B P     1 
ATOM   562  O  OP1   . G   B 2 14 ? 9.301   -9.623  12.390  1.00 71.99  ? 15  G   B OP1   1 
ATOM   563  O  OP2   . G   B 2 14 ? 9.039   -10.948 14.572  1.00 72.33  ? 15  G   B OP2   1 
ATOM   564  O  "O5'" . G   B 2 14 ? 11.085  -11.188 13.148  1.00 74.45  ? 15  G   B "O5'" 1 
ATOM   565  C  "C5'" . G   B 2 14 ? 12.346  -10.654 12.753  1.00 67.16  ? 15  G   B "C5'" 1 
ATOM   566  C  "C4'" . G   B 2 14 ? 13.096  -11.652 11.916  1.00 60.88  ? 15  G   B "C4'" 1 
ATOM   567  O  "O4'" . G   B 2 14 ? 13.394  -12.823 12.714  1.00 64.26  ? 15  G   B "O4'" 1 
ATOM   568  C  "C3'" . G   B 2 14 ? 12.337  -12.180 10.714  1.00 61.63  ? 15  G   B "C3'" 1 
ATOM   569  O  "O3'" . G   B 2 14 ? 12.556  -11.288 9.624   1.00 56.85  ? 15  G   B "O3'" 1 
ATOM   570  C  "C2'" . G   B 2 14 ? 13.012  -13.528 10.478  1.00 62.78  ? 15  G   B "C2'" 1 
ATOM   571  O  "O2'" . G   B 2 14 ? 14.220  -13.435 9.760   1.00 69.65  ? 15  G   B "O2'" 1 
ATOM   572  C  "C1'" . G   B 2 14 ? 13.309  -13.983 11.908  1.00 61.06  ? 15  G   B "C1'" 1 
ATOM   573  N  N9    . G   B 2 14 ? 12.270  -14.846 12.453  1.00 60.51  ? 15  G   B N9    1 
ATOM   574  C  C8    . G   B 2 14 ? 11.315  -14.522 13.385  1.00 60.38  ? 15  G   B C8    1 
ATOM   575  N  N7    . G   B 2 14 ? 10.511  -15.512 13.659  1.00 59.49  ? 15  G   B N7    1 
ATOM   576  C  C5    . G   B 2 14 ? 10.965  -16.549 12.860  1.00 60.83  ? 15  G   B C5    1 
ATOM   577  C  C6    . G   B 2 14 ? 10.492  -17.872 12.719  1.00 60.44  ? 15  G   B C6    1 
ATOM   578  O  O6    . G   B 2 14 ? 9.547   -18.414 13.294  1.00 61.41  ? 15  G   B O6    1 
ATOM   579  N  N1    . G   B 2 14 ? 11.247  -18.588 11.800  1.00 61.92  ? 15  G   B N1    1 
ATOM   580  C  C2    . G   B 2 14 ? 12.329  -18.097 11.110  1.00 63.43  ? 15  G   B C2    1 
ATOM   581  N  N2    . G   B 2 14 ? 12.942  -18.943 10.272  1.00 65.65  ? 15  G   B N2    1 
ATOM   582  N  N3    . G   B 2 14 ? 12.780  -16.865 11.234  1.00 64.00  ? 15  G   B N3    1 
ATOM   583  C  C4    . G   B 2 14 ? 12.055  -16.152 12.117  1.00 61.36  ? 15  G   B C4    1 
ATOM   584  P  P     . G   B 2 15 ? 11.547  -11.267 8.374   1.00 57.57  ? 16  G   B P     1 
ATOM   585  O  OP1   . G   B 2 15 ? 11.974  -10.099 7.570   1.00 59.92  ? 16  G   B OP1   1 
ATOM   586  O  OP2   . G   B 2 15 ? 10.133  -11.387 8.814   1.00 54.66  ? 16  G   B OP2   1 
ATOM   587  O  "O5'" . G   B 2 15 ? 11.912  -12.567 7.538   1.00 62.51  ? 16  G   B "O5'" 1 
ATOM   588  C  "C5'" . G   B 2 15 ? 13.121  -12.645 6.790   1.00 63.85  ? 16  G   B "C5'" 1 
ATOM   589  C  "C4'" . G   B 2 15 ? 13.188  -13.969 6.074   1.00 64.90  ? 16  G   B "C4'" 1 
ATOM   590  O  "O4'" . G   B 2 15 ? 13.361  -15.029 7.048   1.00 65.95  ? 16  G   B "O4'" 1 
ATOM   591  C  "C3'" . G   B 2 15 ? 11.926  -14.350 5.324   1.00 65.82  ? 16  G   B "C3'" 1 
ATOM   592  O  "O3'" . G   B 2 15 ? 11.883  -13.782 4.029   1.00 60.59  ? 16  G   B "O3'" 1 
ATOM   593  C  "C2'" . G   B 2 15 ? 12.035  -15.863 5.271   1.00 63.59  ? 16  G   B "C2'" 1 
ATOM   594  O  "O2'" . G   B 2 15 ? 12.960  -16.263 4.290   1.00 66.33  ? 16  G   B "O2'" 1 
ATOM   595  C  "C1'" . G   B 2 15 ? 12.607  -16.165 6.657   1.00 67.19  ? 16  G   B "C1'" 1 
ATOM   596  N  N9    . G   B 2 15 ? 11.554  -16.361 7.651   1.00 67.36  ? 16  G   B N9    1 
ATOM   597  C  C8    . G   B 2 15 ? 11.053  -15.415 8.509   1.00 67.04  ? 16  G   B C8    1 
ATOM   598  N  N7    . G   B 2 15 ? 10.100  -15.870 9.275   1.00 68.46  ? 16  G   B N7    1 
ATOM   599  C  C5    . G   B 2 15 ? 9.965   -17.199 8.905   1.00 68.53  ? 16  G   B C5    1 
ATOM   600  C  C6    . G   B 2 15 ? 9.082   -18.197 9.384   1.00 69.65  ? 16  G   B C6    1 
ATOM   601  O  O6    . G   B 2 15 ? 8.219   -18.102 10.256  1.00 68.44  ? 16  G   B O6    1 
ATOM   602  N  N1    . G   B 2 15 ? 9.276   -19.409 8.733   1.00 71.79  ? 16  G   B N1    1 
ATOM   603  C  C2    . G   B 2 15 ? 10.203  -19.632 7.744   1.00 71.52  ? 16  G   B C2    1 
ATOM   604  N  N2    . G   B 2 15 ? 10.235  -20.869 7.239   1.00 71.39  ? 16  G   B N2    1 
ATOM   605  N  N3    . G   B 2 15 ? 11.035  -18.709 7.288   1.00 70.32  ? 16  G   B N3    1 
ATOM   606  C  C4    . G   B 2 15 ? 10.860  -17.522 7.908   1.00 69.00  ? 16  G   B C4    1 
ATOM   607  P  P     . C   B 2 16 ? 10.465  -13.507 3.346   1.00 62.00  ? 17  C   B P     1 
ATOM   608  O  OP1   . C   B 2 16 ? 10.719  -12.844 2.051   1.00 62.44  ? 17  C   B OP1   1 
ATOM   609  O  OP2   . C   B 2 16 ? 9.586   -12.861 4.353   1.00 66.12  ? 17  C   B OP2   1 
ATOM   610  O  "O5'" . C   B 2 16 ? 9.869   -14.954 3.068   1.00 63.43  ? 17  C   B "O5'" 1 
ATOM   611  C  "C5'" . C   B 2 16 ? 10.431  -15.791 2.068   1.00 64.98  ? 17  C   B "C5'" 1 
ATOM   612  C  "C4'" . C   B 2 16 ? 9.730   -17.122 2.059   1.00 63.14  ? 17  C   B "C4'" 1 
ATOM   613  O  "O4'" . C   B 2 16 ? 9.952   -17.772 3.337   1.00 67.30  ? 17  C   B "O4'" 1 
ATOM   614  C  "C3'" . C   B 2 16 ? 8.220   -17.051 1.963   1.00 63.54  ? 17  C   B "C3'" 1 
ATOM   615  O  "O3'" . C   B 2 16 ? 7.752   -16.884 0.643   1.00 64.29  ? 17  C   B "O3'" 1 
ATOM   616  C  "C2'" . C   B 2 16 ? 7.805   -18.383 2.562   1.00 66.14  ? 17  C   B "C2'" 1 
ATOM   617  O  "O2'" . C   B 2 16 ? 8.018   -19.458 1.669   1.00 66.66  ? 17  C   B "O2'" 1 
ATOM   618  C  "C1'" . C   B 2 16 ? 8.794   -18.499 3.717   1.00 65.56  ? 17  C   B "C1'" 1 
ATOM   619  N  N1    . C   B 2 16 ? 8.235   -17.894 4.939   1.00 64.58  ? 17  C   B N1    1 
ATOM   620  C  C2    . C   B 2 16 ? 7.348   -18.646 5.716   1.00 65.37  ? 17  C   B C2    1 
ATOM   621  O  O2    . C   B 2 16 ? 7.090   -19.805 5.374   1.00 67.13  ? 17  C   B O2    1 
ATOM   622  N  N3    . C   B 2 16 ? 6.794   -18.091 6.816   1.00 65.21  ? 17  C   B N3    1 
ATOM   623  C  C4    . C   B 2 16 ? 7.096   -16.836 7.148   1.00 65.17  ? 17  C   B C4    1 
ATOM   624  N  N4    . C   B 2 16 ? 6.505   -16.315 8.218   1.00 65.56  ? 17  C   B N4    1 
ATOM   625  C  C5    . C   B 2 16 ? 8.015   -16.057 6.390   1.00 65.48  ? 17  C   B C5    1 
ATOM   626  C  C6    . C   B 2 16 ? 8.557   -16.620 5.303   1.00 64.68  ? 17  C   B C6    1 
ATOM   627  P  P     . A   B 2 17 ? 6.327   -16.185 0.403   1.00 70.13  ? 18  A   B P     1 
ATOM   628  O  OP1   . A   B 2 17 ? 6.134   -16.051 -1.069  1.00 64.65  ? 18  A   B OP1   1 
ATOM   629  O  OP2   . A   B 2 17 ? 6.260   -14.980 1.276   1.00 65.60  ? 18  A   B OP2   1 
ATOM   630  O  "O5'" . A   B 2 17 ? 5.275   -17.233 0.978   1.00 65.54  ? 18  A   B "O5'" 1 
ATOM   631  C  "C5'" . A   B 2 17 ? 5.101   -18.493 0.353   1.00 62.90  ? 18  A   B "C5'" 1 
ATOM   632  C  "C4'" . A   B 2 17 ? 4.071   -19.301 1.091   1.00 64.51  ? 18  A   B "C4'" 1 
ATOM   633  O  "O4'" . A   B 2 17 ? 4.542   -19.556 2.443   1.00 64.12  ? 18  A   B "O4'" 1 
ATOM   634  C  "C3'" . A   B 2 17 ? 2.760   -18.578 1.315   1.00 66.87  ? 18  A   B "C3'" 1 
ATOM   635  O  "O3'" . A   B 2 17 ? 1.922   -18.651 0.180   1.00 72.24  ? 18  A   B "O3'" 1 
ATOM   636  C  "C2'" . A   B 2 17 ? 2.183   -19.321 2.508   1.00 65.81  ? 18  A   B "C2'" 1 
ATOM   637  O  "O2'" . A   B 2 17 ? 1.620   -20.561 2.143   1.00 67.91  ? 18  A   B "O2'" 1 
ATOM   638  C  "C1'" . A   B 2 17 ? 3.441   -19.570 3.334   1.00 63.33  ? 18  A   B "C1'" 1 
ATOM   639  N  N9    . A   B 2 17 ? 3.626   -18.531 4.341   1.00 62.76  ? 18  A   B N9    1 
ATOM   640  C  C8    . A   B 2 17 ? 4.469   -17.448 4.340   1.00 60.83  ? 18  A   B C8    1 
ATOM   641  N  N7    . A   B 2 17 ? 4.361   -16.694 5.410   1.00 59.46  ? 18  A   B N7    1 
ATOM   642  C  C5    . A   B 2 17 ? 3.379   -17.326 6.164   1.00 58.93  ? 18  A   B C5    1 
ATOM   643  C  C6    . A   B 2 17 ? 2.799   -17.027 7.405   1.00 58.38  ? 18  A   B C6    1 
ATOM   644  N  N6    . A   B 2 17 ? 3.123   -15.963 8.137   1.00 59.53  ? 18  A   B N6    1 
ATOM   645  N  N1    . A   B 2 17 ? 1.855   -17.868 7.876   1.00 58.84  ? 18  A   B N1    1 
ATOM   646  C  C2    . A   B 2 17 ? 1.519   -18.932 7.140   1.00 58.45  ? 18  A   B C2    1 
ATOM   647  N  N3    . A   B 2 17 ? 1.986   -19.317 5.958   1.00 58.53  ? 18  A   B N3    1 
ATOM   648  C  C4    . A   B 2 17 ? 2.926   -18.461 5.521   1.00 60.84  ? 18  A   B C4    1 
ATOM   649  P  P     . G   B 2 18 ? 0.841   -17.494 -0.073  1.00 75.17  ? 19  G   B P     1 
ATOM   650  O  OP1   . G   B 2 18 ? 0.267   -17.687 -1.430  1.00 74.83  ? 19  G   B OP1   1 
ATOM   651  O  OP2   . G   B 2 18 ? 1.503   -16.209 0.268   1.00 76.11  ? 19  G   B OP2   1 
ATOM   652  O  "O5'" . G   B 2 18 ? -0.284  -17.796 1.016   1.00 72.52  ? 19  G   B "O5'" 1 
ATOM   653  C  "C5'" . G   B 2 18 ? -0.959  -19.042 1.009   1.00 68.02  ? 19  G   B "C5'" 1 
ATOM   654  C  "C4'" . G   B 2 18 ? -1.857  -19.184 2.216   1.00 68.92  ? 19  G   B "C4'" 1 
ATOM   655  O  "O4'" . G   B 2 18 ? -1.055  -19.212 3.432   1.00 66.76  ? 19  G   B "O4'" 1 
ATOM   656  C  "C3'" . G   B 2 18 ? -2.807  -18.024 2.449   1.00 69.86  ? 19  G   B "C3'" 1 
ATOM   657  O  "O3'" . G   B 2 18 ? -3.965  -18.117 1.638   1.00 74.01  ? 19  G   B "O3'" 1 
ATOM   658  C  "C2'" . G   B 2 18 ? -3.127  -18.164 3.931   1.00 69.87  ? 19  G   B "C2'" 1 
ATOM   659  O  "O2'" . G   B 2 18 ? -4.071  -19.179 4.196   1.00 71.82  ? 19  G   B "O2'" 1 
ATOM   660  C  "C1'" . G   B 2 18 ? -1.778  -18.607 4.489   1.00 66.31  ? 19  G   B "C1'" 1 
ATOM   661  N  N9    . G   B 2 18 ? -1.014  -17.497 5.042   1.00 64.03  ? 19  G   B N9    1 
ATOM   662  C  C8    . G   B 2 18 ? 0.076   -16.865 4.500   1.00 64.74  ? 19  G   B C8    1 
ATOM   663  N  N7    . G   B 2 18 ? 0.543   -15.909 5.261   1.00 64.59  ? 19  G   B N7    1 
ATOM   664  C  C5    . G   B 2 18 ? -0.293  -15.912 6.370   1.00 62.87  ? 19  G   B C5    1 
ATOM   665  C  C6    . G   B 2 18 ? -0.278  -15.107 7.542   1.00 62.52  ? 19  G   B C6    1 
ATOM   666  O  O6    . G   B 2 18 ? 0.510   -14.212 7.856   1.00 64.36  ? 19  G   B O6    1 
ATOM   667  N  N1    . G   B 2 18 ? -1.314  -15.440 8.402   1.00 61.40  ? 19  G   B N1    1 
ATOM   668  C  C2    . G   B 2 18 ? -2.235  -16.427 8.177   1.00 62.31  ? 19  G   B C2    1 
ATOM   669  N  N2    . G   B 2 18 ? -3.149  -16.605 9.134   1.00 63.17  ? 19  G   B N2    1 
ATOM   670  N  N3    . G   B 2 18 ? -2.258  -17.190 7.098   1.00 61.89  ? 19  G   B N3    1 
ATOM   671  C  C4    . G   B 2 18 ? -1.263  -16.880 6.244   1.00 62.97  ? 19  G   B C4    1 
ATOM   672  P  P     . A   B 2 19 ? -4.730  -16.775 1.193   1.00 76.09  ? 20  A   B P     1 
ATOM   673  O  OP1   . A   B 2 19 ? -5.905  -17.189 0.384   1.00 76.44  ? 20  A   B OP1   1 
ATOM   674  O  OP2   . A   B 2 19 ? -3.723  -15.860 0.603   1.00 80.39  ? 20  A   B OP2   1 
ATOM   675  O  "O5'" . A   B 2 19 ? -5.234  -16.131 2.563   1.00 71.90  ? 20  A   B "O5'" 1 
ATOM   676  C  "C5'" . A   B 2 19 ? -6.286  -16.737 3.295   1.00 67.01  ? 20  A   B "C5'" 1 
ATOM   677  C  "C4'" . A   B 2 19 ? -6.453  -16.088 4.650   1.00 69.25  ? 20  A   B "C4'" 1 
ATOM   678  O  "O4'" . A   B 2 19 ? -5.217  -16.214 5.409   1.00 68.61  ? 20  A   B "O4'" 1 
ATOM   679  C  "C3'" . A   B 2 19 ? -6.720  -14.591 4.648   1.00 68.54  ? 20  A   B "C3'" 1 
ATOM   680  O  "O3'" . A   B 2 19 ? -8.090  -14.286 4.446   1.00 68.71  ? 20  A   B "O3'" 1 
ATOM   681  C  "C2'" . A   B 2 19 ? -6.268  -14.182 6.044   1.00 69.09  ? 20  A   B "C2'" 1 
ATOM   682  O  "O2'" . A   B 2 19 ? -7.217  -14.490 7.039   1.00 68.13  ? 20  A   B "O2'" 1 
ATOM   683  C  "C1'" . A   B 2 19 ? -5.046  -15.072 6.237   1.00 68.20  ? 20  A   B "C1'" 1 
ATOM   684  N  N9    . A   B 2 19 ? -3.822  -14.380 5.851   1.00 69.47  ? 20  A   B N9    1 
ATOM   685  C  C8    . A   B 2 19 ? -3.044  -14.572 4.738   1.00 69.47  ? 20  A   B C8    1 
ATOM   686  N  N7    . A   B 2 19 ? -2.004  -13.775 4.679   1.00 68.72  ? 20  A   B N7    1 
ATOM   687  C  C5    . A   B 2 19 ? -2.108  -13.007 5.829   1.00 67.18  ? 20  A   B C5    1 
ATOM   688  C  C6    . A   B 2 19 ? -1.316  -11.979 6.345   1.00 66.22  ? 20  A   B C6    1 
ATOM   689  N  N6    . A   B 2 19 ? -0.218  -11.531 5.745   1.00 67.35  ? 20  A   B N6    1 
ATOM   690  N  N1    . A   B 2 19 ? -1.694  -11.418 7.514   1.00 66.61  ? 20  A   B N1    1 
ATOM   691  C  C2    . A   B 2 19 ? -2.795  -11.874 8.113   1.00 67.32  ? 20  A   B C2    1 
ATOM   692  N  N3    . A   B 2 19 ? -3.626  -12.840 7.725   1.00 68.75  ? 20  A   B N3    1 
ATOM   693  C  C4    . A   B 2 19 ? -3.220  -13.370 6.560   1.00 68.01  ? 20  A   B C4    1 
ATOM   694  P  P     . G   B 2 20 ? -8.487  -12.948 3.653   1.00 73.46  ? 21  G   B P     1 
ATOM   695  O  OP1   . G   B 2 20 ? -9.966  -12.797 3.636   1.00 71.51  ? 21  G   B OP1   1 
ATOM   696  O  OP2   . G   B 2 20 ? -7.729  -12.993 2.371   1.00 69.85  ? 21  G   B OP2   1 
ATOM   697  O  "O5'" . G   B 2 20 ? -7.922  -11.776 4.573   1.00 71.89  ? 21  G   B "O5'" 1 
ATOM   698  C  "C5'" . G   B 2 20 ? -8.463  -11.575 5.869   1.00 68.39  ? 21  G   B "C5'" 1 
ATOM   699  C  "C4'" . G   B 2 20 ? -7.760  -10.448 6.585   1.00 66.99  ? 21  G   B "C4'" 1 
ATOM   700  O  "O4'" . G   B 2 20 ? -6.367  -10.800 6.804   1.00 65.06  ? 21  G   B "O4'" 1 
ATOM   701  C  "C3'" . G   B 2 20 ? -7.692  -9.129  5.837   1.00 65.63  ? 21  G   B "C3'" 1 
ATOM   702  O  "O3'" . G   B 2 20 ? -8.862  -8.375  6.073   1.00 69.43  ? 21  G   B "O3'" 1 
ATOM   703  C  "C2'" . G   B 2 20 ? -6.505  -8.454  6.506   1.00 65.23  ? 21  G   B "C2'" 1 
ATOM   704  O  "O2'" . G   B 2 20 ? -6.862  -7.928  7.767   1.00 63.75  ? 21  G   B "O2'" 1 
ATOM   705  C  "C1'" . G   B 2 20 ? -5.568  -9.637  6.727   1.00 60.89  ? 21  G   B "C1'" 1 
ATOM   706  N  N9    . G   B 2 20 ? -4.588  -9.804  5.662   1.00 57.95  ? 21  G   B N9    1 
ATOM   707  C  C8    . G   B 2 20 ? -4.699  -10.573 4.527   1.00 56.51  ? 21  G   B C8    1 
ATOM   708  N  N7    . G   B 2 20 ? -3.632  -10.531 3.777   1.00 55.83  ? 21  G   B N7    1 
ATOM   709  C  C5    . G   B 2 20 ? -2.768  -9.682  4.460   1.00 56.60  ? 21  G   B C5    1 
ATOM   710  C  C6    . G   B 2 20 ? -1.447  -9.262  4.145   1.00 56.19  ? 21  G   B C6    1 
ATOM   711  O  O6    . G   B 2 20 ? -0.744  -9.585  3.180   1.00 58.09  ? 21  G   B O6    1 
ATOM   712  N  N1    . G   B 2 20 ? -0.949  -8.379  5.098   1.00 55.04  ? 21  G   B N1    1 
ATOM   713  C  C2    . G   B 2 20 ? -1.629  -7.962  6.216   1.00 56.48  ? 21  G   B C2    1 
ATOM   714  N  N2    . G   B 2 20 ? -0.990  -7.090  7.006   1.00 54.09  ? 21  G   B N2    1 
ATOM   715  N  N3    . G   B 2 20 ? -2.850  -8.365  6.533   1.00 55.27  ? 21  G   B N3    1 
ATOM   716  C  C4    . G   B 2 20 ? -3.353  -9.215  5.615   1.00 55.89  ? 21  G   B C4    1 
ATOM   717  P  P     . A   B 2 21 ? -9.648  -7.720  4.841   1.00 73.03  ? 22  A   B P     1 
ATOM   718  O  OP1   . A   B 2 21 ? -10.641 -8.718  4.362   1.00 67.64  ? 22  A   B OP1   1 
ATOM   719  O  OP2   . A   B 2 21 ? -8.660  -7.147  3.888   1.00 72.27  ? 22  A   B OP2   1 
ATOM   720  O  "O5'" . A   B 2 21 ? -10.406 -6.501  5.521   1.00 65.92  ? 22  A   B "O5'" 1 
ATOM   721  C  "C5'" . A   B 2 21 ? -9.775  -5.234  5.644   1.00 64.16  ? 22  A   B "C5'" 1 
ATOM   722  C  "C4'" . A   B 2 21 ? -9.571  -4.901  7.097   1.00 66.19  ? 22  A   B "C4'" 1 
ATOM   723  O  "O4'" . A   B 2 21 ? -8.387  -5.588  7.601   1.00 65.35  ? 22  A   B "O4'" 1 
ATOM   724  C  "C3'" . A   B 2 21 ? -9.279  -3.438  7.362   1.00 66.07  ? 22  A   B "C3'" 1 
ATOM   725  O  "O3'" . A   B 2 21 ? -10.498 -2.720  7.430   1.00 63.09  ? 22  A   B "O3'" 1 
ATOM   726  C  "C2'" . A   B 2 21 ? -8.551  -3.488  8.700   1.00 64.88  ? 22  A   B "C2'" 1 
ATOM   727  O  "O2'" . A   B 2 21 ? -9.436  -3.618  9.793   1.00 65.77  ? 22  A   B "O2'" 1 
ATOM   728  C  "C1'" . A   B 2 21 ? -7.718  -4.762  8.546   1.00 62.00  ? 22  A   B "C1'" 1 
ATOM   729  N  N9    . A   B 2 21 ? -6.367  -4.486  8.051   1.00 61.16  ? 22  A   B N9    1 
ATOM   730  C  C8    . A   B 2 21 ? -5.814  -4.848  6.846   1.00 60.61  ? 22  A   B C8    1 
ATOM   731  N  N7    . A   B 2 21 ? -4.581  -4.437  6.686   1.00 58.23  ? 22  A   B N7    1 
ATOM   732  C  C5    . A   B 2 21 ? -4.300  -3.758  7.864   1.00 58.53  ? 22  A   B C5    1 
ATOM   733  C  C6    . A   B 2 21 ? -3.159  -3.071  8.310   1.00 58.18  ? 22  A   B C6    1 
ATOM   734  N  N6    . A   B 2 21 ? -2.044  -2.946  7.590   1.00 58.37  ? 22  A   B N6    1 
ATOM   735  N  N1    . A   B 2 21 ? -3.203  -2.507  9.534   1.00 59.34  ? 22  A   B N1    1 
ATOM   736  C  C2    . A   B 2 21 ? -4.324  -2.624  10.251  1.00 59.71  ? 22  A   B C2    1 
ATOM   737  N  N3    . A   B 2 21 ? -5.464  -3.236  9.939   1.00 60.55  ? 22  A   B N3    1 
ATOM   738  C  C4    . A   B 2 21 ? -5.387  -3.788  8.716   1.00 60.14  ? 22  A   B C4    1 
ATOM   739  P  P     . A   B 2 22 ? -10.583 -1.246  6.808   1.00 68.41  ? 23  A   B P     1 
ATOM   740  O  OP1   . A   B 2 22 ? -11.967 -0.758  7.009   1.00 69.51  ? 23  A   B OP1   1 
ATOM   741  O  OP2   . A   B 2 22 ? -10.006 -1.277  5.438   1.00 63.42  ? 23  A   B OP2   1 
ATOM   742  O  "O5'" . A   B 2 22 ? -9.638  -0.398  7.760   1.00 64.38  ? 23  A   B "O5'" 1 
ATOM   743  C  "C5'" . A   B 2 22 ? -9.922  -0.314  9.149   1.00 60.25  ? 23  A   B "C5'" 1 
ATOM   744  C  "C4'" . A   B 2 22 ? -8.779  0.340   9.871   1.00 60.52  ? 23  A   B "C4'" 1 
ATOM   745  O  "O4'" . A   B 2 22 ? -7.614  -0.527  9.818   1.00 62.33  ? 23  A   B "O4'" 1 
ATOM   746  C  "C3'" . A   B 2 22 ? -8.308  1.636   9.249   1.00 62.42  ? 23  A   B "C3'" 1 
ATOM   747  O  "O3'" . A   B 2 22 ? -9.109  2.714   9.701   1.00 61.76  ? 23  A   B "O3'" 1 
ATOM   748  C  "C2'" . A   B 2 22 ? -6.874  1.726   9.753   1.00 62.17  ? 23  A   B "C2'" 1 
ATOM   749  O  "O2'" . A   B 2 22 ? -6.815  2.193   11.081  1.00 67.96  ? 23  A   B "O2'" 1 
ATOM   750  C  "C1'" . A   B 2 22 ? -6.440  0.259   9.707   1.00 60.28  ? 23  A   B "C1'" 1 
ATOM   751  N  N9    . A   B 2 22 ? -5.773  -0.080  8.448   1.00 57.05  ? 23  A   B N9    1 
ATOM   752  C  C8    . A   B 2 22 ? -6.270  -0.796  7.390   1.00 54.49  ? 23  A   B C8    1 
ATOM   753  N  N7    . A   B 2 22 ? -5.444  -0.870  6.371   1.00 54.79  ? 23  A   B N7    1 
ATOM   754  C  C5    . A   B 2 22 ? -4.328  -0.164  6.795   1.00 51.21  ? 23  A   B C5    1 
ATOM   755  C  C6    . A   B 2 22 ? -3.119  0.142   6.172   1.00 51.04  ? 23  A   B C6    1 
ATOM   756  N  N6    . A   B 2 22 ? -2.814  -0.225  4.925   1.00 49.79  ? 23  A   B N6    1 
ATOM   757  N  N1    . A   B 2 22 ? -2.214  0.856   6.875   1.00 52.44  ? 23  A   B N1    1 
ATOM   758  C  C2    . A   B 2 22 ? -2.519  1.232   8.115   1.00 49.19  ? 23  A   B C2    1 
ATOM   759  N  N3    . A   B 2 22 ? -3.624  1.013   8.805   1.00 52.55  ? 23  A   B N3    1 
ATOM   760  C  C4    . A   B 2 22 ? -4.504  0.304   8.079   1.00 53.30  ? 23  A   B C4    1 
ATOM   761  P  P     . A   B 2 23 ? -9.140  4.084   8.869   1.00 65.92  ? 24  A   B P     1 
ATOM   762  O  OP1   . A   B 2 23 ? -9.926  5.059   9.659   1.00 65.84  ? 24  A   B OP1   1 
ATOM   763  O  OP2   . A   B 2 23 ? -9.515  3.804   7.457   1.00 60.82  ? 24  A   B OP2   1 
ATOM   764  O  "O5'" . A   B 2 23 ? -7.633  4.574   8.909   1.00 63.31  ? 24  A   B "O5'" 1 
ATOM   765  C  "C5'" . A   B 2 23 ? -7.056  5.045   10.114  1.00 59.27  ? 24  A   B "C5'" 1 
ATOM   766  C  "C4'" . A   B 2 23 ? -5.678  5.572   9.833   1.00 60.17  ? 24  A   B "C4'" 1 
ATOM   767  O  "O4'" . A   B 2 23 ? -4.816  4.472   9.434   1.00 58.32  ? 24  A   B "O4'" 1 
ATOM   768  C  "C3'" . A   B 2 23 ? -5.609  6.554   8.678   1.00 58.08  ? 24  A   B "C3'" 1 
ATOM   769  O  "O3'" . A   B 2 23 ? -5.916  7.864   9.126   1.00 53.82  ? 24  A   B "O3'" 1 
ATOM   770  C  "C2'" . A   B 2 23 ? -4.159  6.411   8.238   1.00 59.56  ? 24  A   B "C2'" 1 
ATOM   771  O  "O2'" . A   B 2 23 ? -3.276  7.101   9.096   1.00 64.22  ? 24  A   B "O2'" 1 
ATOM   772  C  "C1'" . A   B 2 23 ? -3.939  4.904   8.411   1.00 57.78  ? 24  A   B "C1'" 1 
ATOM   773  N  N9    . A   B 2 23 ? -4.263  4.148   7.198   1.00 54.92  ? 24  A   B N9    1 
ATOM   774  C  C8    . A   B 2 23 ? -5.405  3.433   6.938   1.00 51.57  ? 24  A   B C8    1 
ATOM   775  N  N7    . A   B 2 23 ? -5.407  2.851   5.764   1.00 49.97  ? 24  A   B N7    1 
ATOM   776  C  C5    . A   B 2 23 ? -4.189  3.209   5.212   1.00 50.75  ? 24  A   B C5    1 
ATOM   777  C  C6    . A   B 2 23 ? -3.594  2.920   3.977   1.00 51.81  ? 24  A   B C6    1 
ATOM   778  N  N6    . A   B 2 23 ? -4.174  2.179   3.031   1.00 52.19  ? 24  A   B N6    1 
ATOM   779  N  N1    . A   B 2 23 ? -2.368  3.430   3.737   1.00 53.26  ? 24  A   B N1    1 
ATOM   780  C  C2    . A   B 2 23 ? -1.792  4.186   4.681   1.00 52.84  ? 24  A   B C2    1 
ATOM   781  N  N3    . A   B 2 23 ? -2.254  4.536   5.875   1.00 52.27  ? 24  A   B N3    1 
ATOM   782  C  C4    . A   B 2 23 ? -3.472  4.008   6.083   1.00 53.13  ? 24  A   B C4    1 
ATOM   783  P  P     . C   B 2 24 ? -6.536  8.930   8.098   1.00 58.84  ? 25  C   B P     1 
ATOM   784  O  OP1   . C   B 2 24 ? -6.564  10.238  8.788   1.00 54.04  ? 25  C   B OP1   1 
ATOM   785  O  OP2   . C   B 2 24 ? -7.794  8.367   7.521   1.00 51.13  ? 25  C   B OP2   1 
ATOM   786  O  "O5'" . C   B 2 24 ? -5.444  9.037   6.941   1.00 54.44  ? 25  C   B "O5'" 1 
ATOM   787  C  "C5'" . C   B 2 24 ? -4.174  9.626   7.186   1.00 52.54  ? 25  C   B "C5'" 1 
ATOM   788  C  "C4'" . C   B 2 24 ? -3.270  9.456   5.981   1.00 55.60  ? 25  C   B "C4'" 1 
ATOM   789  O  "O4'" . C   B 2 24 ? -3.076  8.038   5.703   1.00 57.92  ? 25  C   B "O4'" 1 
ATOM   790  C  "C3'" . C   B 2 24 ? -3.810  10.018  4.679   1.00 54.36  ? 25  C   B "C3'" 1 
ATOM   791  O  "O3'" . C   B 2 24 ? -3.503  11.402  4.603   1.00 55.09  ? 25  C   B "O3'" 1 
ATOM   792  C  "C2'" . C   B 2 24 ? -3.059  9.202   3.631   1.00 52.74  ? 25  C   B "C2'" 1 
ATOM   793  O  "O2'" . C   B 2 24 ? -1.744  9.656   3.412   1.00 56.16  ? 25  C   B "O2'" 1 
ATOM   794  C  "C1'" . C   B 2 24 ? -2.988  7.833   4.304   1.00 50.86  ? 25  C   B "C1'" 1 
ATOM   795  N  N1    . C   B 2 24 ? -4.068  6.928   3.901   1.00 47.29  ? 25  C   B N1    1 
ATOM   796  C  C2    . C   B 2 24 ? -3.967  6.272   2.680   1.00 46.45  ? 25  C   B C2    1 
ATOM   797  O  O2    . C   B 2 24 ? -2.985  6.490   1.972   1.00 49.71  ? 25  C   B O2    1 
ATOM   798  N  N3    . C   B 2 24 ? -4.941  5.423   2.299   1.00 44.52  ? 25  C   B N3    1 
ATOM   799  C  C4    . C   B 2 24 ? -5.995  5.227   3.091   1.00 43.84  ? 25  C   B C4    1 
ATOM   800  N  N4    . C   B 2 24 ? -6.944  4.389   2.674   1.00 42.00  ? 25  C   B N4    1 
ATOM   801  C  C5    . C   B 2 24 ? -6.127  5.888   4.345   1.00 43.19  ? 25  C   B C5    1 
ATOM   802  C  C6    . C   B 2 24 ? -5.151  6.726   4.706   1.00 45.27  ? 25  C   B C6    1 
ATOM   803  P  P     . A   B 2 25 ? -4.291  12.337  3.568   1.00 57.65  ? 26  A   B P     1 
ATOM   804  O  OP1   . A   B 2 25 ? -3.690  13.689  3.667   1.00 55.70  ? 26  A   B OP1   1 
ATOM   805  O  OP2   . A   B 2 25 ? -5.751  12.163  3.749   1.00 55.62  ? 26  A   B OP2   1 
ATOM   806  O  "O5'" . A   B 2 25 ? -3.898  11.752  2.146   1.00 54.06  ? 26  A   B "O5'" 1 
ATOM   807  C  "C5'" . A   B 2 25 ? -2.659  12.088  1.558   1.00 51.72  ? 26  A   B "C5'" 1 
ATOM   808  C  "C4'" . A   B 2 25 ? -2.542  11.441  0.209   1.00 52.88  ? 26  A   B "C4'" 1 
ATOM   809  O  "O4'" . A   B 2 25 ? -2.677  10.008  0.377   1.00 51.65  ? 26  A   B "O4'" 1 
ATOM   810  C  "C3'" . A   B 2 25 ? -3.636  11.794  -0.778  1.00 54.22  ? 26  A   B "C3'" 1 
ATOM   811  O  "O3'" . A   B 2 25 ? -3.367  13.013  -1.446  1.00 61.50  ? 26  A   B "O3'" 1 
ATOM   812  C  "C2'" . A   B 2 25 ? -3.600  10.601  -1.718  1.00 52.59  ? 26  A   B "C2'" 1 
ATOM   813  O  "O2'" . A   B 2 25 ? -2.494  10.652  -2.595  1.00 49.34  ? 26  A   B "O2'" 1 
ATOM   814  C  "C1'" . A   B 2 25 ? -3.373  9.466   -0.727  1.00 50.92  ? 26  A   B "C1'" 1 
ATOM   815  N  N9    . A   B 2 25 ? -4.624  8.912   -0.226  1.00 48.65  ? 26  A   B N9    1 
ATOM   816  C  C8    . A   B 2 25 ? -5.212  9.144   0.991   1.00 50.07  ? 26  A   B C8    1 
ATOM   817  N  N7    . A   B 2 25 ? -6.308  8.451   1.188   1.00 51.01  ? 26  A   B N7    1 
ATOM   818  C  C5    . A   B 2 25 ? -6.455  7.724   0.011   1.00 48.84  ? 26  A   B C5    1 
ATOM   819  C  C6    . A   B 2 25 ? -7.411  6.786   -0.407  1.00 48.43  ? 26  A   B C6    1 
ATOM   820  N  N6    . A   B 2 25 ? -8.440  6.392   0.345   1.00 46.40  ? 26  A   B N6    1 
ATOM   821  N  N1    . A   B 2 25 ? -7.271  6.255   -1.636  1.00 48.27  ? 26  A   B N1    1 
ATOM   822  C  C2    . A   B 2 25 ? -6.234  6.645   -2.387  1.00 48.61  ? 26  A   B C2    1 
ATOM   823  N  N3    . A   B 2 25 ? -5.270  7.511   -2.104  1.00 47.80  ? 26  A   B N3    1 
ATOM   824  C  C4    . A   B 2 25 ? -5.438  8.018   -0.874  1.00 46.82  ? 26  A   B C4    1 
ATOM   825  P  P     . C   B 2 26 ? -4.588  13.918  -1.968  1.00 64.09  ? 27  C   B P     1 
ATOM   826  O  OP1   . C   B 2 26 ? -3.987  15.104  -2.615  1.00 61.98  ? 27  C   B OP1   1 
ATOM   827  O  OP2   . C   B 2 26 ? -5.554  14.097  -0.849  1.00 61.45  ? 27  C   B OP2   1 
ATOM   828  O  "O5'" . C   B 2 26 ? -5.281  13.021  -3.087  1.00 59.18  ? 27  C   B "O5'" 1 
ATOM   829  C  "C5'" . C   B 2 26 ? -4.596  12.716  -4.292  1.00 52.74  ? 27  C   B "C5'" 1 
ATOM   830  C  "C4'" . C   B 2 26 ? -5.369  11.699  -5.095  1.00 52.18  ? 27  C   B "C4'" 1 
ATOM   831  O  "O4'" . C   B 2 26 ? -5.556  10.497  -4.300  1.00 52.46  ? 27  C   B "O4'" 1 
ATOM   832  C  "C3'" . C   B 2 26 ? -6.786  12.102  -5.436  1.00 55.22  ? 27  C   B "C3'" 1 
ATOM   833  O  "O3'" . C   B 2 26 ? -6.797  12.938  -6.575  1.00 63.35  ? 27  C   B "O3'" 1 
ATOM   834  C  "C2'" . C   B 2 26 ? -7.453  10.756  -5.689  1.00 54.06  ? 27  C   B "C2'" 1 
ATOM   835  O  "O2'" . C   B 2 26 ? -7.104  10.198  -6.935  1.00 57.40  ? 27  C   B "O2'" 1 
ATOM   836  C  "C1'" . C   B 2 26 ? -6.800  9.899   -4.614  1.00 48.53  ? 27  C   B "C1'" 1 
ATOM   837  N  N1    . C   B 2 26 ? -7.609  9.820   -3.397  1.00 47.00  ? 27  C   B N1    1 
ATOM   838  C  C2    . C   B 2 26 ? -8.651  8.892   -3.347  1.00 47.16  ? 27  C   B C2    1 
ATOM   839  O  O2    . C   B 2 26 ? -8.850  8.163   -4.334  1.00 46.24  ? 27  C   B O2    1 
ATOM   840  N  N3    . C   B 2 26 ? -9.414  8.811   -2.227  1.00 44.81  ? 27  C   B N3    1 
ATOM   841  C  C4    . C   B 2 26 ? -9.159  9.615   -1.193  1.00 42.76  ? 27  C   B C4    1 
ATOM   842  N  N4    . C   B 2 26 ? -9.927  9.514   -0.112  1.00 42.89  ? 27  C   B N4    1 
ATOM   843  C  C5    . C   B 2 26 ? -8.104  10.564  -1.221  1.00 44.35  ? 27  C   B C5    1 
ATOM   844  C  C6    . C   B 2 26 ? -7.358  10.634  -2.333  1.00 45.87  ? 27  C   B C6    1 
ATOM   845  P  P     . A   B 2 27 ? -7.954  14.033  -6.740  1.00 64.23  ? 28  A   B P     1 
ATOM   846  O  OP1   . A   B 2 27 ? -7.582  14.853  -7.918  1.00 63.98  ? 28  A   B OP1   1 
ATOM   847  O  OP2   . A   B 2 27 ? -8.157  14.690  -5.426  1.00 61.74  ? 28  A   B OP2   1 
ATOM   848  O  "O5'" . A   B 2 27 ? -9.231  13.153  -7.101  1.00 58.37  ? 28  A   B "O5'" 1 
ATOM   849  C  "C5'" . A   B 2 27 ? -9.229  12.363  -8.276  1.00 54.63  ? 28  A   B "C5'" 1 
ATOM   850  C  "C4'" . A   B 2 27 ? -10.457 11.493  -8.337  1.00 58.51  ? 28  A   B "C4'" 1 
ATOM   851  O  "O4'" . A   B 2 27 ? -10.398 10.491  -7.287  1.00 58.98  ? 28  A   B "O4'" 1 
ATOM   852  C  "C3'" . A   B 2 27 ? -11.776 12.205  -8.091  1.00 59.57  ? 28  A   B "C3'" 1 
ATOM   853  O  "O3'" . A   B 2 27 ? -12.256 12.801  -9.282  1.00 58.64  ? 28  A   B "O3'" 1 
ATOM   854  C  "C2'" . A   B 2 27 ? -12.671 11.056  -7.657  1.00 59.91  ? 28  A   B "C2'" 1 
ATOM   855  O  "O2'" . A   B 2 27 ? -13.050 10.295  -8.787  1.00 62.96  ? 28  A   B "O2'" 1 
ATOM   856  C  "C1'" . A   B 2 27 ? -11.707 10.225  -6.807  1.00 55.91  ? 28  A   B "C1'" 1 
ATOM   857  N  N9    . A   B 2 27 ? -11.763 10.552  -5.379  1.00 52.10  ? 28  A   B N9    1 
ATOM   858  C  C8    . A   B 2 27 ? -11.014 11.475  -4.687  1.00 51.49  ? 28  A   B C8    1 
ATOM   859  N  N7    . A   B 2 27 ? -11.313 11.548  -3.409  1.00 47.74  ? 28  A   B N7    1 
ATOM   860  C  C5    . A   B 2 27 ? -12.326 10.614  -3.251  1.00 47.27  ? 28  A   B C5    1 
ATOM   861  C  C6    . A   B 2 27 ? -13.078 10.223  -2.139  1.00 48.08  ? 28  A   B C6    1 
ATOM   862  N  N6    . A   B 2 27 ? -12.918 10.742  -0.919  1.00 45.12  ? 28  A   B N6    1 
ATOM   863  N  N1    . A   B 2 27 ? -14.018 9.265   -2.319  1.00 49.01  ? 28  A   B N1    1 
ATOM   864  C  C2    . A   B 2 27 ? -14.174 8.743   -3.541  1.00 46.70  ? 28  A   B C2    1 
ATOM   865  N  N3    . A   B 2 27 ? -13.526 9.030   -4.666  1.00 47.91  ? 28  A   B N3    1 
ATOM   866  C  C4    . A   B 2 27 ? -12.607 9.986   -4.453  1.00 48.34  ? 28  A   B C4    1 
ATOM   867  P  P     . C   B 2 28 ? -13.226 14.076  -9.197  1.00 63.41  ? 29  C   B P     1 
ATOM   868  O  OP1   . C   B 2 28 ? -13.442 14.511  -10.600 1.00 63.39  ? 29  C   B OP1   1 
ATOM   869  O  OP2   . C   B 2 28 ? -12.695 15.047  -8.208  1.00 57.55  ? 29  C   B OP2   1 
ATOM   870  O  "O5'" . C   B 2 28 ? -14.589 13.473  -8.642  1.00 55.57  ? 29  C   B "O5'" 1 
ATOM   871  C  "C5'" . C   B 2 28 ? -15.362 12.610  -9.461  1.00 53.55  ? 29  C   B "C5'" 1 
ATOM   872  C  "C4'" . C   B 2 28 ? -16.443 11.940  -8.660  1.00 54.86  ? 29  C   B "C4'" 1 
ATOM   873  O  "O4'" . C   B 2 28 ? -15.832 11.134  -7.613  1.00 55.76  ? 29  C   B "O4'" 1 
ATOM   874  C  "C3'" . C   B 2 28 ? -17.370 12.878  -7.907  1.00 54.36  ? 29  C   B "C3'" 1 
ATOM   875  O  "O3'" . C   B 2 28 ? -18.410 13.319  -8.765  1.00 54.49  ? 29  C   B "O3'" 1 
ATOM   876  C  "C2'" . C   B 2 28 ? -17.902 11.966  -6.811  1.00 54.78  ? 29  C   B "C2'" 1 
ATOM   877  O  "O2'" . C   B 2 28 ? -18.900 11.099  -7.309  1.00 54.59  ? 29  C   B "O2'" 1 
ATOM   878  C  "C1'" . C   B 2 28 ? -16.656 11.148  -6.465  1.00 50.90  ? 29  C   B "C1'" 1 
ATOM   879  N  N1    . C   B 2 28 ? -15.923 11.768  -5.360  1.00 47.25  ? 29  C   B N1    1 
ATOM   880  C  C2    . C   B 2 28 ? -16.363 11.521  -4.063  1.00 45.58  ? 29  C   B C2    1 
ATOM   881  O  O2    . C   B 2 28 ? -17.278 10.702  -3.899  1.00 45.92  ? 29  C   B O2    1 
ATOM   882  N  N3    . C   B 2 28 ? -15.780 12.168  -3.026  1.00 41.64  ? 29  C   B N3    1 
ATOM   883  C  C4    . C   B 2 28 ? -14.778 13.021  -3.256  1.00 43.00  ? 29  C   B C4    1 
ATOM   884  N  N4    . C   B 2 28 ? -14.264 13.684  -2.215  1.00 42.47  ? 29  C   B N4    1 
ATOM   885  C  C5    . C   B 2 28 ? -14.266 13.245  -4.570  1.00 43.67  ? 29  C   B C5    1 
ATOM   886  C  C6    . C   B 2 28 ? -14.862 12.598  -5.586  1.00 46.88  ? 29  C   B C6    1 
ATOM   887  P  P     . G   B 2 29 ? -19.238 14.652  -8.414  1.00 58.88  ? 30  G   B P     1 
ATOM   888  O  OP1   . G   B 2 29 ? -20.208 14.769  -9.529  1.00 58.05  ? 30  G   B OP1   1 
ATOM   889  O  OP2   . G   B 2 29 ? -18.359 15.809  -8.081  1.00 47.42  ? 30  G   B OP2   1 
ATOM   890  O  "O5'" . G   B 2 29 ? -20.045 14.261  -7.099  1.00 57.30  ? 30  G   B "O5'" 1 
ATOM   891  C  "C5'" . G   B 2 29 ? -20.944 13.163  -7.108  1.00 53.41  ? 30  G   B "C5'" 1 
ATOM   892  C  "C4'" . G   B 2 29 ? -21.583 12.987  -5.753  1.00 55.99  ? 30  G   B "C4'" 1 
ATOM   893  O  "O4'" . G   B 2 29 ? -20.651 12.368  -4.822  1.00 58.08  ? 30  G   B "O4'" 1 
ATOM   894  C  "C3'" . G   B 2 29 ? -21.984 14.271  -5.060  1.00 56.07  ? 30  G   B "C3'" 1 
ATOM   895  O  "O3'" . G   B 2 29 ? -23.219 14.740  -5.554  1.00 54.52  ? 30  G   B "O3'" 1 
ATOM   896  C  "C2'" . G   B 2 29 ? -22.052 13.835  -3.604  1.00 54.89  ? 30  G   B "C2'" 1 
ATOM   897  O  "O2'" . G   B 2 29 ? -23.223 13.093  -3.372  1.00 52.83  ? 30  G   B "O2'" 1 
ATOM   898  C  "C1'" . G   B 2 29 ? -20.857 12.890  -3.518  1.00 54.80  ? 30  G   B "C1'" 1 
ATOM   899  N  N9    . G   B 2 29 ? -19.649 13.598  -3.107  1.00 59.14  ? 30  G   B N9    1 
ATOM   900  C  C8    . G   B 2 29 ? -18.647 14.074  -3.920  1.00 60.30  ? 30  G   B C8    1 
ATOM   901  N  N7    . G   B 2 29 ? -17.714 14.711  -3.263  1.00 60.24  ? 30  G   B N7    1 
ATOM   902  C  C5    . G   B 2 29 ? -18.121 14.640  -1.938  1.00 59.45  ? 30  G   B C5    1 
ATOM   903  C  C6    . G   B 2 29 ? -17.530 15.172  -0.774  1.00 59.50  ? 30  G   B C6    1 
ATOM   904  O  O6    . G   B 2 29 ? -16.491 15.823  -0.671  1.00 59.89  ? 30  G   B O6    1 
ATOM   905  N  N1    . G   B 2 29 ? -18.286 14.888  0.357   1.00 59.90  ? 30  G   B N1    1 
ATOM   906  C  C2    . G   B 2 29 ? -19.459 14.179  0.361   1.00 59.52  ? 30  G   B C2    1 
ATOM   907  N  N2    . G   B 2 29 ? -20.053 14.013  1.549   1.00 62.24  ? 30  G   B N2    1 
ATOM   908  N  N3    . G   B 2 29 ? -20.016 13.672  -0.719  1.00 58.91  ? 30  G   B N3    1 
ATOM   909  C  C4    . G   B 2 29 ? -19.305 13.945  -1.826  1.00 59.02  ? 30  G   B C4    1 
ATOM   910  P  P     . A   B 2 30 ? -23.697 16.233  -5.209  1.00 54.18  ? 31  A   B P     1 
ATOM   911  O  OP1   . A   B 2 30 ? -24.963 16.418  -5.968  1.00 55.69  ? 31  A   B OP1   1 
ATOM   912  O  OP2   . A   B 2 30 ? -22.583 17.190  -5.410  1.00 42.44  ? 31  A   B OP2   1 
ATOM   913  O  "O5'" . A   B 2 30 ? -24.019 16.143  -3.649  1.00 52.91  ? 31  A   B "O5'" 1 
ATOM   914  C  "C5'" . A   B 2 30 ? -24.309 17.316  -2.909  1.00 61.91  ? 31  A   B "C5'" 1 
ATOM   915  C  "C4'" . A   B 2 30 ? -24.119 17.079  -1.435  1.00 61.78  ? 31  A   B "C4'" 1 
ATOM   916  O  "O4'" . A   B 2 30 ? -22.938 16.275  -1.210  1.00 65.66  ? 31  A   B "O4'" 1 
ATOM   917  C  "C3'" . A   B 2 30 ? -23.852 18.354  -0.666  1.00 63.33  ? 31  A   B "C3'" 1 
ATOM   918  O  "O3'" . A   B 2 30 ? -25.047 19.075  -0.476  1.00 69.32  ? 31  A   B "O3'" 1 
ATOM   919  C  "C2'" . A   B 2 30 ? -23.117 17.848  0.563   1.00 65.57  ? 31  A   B "C2'" 1 
ATOM   920  O  "O2'" . A   B 2 30 ? -23.982 17.305  1.537   1.00 69.74  ? 31  A   B "O2'" 1 
ATOM   921  C  "C1'" . A   B 2 30 ? -22.268 16.730  -0.043  1.00 64.43  ? 31  A   B "C1'" 1 
ATOM   922  N  N9    . A   B 2 30 ? -20.940 17.198  -0.440  1.00 62.22  ? 31  A   B N9    1 
ATOM   923  C  C8    . A   B 2 30 ? -20.425 17.268  -1.710  1.00 62.96  ? 31  A   B C8    1 
ATOM   924  N  N7    . A   B 2 30 ? -19.197 17.725  -1.758  1.00 60.62  ? 31  A   B N7    1 
ATOM   925  C  C5    . A   B 2 30 ? -18.887 17.972  -0.431  1.00 59.88  ? 31  A   B C5    1 
ATOM   926  C  C6    . A   B 2 30 ? -17.733 18.461  0.186   1.00 58.92  ? 31  A   B C6    1 
ATOM   927  N  N6    . A   B 2 30 ? -16.633 18.805  -0.479  1.00 57.14  ? 31  A   B N6    1 
ATOM   928  N  N1    . A   B 2 30 ? -17.745 18.591  1.526   1.00 58.50  ? 31  A   B N1    1 
ATOM   929  C  C2    . A   B 2 30 ? -18.850 18.250  2.188   1.00 58.54  ? 31  A   B C2    1 
ATOM   930  N  N3    . A   B 2 30 ? -19.998 17.775  1.723   1.00 58.94  ? 31  A   B N3    1 
ATOM   931  C  C4    . A   B 2 30 ? -19.950 17.656  0.390   1.00 60.47  ? 31  A   B C4    1 
ATOM   932  O  "O5'" . U   C 3 1  ? -10.630 19.981  6.776   1.00 56.14  ? 31  U   C "O5'" 1 
ATOM   933  C  "C5'" . U   C 3 1  ? -11.287 18.756  7.082   1.00 52.82  ? 31  U   C "C5'" 1 
ATOM   934  C  "C4'" . U   C 3 1  ? -12.619 18.963  7.766   1.00 57.21  ? 31  U   C "C4'" 1 
ATOM   935  O  "O4'" . U   C 3 1  ? -13.327 20.099  7.185   1.00 59.20  ? 31  U   C "O4'" 1 
ATOM   936  C  "C3'" . U   C 3 1  ? -13.530 17.762  7.598   1.00 57.04  ? 31  U   C "C3'" 1 
ATOM   937  O  "O3'" . U   C 3 1  ? -13.339 16.904  8.710   1.00 53.48  ? 31  U   C "O3'" 1 
ATOM   938  C  "C2'" . U   C 3 1  ? -14.924 18.386  7.532   1.00 55.95  ? 31  U   C "C2'" 1 
ATOM   939  O  "O2'" . U   C 3 1  ? -15.487 18.650  8.800   1.00 59.86  ? 31  U   C "O2'" 1 
ATOM   940  C  "C1'" . U   C 3 1  ? -14.637 19.707  6.808   1.00 56.25  ? 31  U   C "C1'" 1 
ATOM   941  N  N1    . U   C 3 1  ? -14.643 19.607  5.341   1.00 56.92  ? 31  U   C N1    1 
ATOM   942  C  C2    . U   C 3 1  ? -15.821 19.240  4.677   1.00 56.51  ? 31  U   C C2    1 
ATOM   943  O  O2    . U   C 3 1  ? -16.891 19.045  5.243   1.00 57.13  ? 31  U   C O2    1 
ATOM   944  N  N3    . U   C 3 1  ? -15.693 19.121  3.318   1.00 54.80  ? 31  U   C N3    1 
ATOM   945  C  C4    . U   C 3 1  ? -14.550 19.338  2.571   1.00 56.70  ? 31  U   C C4    1 
ATOM   946  O  O4    . U   C 3 1  ? -14.568 19.111  1.366   1.00 59.20  ? 31  U   C O4    1 
ATOM   947  C  C5    . U   C 3 1  ? -13.404 19.742  3.320   1.00 55.88  ? 31  U   C C5    1 
ATOM   948  C  C6    . U   C 3 1  ? -13.487 19.858  4.642   1.00 54.82  ? 31  U   C C6    1 
ATOM   949  P  P     . C   C 3 2  ? -13.070 15.342  8.478   1.00 56.51  ? 32  C   C P     1 
ATOM   950  O  OP1   . C   C 3 2  ? -12.582 14.797  9.769   1.00 61.27  ? 32  C   C OP1   1 
ATOM   951  O  OP2   . C   C 3 2  ? -12.258 15.171  7.246   1.00 54.88  ? 32  C   C OP2   1 
ATOM   952  O  "O5'" . C   C 3 2  ? -14.513 14.730  8.215   1.00 54.82  ? 32  C   C "O5'" 1 
ATOM   953  C  "C5'" . C   C 3 2  ? -15.571 14.968  9.124   1.00 55.10  ? 32  C   C "C5'" 1 
ATOM   954  C  "C4'" . C   C 3 2  ? -16.897 14.770  8.437   1.00 60.85  ? 32  C   C "C4'" 1 
ATOM   955  O  "O4'" . C   C 3 2  ? -17.123 15.827  7.461   1.00 62.35  ? 32  C   C "O4'" 1 
ATOM   956  C  "C3'" . C   C 3 2  ? -17.015 13.494  7.627   1.00 56.76  ? 32  C   C "C3'" 1 
ATOM   957  O  "O3'" . C   C 3 2  ? -17.358 12.398  8.447   1.00 49.28  ? 32  C   C "O3'" 1 
ATOM   958  C  "C2'" . C   C 3 2  ? -18.149 13.833  6.675   1.00 60.13  ? 32  C   C "C2'" 1 
ATOM   959  O  "O2'" . C   C 3 2  ? -19.412 13.729  7.305   1.00 64.84  ? 32  C   C "O2'" 1 
ATOM   960  C  "C1'" . C   C 3 2  ? -17.849 15.300  6.360   1.00 61.03  ? 32  C   C "C1'" 1 
ATOM   961  N  N1    . C   C 3 2  ? -17.046 15.482  5.145   1.00 60.49  ? 32  C   C N1    1 
ATOM   962  C  C2    . C   C 3 2  ? -17.634 15.226  3.902   1.00 61.95  ? 32  C   C C2    1 
ATOM   963  O  O2    . C   C 3 2  ? -18.805 14.841  3.865   1.00 61.10  ? 32  C   C O2    1 
ATOM   964  N  N3    . C   C 3 2  ? -16.913 15.409  2.776   1.00 62.73  ? 32  C   C N3    1 
ATOM   965  C  C4    . C   C 3 2  ? -15.656 15.845  2.862   1.00 64.23  ? 32  C   C C4    1 
ATOM   966  N  N4    . C   C 3 2  ? -14.987 16.050  1.728   1.00 65.06  ? 32  C   C N4    1 
ATOM   967  C  C5    . C   C 3 2  ? -15.028 16.101  4.116   1.00 63.24  ? 32  C   C C5    1 
ATOM   968  C  C6    . C   C 3 2  ? -15.752 15.904  5.221   1.00 60.17  ? 32  C   C C6    1 
ATOM   969  P  P     . G   C 3 3  ? -16.989 10.916  7.967   1.00 55.39  ? 33  G   C P     1 
ATOM   970  O  OP1   . G   C 3 3  ? -17.248 9.993   9.097   1.00 52.74  ? 33  G   C OP1   1 
ATOM   971  O  OP2   . G   C 3 3  ? -15.648 10.980  7.345   1.00 50.64  ? 33  G   C OP2   1 
ATOM   972  O  "O5'" . G   C 3 3  ? -18.005 10.576  6.788   1.00 56.42  ? 33  G   C "O5'" 1 
ATOM   973  C  "C5'" . G   C 3 3  ? -19.375 10.295  7.045   1.00 57.11  ? 33  G   C "C5'" 1 
ATOM   974  C  "C4'" . G   C 3 3  ? -20.065 9.923   5.760   1.00 57.95  ? 33  G   C "C4'" 1 
ATOM   975  O  "O4'" . G   C 3 3  ? -19.978 11.039  4.838   1.00 59.02  ? 33  G   C "O4'" 1 
ATOM   976  C  "C3'" . G   C 3 3  ? -19.423 8.761   5.030   1.00 56.85  ? 33  G   C "C3'" 1 
ATOM   977  O  "O3'" . G   C 3 3  ? -20.013 7.554   5.478   1.00 57.28  ? 33  G   C "O3'" 1 
ATOM   978  C  "C2'" . G   C 3 3  ? -19.777 9.043   3.577   1.00 56.62  ? 33  G   C "C2'" 1 
ATOM   979  O  "O2'" . G   C 3 3  ? -21.092 8.647   3.274   1.00 56.12  ? 33  G   C "O2'" 1 
ATOM   980  C  "C1'" . G   C 3 3  ? -19.710 10.568  3.535   1.00 56.31  ? 33  G   C "C1'" 1 
ATOM   981  N  N9    . G   C 3 3  ? -18.431 11.131  3.116   1.00 56.96  ? 33  G   C N9    1 
ATOM   982  C  C8    . G   C 3 3  ? -17.501 11.739  3.921   1.00 55.46  ? 33  G   C C8    1 
ATOM   983  N  N7    . G   C 3 3  ? -16.485 12.222  3.257   1.00 57.18  ? 33  G   C N7    1 
ATOM   984  C  C5    . G   C 3 3  ? -16.750 11.895  1.935   1.00 55.20  ? 33  G   C C5    1 
ATOM   985  C  C6    . G   C 3 3  ? -16.013 12.170  0.761   1.00 54.81  ? 33  G   C C6    1 
ATOM   986  O  O6    . G   C 3 3  ? -14.942 12.778  0.648   1.00 55.71  ? 33  G   C O6    1 
ATOM   987  N  N1    . G   C 3 3  ? -16.644 11.662  -0.367  1.00 54.33  ? 33  G   C N1    1 
ATOM   988  C  C2    . G   C 3 3  ? -17.833 10.983  -0.366  1.00 54.28  ? 33  G   C C2    1 
ATOM   989  N  N2    . G   C 3 3  ? -18.280 10.583  -1.556  1.00 54.95  ? 33  G   C N2    1 
ATOM   990  N  N3    . G   C 3 3  ? -18.533 10.717  0.722   1.00 53.85  ? 33  G   C N3    1 
ATOM   991  C  C4    . G   C 3 3  ? -17.939 11.204  1.831   1.00 56.40  ? 33  G   C C4    1 
ATOM   992  P  P     . U   C 3 4  ? -19.292 6.156   5.177   1.00 59.83  ? 34  U   C P     1 
ATOM   993  O  OP1   . U   C 3 4  ? -20.174 5.069   5.675   1.00 61.43  ? 34  U   C OP1   1 
ATOM   994  O  OP2   . U   C 3 4  ? -17.892 6.258   5.658   1.00 61.79  ? 34  U   C OP2   1 
ATOM   995  O  "O5'" . U   C 3 4  ? -19.243 6.052   3.591   1.00 62.22  ? 34  U   C "O5'" 1 
ATOM   996  C  "C5'" . U   C 3 4  ? -20.391 5.656   2.862   1.00 61.10  ? 34  U   C "C5'" 1 
ATOM   997  C  "C4'" . U   C 3 4  ? -20.129 5.760   1.384   1.00 61.08  ? 34  U   C "C4'" 1 
ATOM   998  O  "O4'" . U   C 3 4  ? -19.679 7.104   1.066   1.00 60.22  ? 34  U   C "O4'" 1 
ATOM   999  C  "C3'" . U   C 3 4  ? -19.008 4.891   0.855   1.00 59.07  ? 34  U   C "C3'" 1 
ATOM   1000 O  "O3'" . U   C 3 4  ? -19.480 3.573   0.633   1.00 60.22  ? 34  U   C "O3'" 1 
ATOM   1001 C  "C2'" . U   C 3 4  ? -18.679 5.591   -0.455  1.00 59.69  ? 34  U   C "C2'" 1 
ATOM   1002 O  "O2'" . U   C 3 4  ? -19.635 5.333   -1.454  1.00 68.16  ? 34  U   C "O2'" 1 
ATOM   1003 C  "C1'" . U   C 3 4  ? -18.810 7.055   -0.051  1.00 58.86  ? 34  U   C "C1'" 1 
ATOM   1004 N  N1    . U   C 3 4  ? -17.519 7.632   0.329   1.00 59.32  ? 34  U   C N1    1 
ATOM   1005 C  C2    . U   C 3 4  ? -16.636 7.895   -0.686  1.00 58.80  ? 34  U   C C2    1 
ATOM   1006 O  O2    . U   C 3 4  ? -16.887 7.644   -1.844  1.00 61.16  ? 34  U   C O2    1 
ATOM   1007 N  N3    . U   C 3 4  ? -15.448 8.458   -0.298  1.00 57.14  ? 34  U   C N3    1 
ATOM   1008 C  C4    . U   C 3 4  ? -15.066 8.772   0.981   1.00 58.69  ? 34  U   C C4    1 
ATOM   1009 O  O4    . U   C 3 4  ? -14.017 9.383   1.158   1.00 60.17  ? 34  U   C O4    1 
ATOM   1010 C  C5    . U   C 3 4  ? -16.028 8.445   1.991   1.00 59.09  ? 34  U   C C5    1 
ATOM   1011 C  C6    . U   C 3 4  ? -17.198 7.901   1.638   1.00 60.35  ? 34  U   C C6    1 
ATOM   1012 P  P     . G   C 3 5  ? -18.441 2.350   0.622   1.00 60.23  ? 35  G   C P     1 
ATOM   1013 O  OP1   . G   C 3 5  ? -19.225 1.088   0.616   1.00 55.80  ? 35  G   C OP1   1 
ATOM   1014 O  OP2   . G   C 3 5  ? -17.457 2.597   1.700   1.00 61.01  ? 35  G   C OP2   1 
ATOM   1015 O  "O5'" . G   C 3 5  ? -17.673 2.509   -0.767  1.00 59.62  ? 35  G   C "O5'" 1 
ATOM   1016 C  "C5'" . G   C 3 5  ? -18.382 2.491   -2.001  1.00 52.67  ? 35  G   C "C5'" 1 
ATOM   1017 C  "C4'" . G   C 3 5  ? -17.452 2.828   -3.139  1.00 51.94  ? 35  G   C "C4'" 1 
ATOM   1018 O  "O4'" . G   C 3 5  ? -16.956 4.180   -2.980  1.00 52.55  ? 35  G   C "O4'" 1 
ATOM   1019 C  "C3'" . G   C 3 5  ? -16.200 1.982   -3.221  1.00 53.82  ? 35  G   C "C3'" 1 
ATOM   1020 O  "O3'" . G   C 3 5  ? -16.496 0.814   -3.958  1.00 58.32  ? 35  G   C "O3'" 1 
ATOM   1021 C  "C2'" . G   C 3 5  ? -15.257 2.885   -3.999  1.00 54.15  ? 35  G   C "C2'" 1 
ATOM   1022 O  "O2'" . G   C 3 5  ? -15.575 2.883   -5.371  1.00 57.31  ? 35  G   C "O2'" 1 
ATOM   1023 C  "C1'" . G   C 3 5  ? -15.629 4.261   -3.456  1.00 51.19  ? 35  G   C "C1'" 1 
ATOM   1024 N  N9    . G   C 3 5  ? -14.803 4.802   -2.384  1.00 52.37  ? 35  G   C N9    1 
ATOM   1025 C  C8    . G   C 3 5  ? -15.092 4.783   -1.043  1.00 50.85  ? 35  G   C C8    1 
ATOM   1026 N  N7    . G   C 3 5  ? -14.249 5.481   -0.329  1.00 53.43  ? 35  G   C N7    1 
ATOM   1027 C  C5    . G   C 3 5  ? -13.326 5.962   -1.249  1.00 50.57  ? 35  G   C C5    1 
ATOM   1028 C  C6    . G   C 3 5  ? -12.201 6.811   -1.069  1.00 50.31  ? 35  G   C C6    1 
ATOM   1029 O  O6    . G   C 3 5  ? -11.801 7.352   -0.039  1.00 51.38  ? 35  G   C O6    1 
ATOM   1030 N  N1    . G   C 3 5  ? -11.527 7.025   -2.258  1.00 49.43  ? 35  G   C N1    1 
ATOM   1031 C  C2    . G   C 3 5  ? -11.888 6.505   -3.468  1.00 50.43  ? 35  G   C C2    1 
ATOM   1032 N  N2    . G   C 3 5  ? -11.082 6.804   -4.486  1.00 51.84  ? 35  G   C N2    1 
ATOM   1033 N  N3    . G   C 3 5  ? -12.953 5.742   -3.661  1.00 51.03  ? 35  G   C N3    1 
ATOM   1034 C  C4    . G   C 3 5  ? -13.623 5.512   -2.515  1.00 51.43  ? 35  G   C C4    1 
ATOM   1035 P  P     . G   C 3 6  ? -15.632 -0.517  -3.733  1.00 62.52  ? 36  G   C P     1 
ATOM   1036 O  OP1   . G   C 3 6  ? -16.486 -1.633  -4.203  1.00 60.67  ? 36  G   C OP1   1 
ATOM   1037 O  OP2   . G   C 3 6  ? -15.112 -0.523  -2.347  1.00 64.44  ? 36  G   C OP2   1 
ATOM   1038 O  "O5'" . G   C 3 6  ? -14.402 -0.360  -4.730  1.00 61.26  ? 36  G   C "O5'" 1 
ATOM   1039 C  "C5'" . G   C 3 6  ? -14.627 -0.069  -6.100  1.00 61.44  ? 36  G   C "C5'" 1 
ATOM   1040 C  "C4'" . G   C 3 6  ? -13.358 0.417   -6.751  1.00 62.50  ? 36  G   C "C4'" 1 
ATOM   1041 O  "O4'" . G   C 3 6  ? -12.791 1.488   -5.966  1.00 63.50  ? 36  G   C "O4'" 1 
ATOM   1042 C  "C3'" . G   C 3 6  ? -12.288 -0.662  -6.817  1.00 62.84  ? 36  G   C "C3'" 1 
ATOM   1043 O  "O3'" . G   C 3 6  ? -11.652 -0.544  -8.085  1.00 64.89  ? 36  G   C "O3'" 1 
ATOM   1044 C  "C2'" . G   C 3 6  ? -11.383 -0.427  -5.608  1.00 61.43  ? 36  G   C "C2'" 1 
ATOM   1045 O  "O2'" . G   C 3 6  ? -10.013 -0.586  -5.903  1.00 69.19  ? 36  G   C "O2'" 1 
ATOM   1046 C  "C1'" . G   C 3 6  ? -11.585 1.066   -5.386  1.00 58.30  ? 36  G   C "C1'" 1 
ATOM   1047 N  N9    . G   C 3 6  ? -11.437 1.660   -4.071  1.00 52.28  ? 36  G   C N9    1 
ATOM   1048 C  C8    . G   C 3 6  ? -12.036 1.310   -2.888  1.00 52.18  ? 36  G   C C8    1 
ATOM   1049 N  N7    . G   C 3 6  ? -11.677 2.076   -1.894  1.00 51.96  ? 36  G   C N7    1 
ATOM   1050 C  C5    . G   C 3 6  ? -10.785 2.976   -2.464  1.00 50.63  ? 36  G   C C5    1 
ATOM   1051 C  C6    . G   C 3 6  ? -10.056 4.043   -1.884  1.00 51.60  ? 36  G   C C6    1 
ATOM   1052 O  O6    . G   C 3 6  ? -10.051 4.419   -0.708  1.00 51.56  ? 36  G   C O6    1 
ATOM   1053 N  N1    . G   C 3 6  ? -9.274  4.702   -2.829  1.00 50.94  ? 36  G   C N1    1 
ATOM   1054 C  C2    . G   C 3 6  ? -9.209  4.378   -4.162  1.00 52.65  ? 36  G   C C2    1 
ATOM   1055 N  N2    . G   C 3 6  ? -8.420  5.149   -4.929  1.00 52.75  ? 36  G   C N2    1 
ATOM   1056 N  N3    . G   C 3 6  ? -9.875  3.378   -4.708  1.00 50.26  ? 36  G   C N3    1 
ATOM   1057 C  C4    . G   C 3 6  ? -10.635 2.728   -3.805  1.00 50.19  ? 36  G   C C4    1 
ATOM   1058 P  P     . U   C 3 7  ? -11.163 -1.840  -8.865  1.00 70.22  ? 37  U   C P     1 
ATOM   1059 O  OP1   . U   C 3 7  ? -11.138 -1.543  -10.319 1.00 67.71  ? 37  U   C OP1   1 
ATOM   1060 O  OP2   . U   C 3 7  ? -11.998 -2.950  -8.343  1.00 70.12  ? 37  U   C OP2   1 
ATOM   1061 O  "O5'" . U   C 3 7  ? -9.652  -2.021  -8.420  1.00 69.76  ? 37  U   C "O5'" 1 
ATOM   1062 C  "C5'" . U   C 3 7  ? -8.751  -2.675  -9.285  1.00 65.62  ? 37  U   C "C5'" 1 
ATOM   1063 C  "C4'" . U   C 3 7  ? -7.370  -2.081  -9.179  1.00 65.74  ? 37  U   C "C4'" 1 
ATOM   1064 O  "O4'" . U   C 3 7  ? -7.416  -0.666  -9.521  1.00 69.48  ? 37  U   C "O4'" 1 
ATOM   1065 C  "C3'" . U   C 3 7  ? -6.862  -2.140  -7.738  1.00 65.43  ? 37  U   C "C3'" 1 
ATOM   1066 O  "O3'" . U   C 3 7  ? -5.564  -2.700  -7.638  1.00 62.32  ? 37  U   C "O3'" 1 
ATOM   1067 C  "C2'" . U   C 3 7  ? -7.060  -0.743  -7.146  1.00 66.99  ? 37  U   C "C2'" 1 
ATOM   1068 O  "O2'" . U   C 3 7  ? -5.946  -0.314  -6.387  1.00 72.59  ? 37  U   C "O2'" 1 
ATOM   1069 C  "C1'" . U   C 3 7  ? -7.051  0.114   -8.404  1.00 68.13  ? 37  U   C "C1'" 1 
ATOM   1070 N  N1    . U   C 3 7  ? -7.763  1.396   -8.387  1.00 69.77  ? 37  U   C N1    1 
ATOM   1071 C  C2    . U   C 3 7  ? -6.978  2.530   -8.272  1.00 69.72  ? 37  U   C C2    1 
ATOM   1072 O  O2    . U   C 3 7  ? -5.766  2.489   -8.264  1.00 66.77  ? 37  U   C O2    1 
ATOM   1073 N  N3    . U   C 3 7  ? -7.668  3.711   -8.174  1.00 71.83  ? 37  U   C N3    1 
ATOM   1074 C  C4    . U   C 3 7  ? -9.037  3.872   -8.190  1.00 73.62  ? 37  U   C C4    1 
ATOM   1075 O  O4    . U   C 3 7  ? -9.518  4.983   -7.944  1.00 78.19  ? 37  U   C O4    1 
ATOM   1076 C  C5    . U   C 3 7  ? -9.777  2.653   -8.358  1.00 73.41  ? 37  U   C C5    1 
ATOM   1077 C  C6    . U   C 3 7  ? -9.127  1.484   -8.450  1.00 71.07  ? 37  U   C C6    1 
ATOM   1078 P  P     . A   C 3 8  ? -5.226  -3.768  -6.501  1.00 62.47  ? 38  A   C P     1 
ATOM   1079 O  OP1   . A   C 3 8  ? -3.749  -3.886  -6.544  1.00 58.76  ? 38  A   C OP1   1 
ATOM   1080 O  OP2   . A   C 3 8  ? -6.071  -4.957  -6.754  1.00 59.47  ? 38  A   C OP2   1 
ATOM   1081 O  "O5'" . A   C 3 8  ? -5.657  -3.083  -5.121  1.00 61.47  ? 38  A   C "O5'" 1 
ATOM   1082 C  "C5'" . A   C 3 8  ? -5.769  -3.861  -3.922  1.00 62.07  ? 38  A   C "C5'" 1 
ATOM   1083 C  "C4'" . A   C 3 8  ? -6.164  -2.988  -2.744  1.00 61.55  ? 38  A   C "C4'" 1 
ATOM   1084 O  "O4'" . A   C 3 8  ? -5.064  -2.226  -2.220  1.00 57.18  ? 38  A   C "O4'" 1 
ATOM   1085 C  "C3'" . A   C 3 8  ? -7.306  -2.007  -2.999  1.00 62.25  ? 38  A   C "C3'" 1 
ATOM   1086 O  "O3'" . A   C 3 8  ? -8.434  -2.442  -2.236  1.00 63.14  ? 38  A   C "O3'" 1 
ATOM   1087 C  "C2'" . A   C 3 8  ? -6.882  -0.706  -2.299  1.00 60.73  ? 38  A   C "C2'" 1 
ATOM   1088 O  "O2'" . A   C 3 8  ? -7.853  -0.226  -1.396  1.00 69.05  ? 38  A   C "O2'" 1 
ATOM   1089 C  "C1'" . A   C 3 8  ? -5.622  -1.139  -1.543  1.00 56.12  ? 38  A   C "C1'" 1 
ATOM   1090 N  N9    . A   C 3 8  ? -4.601  -0.164  -1.189  1.00 51.27  ? 38  A   C N9    1 
ATOM   1091 C  C8    . A   C 3 8  ? -4.475  0.438   0.034   1.00 49.00  ? 38  A   C C8    1 
ATOM   1092 N  N7    . A   C 3 8  ? -3.465  1.259   0.115   1.00 50.02  ? 38  A   C N7    1 
ATOM   1093 C  C5    . A   C 3 8  ? -2.884  1.194   -1.141  1.00 51.34  ? 38  A   C C5    1 
ATOM   1094 C  C6    . A   C 3 8  ? -1.752  1.821   -1.694  1.00 53.26  ? 38  A   C C6    1 
ATOM   1095 N  N6    . A   C 3 8  ? -0.976  2.681   -1.019  1.00 54.88  ? 38  A   C N6    1 
ATOM   1096 N  N1    . A   C 3 8  ? -1.436  1.533   -2.978  1.00 54.08  ? 38  A   C N1    1 
ATOM   1097 C  C2    . A   C 3 8  ? -2.217  0.674   -3.645  1.00 54.72  ? 38  A   C C2    1 
ATOM   1098 N  N3    . A   C 3 8  ? -3.307  0.022   -3.233  1.00 53.06  ? 38  A   C N3    1 
ATOM   1099 C  C4    . A   C 3 8  ? -3.584  0.329   -1.958  1.00 51.43  ? 38  A   C C4    1 
ATOM   1100 P  P     . C   C 3 9  ? -9.433  -3.566  -2.785  1.00 63.68  ? 39  C   C P     1 
ATOM   1101 O  OP1   . C   C 3 9  ? -10.074 -3.078  -4.036  1.00 68.54  ? 39  C   C OP1   1 
ATOM   1102 O  OP2   . C   C 3 9  ? -10.279 -3.884  -1.606  1.00 64.08  ? 39  C   C OP2   1 
ATOM   1103 O  "O5'" . C   C 3 9  ? -8.521  -4.839  -3.097  1.00 67.86  ? 39  C   C "O5'" 1 
ATOM   1104 C  "C5'" . C   C 3 9  ? -8.460  -5.943  -2.184  1.00 65.28  ? 39  C   C "C5'" 1 
ATOM   1105 C  "C4'" . C   C 3 9  ? -8.085  -7.220  -2.908  1.00 65.48  ? 39  C   C "C4'" 1 
ATOM   1106 O  "O4'" . C   C 3 9  ? -9.077  -7.477  -3.936  1.00 64.14  ? 39  C   C "O4'" 1 
ATOM   1107 C  "C3'" . C   C 3 9  ? -6.755  -7.034  -3.643  1.00 66.53  ? 39  C   C "C3'" 1 
ATOM   1108 O  "O3'" . C   C 3 9  ? -5.868  -8.140  -3.619  1.00 67.69  ? 39  C   C "O3'" 1 
ATOM   1109 C  "C2'" . C   C 3 9  ? -7.117  -6.714  -5.079  1.00 66.79  ? 39  C   C "C2'" 1 
ATOM   1110 O  "O2'" . C   C 3 9  ? -6.267  -7.381  -5.981  1.00 71.42  ? 39  C   C "O2'" 1 
ATOM   1111 C  "C1'" . C   C 3 9  ? -8.478  -7.378  -5.198  1.00 68.66  ? 39  C   C "C1'" 1 
ATOM   1112 N  N1    . C   C 3 9  ? -9.387  -6.804  -6.180  1.00 72.34  ? 39  C   C N1    1 
ATOM   1113 C  C2    . C   C 3 9  ? -9.744  -7.607  -7.258  1.00 73.79  ? 39  C   C C2    1 
ATOM   1114 O  O2    . C   C 3 9  ? -9.360  -8.782  -7.275  1.00 74.35  ? 39  C   C O2    1 
ATOM   1115 N  N3    . C   C 3 9  ? -10.496 -7.097  -8.246  1.00 76.22  ? 39  C   C N3    1 
ATOM   1116 C  C4    . C   C 3 9  ? -10.913 -5.836  -8.171  1.00 78.61  ? 39  C   C C4    1 
ATOM   1117 N  N4    . C   C 3 9  ? -11.647 -5.370  -9.178  1.00 80.23  ? 39  C   C N4    1 
ATOM   1118 C  C5    . C   C 3 9  ? -10.594 -4.997  -7.057  1.00 78.15  ? 39  C   C C5    1 
ATOM   1119 C  C6    . C   C 3 9  ? -9.839  -5.522  -6.087  1.00 74.12  ? 39  C   C C6    1 
ATOM   1120 P  P     . A   C 3 10 ? -5.230  -8.652  -2.250  1.00 68.81  ? 40  A   C P     1 
ATOM   1121 O  OP1   . A   C 3 10 ? -4.746  -10.011 -2.567  1.00 71.06  ? 40  A   C OP1   1 
ATOM   1122 O  OP2   . A   C 3 10 ? -6.184  -8.445  -1.131  1.00 69.16  ? 40  A   C OP2   1 
ATOM   1123 O  "O5'" . A   C 3 10 ? -3.960  -7.730  -2.042  1.00 66.93  ? 40  A   C "O5'" 1 
ATOM   1124 C  "C5'" . A   C 3 10 ? -3.172  -7.348  -3.148  1.00 59.60  ? 40  A   C "C5'" 1 
ATOM   1125 C  "C4'" . A   C 3 10 ? -2.451  -6.079  -2.822  1.00 61.02  ? 40  A   C "C4'" 1 
ATOM   1126 O  "O4'" . A   C 3 10 ? -3.436  -5.072  -2.475  1.00 61.64  ? 40  A   C "O4'" 1 
ATOM   1127 C  "C3'" . A   C 3 10 ? -1.580  -6.164  -1.584  1.00 60.73  ? 40  A   C "C3'" 1 
ATOM   1128 O  "O3'" . A   C 3 10 ? -0.297  -6.670  -1.925  1.00 61.68  ? 40  A   C "O3'" 1 
ATOM   1129 C  "C2'" . A   C 3 10 ? -1.489  -4.706  -1.171  1.00 59.58  ? 40  A   C "C2'" 1 
ATOM   1130 O  "O2'" . A   C 3 10 ? -0.548  -4.029  -1.972  1.00 66.85  ? 40  A   C "O2'" 1 
ATOM   1131 C  "C1'" . A   C 3 10 ? -2.900  -4.207  -1.492  1.00 57.74  ? 40  A   C "C1'" 1 
ATOM   1132 N  N9    . A   C 3 10 ? -3.794  -4.213  -0.340  1.00 51.75  ? 40  A   C N9    1 
ATOM   1133 C  C8    . A   C 3 10 ? -4.855  -5.046  -0.093  1.00 51.72  ? 40  A   C C8    1 
ATOM   1134 N  N7    . A   C 3 10 ? -5.456  -4.812  1.052   1.00 50.15  ? 40  A   C N7    1 
ATOM   1135 C  C5    . A   C 3 10 ? -4.745  -3.748  1.587   1.00 45.79  ? 40  A   C C5    1 
ATOM   1136 C  C6    . A   C 3 10 ? -4.879  -3.038  2.779   1.00 44.29  ? 40  A   C C6    1 
ATOM   1137 N  N6    . A   C 3 10 ? -5.814  -3.305  3.692   1.00 44.45  ? 40  A   C N6    1 
ATOM   1138 N  N1    . A   C 3 10 ? -4.010  -2.032  3.011   1.00 44.14  ? 40  A   C N1    1 
ATOM   1139 C  C2    . A   C 3 10 ? -3.067  -1.775  2.096   1.00 43.09  ? 40  A   C C2    1 
ATOM   1140 N  N3    . A   C 3 10 ? -2.837  -2.376  0.939   1.00 45.48  ? 40  A   C N3    1 
ATOM   1141 C  C4    . A   C 3 10 ? -3.722  -3.366  0.740   1.00 48.42  ? 40  A   C C4    1 
ATOM   1142 P  P     . U   C 3 11 ? 0.404   -7.764  -0.979  1.00 62.71  ? 41  U   C P     1 
ATOM   1143 O  OP1   . U   C 3 11 ? 1.583   -8.255  -1.732  1.00 59.85  ? 41  U   C OP1   1 
ATOM   1144 O  OP2   . U   C 3 11 ? -0.615  -8.717  -0.503  1.00 58.74  ? 41  U   C OP2   1 
ATOM   1145 O  "O5'" . U   C 3 11 ? 0.897   -6.937  0.286   1.00 57.16  ? 41  U   C "O5'" 1 
ATOM   1146 C  "C5'" . U   C 3 11 ? 1.654   -5.763  0.095   1.00 56.81  ? 41  U   C "C5'" 1 
ATOM   1147 C  "C4'" . U   C 3 11 ? 1.782   -4.989  1.379   1.00 58.64  ? 41  U   C "C4'" 1 
ATOM   1148 O  "O4'" . U   C 3 11 ? 0.460   -4.638  1.879   1.00 59.16  ? 41  U   C "O4'" 1 
ATOM   1149 C  "C3'" . U   C 3 11 ? 2.425   -5.838  2.468   1.00 57.69  ? 41  U   C "C3'" 1 
ATOM   1150 O  "O3'" . U   C 3 11 ? 3.592   -5.192  2.983   1.00 54.71  ? 41  U   C "O3'" 1 
ATOM   1151 C  "C2'" . U   C 3 11 ? 1.280   -6.349  3.352   1.00 55.02  ? 41  U   C "C2'" 1 
ATOM   1152 O  "O2'" . U   C 3 11 ? 1.546   -6.306  4.734   1.00 60.90  ? 41  U   C "O2'" 1 
ATOM   1153 C  "C1'" . U   C 3 11 ? 0.216   -5.284  3.103   1.00 56.93  ? 41  U   C "C1'" 1 
ATOM   1154 N  N1    . U   C 3 11 ? -1.207  -5.616  3.239   1.00 54.85  ? 41  U   C N1    1 
ATOM   1155 C  C2    . U   C 3 11 ? -1.871  -5.064  4.325   1.00 54.74  ? 41  U   C C2    1 
ATOM   1156 O  O2    . U   C 3 11 ? -1.345  -4.283  5.095   1.00 54.44  ? 41  U   C O2    1 
ATOM   1157 N  N3    . U   C 3 11 ? -3.173  -5.452  4.472   1.00 53.14  ? 41  U   C N3    1 
ATOM   1158 C  C4    . U   C 3 11 ? -3.876  -6.303  3.659   1.00 55.84  ? 41  U   C C4    1 
ATOM   1159 O  O4    . U   C 3 11 ? -5.010  -6.644  3.990   1.00 58.98  ? 41  U   C O4    1 
ATOM   1160 C  C5    . U   C 3 11 ? -3.139  -6.797  2.531   1.00 56.47  ? 41  U   C C5    1 
ATOM   1161 C  C6    . U   C 3 11 ? -1.856  -6.442  2.365   1.00 56.53  ? 41  U   C C6    1 
ATOM   1162 P  P     . U   C 3 12 ? 4.421   -5.826  4.197   1.00 56.07  ? 42  U   C P     1 
ATOM   1163 O  OP1   . U   C 3 12 ? 5.838   -5.851  3.769   1.00 58.41  ? 42  U   C OP1   1 
ATOM   1164 O  OP2   . U   C 3 12 ? 3.781   -7.077  4.638   1.00 52.11  ? 42  U   C OP2   1 
ATOM   1165 O  "O5'" . U   C 3 12 ? 4.228   -4.729  5.333   1.00 49.44  ? 42  U   C "O5'" 1 
ATOM   1166 C  "C5'" . U   C 3 12 ? 4.965   -4.771  6.535   1.00 48.63  ? 42  U   C "C5'" 1 
ATOM   1167 C  "C4'" . U   C 3 12 ? 4.087   -4.377  7.701   1.00 50.90  ? 42  U   C "C4'" 1 
ATOM   1168 O  "O4'" . U   C 3 12 ? 3.519   -3.059  7.473   1.00 51.68  ? 42  U   C "O4'" 1 
ATOM   1169 C  "C3'" . U   C 3 12 ? 2.898   -5.327  7.819   1.00 50.35  ? 42  U   C "C3'" 1 
ATOM   1170 O  "O3'" . U   C 3 12 ? 2.601   -5.578  9.180   1.00 57.94  ? 42  U   C "O3'" 1 
ATOM   1171 C  "C2'" . U   C 3 12 ? 1.731   -4.619  7.148   1.00 53.32  ? 42  U   C "C2'" 1 
ATOM   1172 O  "O2'" . U   C 3 12 ? 0.552   -4.787  7.889   1.00 58.41  ? 42  U   C "O2'" 1 
ATOM   1173 C  "C1'" . U   C 3 12 ? 2.121   -3.158  7.327   1.00 52.93  ? 42  U   C "C1'" 1 
ATOM   1174 N  N1    . U   C 3 12 ? 1.617   -2.172  6.365   1.00 53.47  ? 42  U   C N1    1 
ATOM   1175 C  C2    . U   C 3 12 ? 0.684   -1.272  6.839   1.00 54.17  ? 42  U   C C2    1 
ATOM   1176 O  O2    . U   C 3 12 ? 0.288   -1.284  7.981   1.00 51.59  ? 42  U   C O2    1 
ATOM   1177 N  N3    . U   C 3 12 ? 0.232   -0.361  5.926   1.00 55.93  ? 42  U   C N3    1 
ATOM   1178 C  C4    . U   C 3 12 ? 0.601   -0.262  4.614   1.00 57.73  ? 42  U   C C4    1 
ATOM   1179 O  O4    . U   C 3 12 ? 0.046   0.570   3.898   1.00 60.34  ? 42  U   C O4    1 
ATOM   1180 C  C5    . U   C 3 12 ? 1.575   -1.231  4.190   1.00 57.56  ? 42  U   C C5    1 
ATOM   1181 C  C6    . U   C 3 12 ? 2.036   -2.131  5.064   1.00 55.09  ? 42  U   C C6    1 
ATOM   1182 P  P     . A   C 3 13 ? 2.750   -7.040  9.806   1.00 58.31  ? 43  A   C P     1 
ATOM   1183 O  OP1   . A   C 3 13 ? 4.200   -7.349  9.786   1.00 58.87  ? 43  A   C OP1   1 
ATOM   1184 O  OP2   . A   C 3 13 ? 1.789   -7.985  9.182   1.00 55.82  ? 43  A   C OP2   1 
ATOM   1185 O  "O5'" . A   C 3 13 ? 2.311   -6.760  11.310  1.00 52.78  ? 43  A   C "O5'" 1 
ATOM   1186 C  "C5'" . A   C 3 13 ? 2.916   -5.696  12.047  1.00 54.09  ? 43  A   C "C5'" 1 
ATOM   1187 C  "C4'" . A   C 3 13 ? 1.863   -4.839  12.703  1.00 56.95  ? 43  A   C "C4'" 1 
ATOM   1188 O  "O4'" . A   C 3 13 ? 1.015   -4.266  11.677  1.00 63.23  ? 43  A   C "O4'" 1 
ATOM   1189 C  "C3'" . A   C 3 13 ? 0.896   -5.569  13.618  1.00 61.80  ? 43  A   C "C3'" 1 
ATOM   1190 O  "O3'" . A   C 3 13 ? 1.445   -5.665  14.922  1.00 66.07  ? 43  A   C "O3'" 1 
ATOM   1191 C  "C2'" . A   C 3 13 ? -0.324  -4.655  13.594  1.00 62.01  ? 43  A   C "C2'" 1 
ATOM   1192 O  "O2'" . A   C 3 13 ? -0.187  -3.511  14.415  1.00 62.03  ? 43  A   C "O2'" 1 
ATOM   1193 C  "C1'" . A   C 3 13 ? -0.327  -4.197  12.139  1.00 59.31  ? 43  A   C "C1'" 1 
ATOM   1194 N  N9    . A   C 3 13 ? -1.146  -5.025  11.258  1.00 57.67  ? 43  A   C N9    1 
ATOM   1195 C  C8    . A   C 3 13 ? -0.762  -5.557  10.061  1.00 57.05  ? 43  A   C C8    1 
ATOM   1196 N  N7    . A   C 3 13 ? -1.696  -6.247  9.460   1.00 58.61  ? 43  A   C N7    1 
ATOM   1197 C  C5    . A   C 3 13 ? -2.772  -6.171  10.325  1.00 59.20  ? 43  A   C C5    1 
ATOM   1198 C  C6    . A   C 3 13 ? -4.064  -6.700  10.261  1.00 60.55  ? 43  A   C C6    1 
ATOM   1199 N  N6    . A   C 3 13 ? -4.511  -7.428  9.235   1.00 60.12  ? 43  A   C N6    1 
ATOM   1200 N  N1    . A   C 3 13 ? -4.896  -6.449  11.293  1.00 60.87  ? 43  A   C N1    1 
ATOM   1201 C  C2    . A   C 3 13 ? -4.446  -5.705  12.312  1.00 60.49  ? 43  A   C C2    1 
ATOM   1202 N  N3    . A   C 3 13 ? -3.251  -5.146  12.483  1.00 61.18  ? 43  A   C N3    1 
ATOM   1203 C  C4    . A   C 3 13 ? -2.449  -5.422  11.441  1.00 59.52  ? 43  A   C C4    1 
ATOM   1204 P  P     . C   C 3 14 ? 1.609   -7.104  15.611  1.00 67.04  ? 44  C   C P     1 
ATOM   1205 O  OP1   . C   C 3 14 ? 1.988   -6.809  17.010  1.00 71.15  ? 44  C   C OP1   1 
ATOM   1206 O  OP2   . C   C 3 14 ? 2.478   -7.969  14.776  1.00 63.68  ? 44  C   C OP2   1 
ATOM   1207 O  "O5'" . C   C 3 14 ? 0.142   -7.722  15.574  1.00 69.96  ? 44  C   C "O5'" 1 
ATOM   1208 C  "C5'" . C   C 3 14 ? -0.858  -7.335  16.517  1.00 67.26  ? 44  C   C "C5'" 1 
ATOM   1209 C  "C4'" . C   C 3 14 ? -2.146  -8.066  16.219  1.00 68.71  ? 44  C   C "C4'" 1 
ATOM   1210 O  "O4'" . C   C 3 14 ? -2.694  -7.583  14.966  1.00 65.03  ? 44  C   C "O4'" 1 
ATOM   1211 C  "C3'" . C   C 3 14 ? -1.994  -9.562  16.013  1.00 71.12  ? 44  C   C "C3'" 1 
ATOM   1212 O  "O3'" . C   C 3 14 ? -2.006  -10.254 17.257  1.00 75.45  ? 44  C   C "O3'" 1 
ATOM   1213 C  "C2'" . C   C 3 14 ? -3.206  -9.894  15.154  1.00 70.17  ? 44  C   C "C2'" 1 
ATOM   1214 O  "O2'" . C   C 3 14 ? -4.392  -10.039 15.910  1.00 74.02  ? 44  C   C "O2'" 1 
ATOM   1215 C  "C1'" . C   C 3 14 ? -3.282  -8.657  14.255  1.00 66.02  ? 44  C   C "C1'" 1 
ATOM   1216 N  N1    . C   C 3 14 ? -2.519  -8.843  13.016  1.00 66.62  ? 44  C   C N1    1 
ATOM   1217 C  C2    . C   C 3 14 ? -3.121  -9.506  11.952  1.00 67.54  ? 44  C   C C2    1 
ATOM   1218 O  O2    . C   C 3 14 ? -4.285  -9.904  12.085  1.00 71.01  ? 44  C   C O2    1 
ATOM   1219 N  N3    . C   C 3 14 ? -2.422  -9.699  10.809  1.00 65.29  ? 44  C   C N3    1 
ATOM   1220 C  C4    . C   C 3 14 ? -1.169  -9.254  10.711  1.00 62.89  ? 44  C   C C4    1 
ATOM   1221 N  N4    . C   C 3 14 ? -0.517  -9.477  9.574   1.00 62.45  ? 44  C   C N4    1 
ATOM   1222 C  C5    . C   C 3 14 ? -0.531  -8.565  11.780  1.00 63.14  ? 44  C   C C5    1 
ATOM   1223 C  C6    . C   C 3 14 ? -1.236  -8.382  12.905  1.00 65.68  ? 44  C   C C6    1 
ATOM   1224 P  P     . C   C 3 15 ? -1.122  -11.587 17.437  1.00 76.09  ? 45  C   C P     1 
ATOM   1225 O  OP1   . C   C 3 15 ? -1.184  -11.953 18.871  1.00 77.30  ? 45  C   C OP1   1 
ATOM   1226 O  OP2   . C   C 3 15 ? 0.199   -11.378 16.791  1.00 74.81  ? 45  C   C OP2   1 
ATOM   1227 O  "O5'" . C   C 3 15 ? -1.916  -12.680 16.590  1.00 74.91  ? 45  C   C "O5'" 1 
ATOM   1228 C  "C5'" . C   C 3 15 ? -3.267  -12.991 16.898  1.00 68.64  ? 45  C   C "C5'" 1 
ATOM   1229 C  "C4'" . C   C 3 15 ? -3.816  -13.983 15.906  1.00 70.48  ? 45  C   C "C4'" 1 
ATOM   1230 O  "O4'" . C   C 3 15 ? -4.022  -13.334 14.625  1.00 68.89  ? 45  C   C "O4'" 1 
ATOM   1231 C  "C3'" . C   C 3 15 ? -2.891  -15.144 15.587  1.00 73.12  ? 45  C   C "C3'" 1 
ATOM   1232 O  "O3'" . C   C 3 15 ? -3.016  -16.170 16.560  1.00 81.47  ? 45  C   C "O3'" 1 
ATOM   1233 C  "C2'" . C   C 3 15 ? -3.389  -15.591 14.219  1.00 70.12  ? 45  C   C "C2'" 1 
ATOM   1234 O  "O2'" . C   C 3 15 ? -4.520  -16.435 14.269  1.00 67.79  ? 45  C   C "O2'" 1 
ATOM   1235 C  "C1'" . C   C 3 15 ? -3.753  -14.252 13.578  1.00 66.78  ? 45  C   C "C1'" 1 
ATOM   1236 N  N1    . C   C 3 15 ? -2.652  -13.724 12.770  1.00 65.07  ? 45  C   C N1    1 
ATOM   1237 C  C2    . C   C 3 15 ? -2.496  -14.201 11.473  1.00 65.56  ? 45  C   C C2    1 
ATOM   1238 O  O2    . C   C 3 15 ? -3.307  -15.037 11.051  1.00 65.92  ? 45  C   C O2    1 
ATOM   1239 N  N3    . C   C 3 15 ? -1.473  -13.741 10.714  1.00 65.26  ? 45  C   C N3    1 
ATOM   1240 C  C4    . C   C 3 15 ? -0.633  -12.832 11.214  1.00 63.88  ? 45  C   C C4    1 
ATOM   1241 N  N4    . C   C 3 15 ? 0.358   -12.399 10.436  1.00 62.09  ? 45  C   C N4    1 
ATOM   1242 C  C5    . C   C 3 15 ? -0.773  -12.325 12.539  1.00 63.69  ? 45  C   C C5    1 
ATOM   1243 C  C6    . C   C 3 15 ? -1.789  -12.793 13.274  1.00 63.63  ? 45  C   C C6    1 
ATOM   1244 P  P     . U   C 3 16 ? -1.836  -17.243 16.738  1.00 82.30  ? 46  U   C P     1 
ATOM   1245 O  OP1   . U   C 3 16 ? -2.179  -18.078 17.914  1.00 86.89  ? 46  U   C OP1   1 
ATOM   1246 O  OP2   . U   C 3 16 ? -0.555  -16.491 16.720  1.00 81.74  ? 46  U   C OP2   1 
ATOM   1247 O  "O5'" . U   C 3 16 ? -1.962  -18.161 15.442  1.00 76.81  ? 46  U   C "O5'" 1 
ATOM   1248 C  "C5'" . U   C 3 16 ? -3.094  -19.000 15.274  1.00 73.37  ? 46  U   C "C5'" 1 
ATOM   1249 C  "C4'" . U   C 3 16 ? -3.001  -19.760 13.976  1.00 74.92  ? 46  U   C "C4'" 1 
ATOM   1250 O  "O4'" . U   C 3 16 ? -3.089  -18.834 12.862  1.00 73.76  ? 46  U   C "O4'" 1 
ATOM   1251 C  "C3'" . U   C 3 16 ? -1.700  -20.507 13.744  1.00 75.67  ? 46  U   C "C3'" 1 
ATOM   1252 O  "O3'" . U   C 3 16 ? -1.710  -21.776 14.389  1.00 78.45  ? 46  U   C "O3'" 1 
ATOM   1253 C  "C2'" . U   C 3 16 ? -1.676  -20.629 12.226  1.00 75.40  ? 46  U   C "C2'" 1 
ATOM   1254 O  "O2'" . U   C 3 16 ? -2.510  -21.665 11.754  1.00 77.07  ? 46  U   C "O2'" 1 
ATOM   1255 C  "C1'" . U   C 3 16 ? -2.252  -19.275 11.802  1.00 73.28  ? 46  U   C "C1'" 1 
ATOM   1256 N  N1    . U   C 3 16 ? -1.195  -18.272 11.592  1.00 71.29  ? 46  U   C N1    1 
ATOM   1257 C  C2    . U   C 3 16 ? -0.502  -18.303 10.392  1.00 68.18  ? 46  U   C C2    1 
ATOM   1258 O  O2    . U   C 3 16 ? -0.752  -19.094 9.503   1.00 66.31  ? 46  U   C O2    1 
ATOM   1259 N  N3    . U   C 3 16 ? 0.495   -17.368 10.275  1.00 66.32  ? 46  U   C N3    1 
ATOM   1260 C  C4    . U   C 3 16 ? 0.861   -16.422 11.209  1.00 67.77  ? 46  U   C C4    1 
ATOM   1261 O  O4    . U   C 3 16 ? 1.768   -15.632 10.948  1.00 67.30  ? 46  U   C O4    1 
ATOM   1262 C  C5    . U   C 3 16 ? 0.093   -16.447 12.416  1.00 68.35  ? 46  U   C C5    1 
ATOM   1263 C  C6    . U   C 3 16 ? -0.886  -17.345 12.562  1.00 70.02  ? 46  U   C C6    1 
ATOM   1264 P  P     . G   C 3 17 ? -0.319  -22.506 14.740  1.00 81.47  ? 47  G   C P     1 
ATOM   1265 O  OP1   . G   C 3 17 ? -0.659  -23.727 15.512  1.00 83.03  ? 47  G   C OP1   1 
ATOM   1266 O  OP2   . G   C 3 17 ? 0.633   -21.516 15.315  1.00 75.91  ? 47  G   C OP2   1 
ATOM   1267 O  "O5'" . G   C 3 17 ? 0.208   -22.995 13.322  1.00 73.59  ? 47  G   C "O5'" 1 
ATOM   1268 C  "C5'" . G   C 3 17 ? -0.534  -23.945 12.580  1.00 68.78  ? 47  G   C "C5'" 1 
ATOM   1269 C  "C4'" . G   C 3 17 ? 0.135   -24.218 11.261  1.00 72.11  ? 47  G   C "C4'" 1 
ATOM   1270 O  "O4'" . G   C 3 17 ? 0.062   -23.032 10.424  1.00 73.00  ? 47  G   C "O4'" 1 
ATOM   1271 C  "C3'" . G   C 3 17 ? 1.615   -24.537 11.333  1.00 71.23  ? 47  G   C "C3'" 1 
ATOM   1272 O  "O3'" . G   C 3 17 ? 1.823   -25.900 11.652  1.00 70.90  ? 47  G   C "O3'" 1 
ATOM   1273 C  "C2'" . G   C 3 17 ? 2.084   -24.171 9.929   1.00 73.64  ? 47  G   C "C2'" 1 
ATOM   1274 O  "O2'" . G   C 3 17 ? 1.764   -25.153 8.962   1.00 73.80  ? 47  G   C "O2'" 1 
ATOM   1275 C  "C1'" . G   C 3 17 ? 1.249   -22.918 9.654   1.00 71.26  ? 47  G   C "C1'" 1 
ATOM   1276 N  N9    . G   C 3 17 ? 1.942   -21.698 10.057  1.00 68.86  ? 47  G   C N9    1 
ATOM   1277 C  C8    . G   C 3 17 ? 1.723   -20.951 11.192  1.00 67.61  ? 47  G   C C8    1 
ATOM   1278 N  N7    . G   C 3 17 ? 2.515   -19.919 11.284  1.00 67.53  ? 47  G   C N7    1 
ATOM   1279 C  C5    . G   C 3 17 ? 3.300   -19.987 10.142  1.00 67.33  ? 47  G   C C5    1 
ATOM   1280 C  C6    . G   C 3 17 ? 4.332   -19.140 9.694   1.00 68.79  ? 47  G   C C6    1 
ATOM   1281 O  O6    . G   C 3 17 ? 4.778   -18.126 10.232  1.00 73.26  ? 47  G   C O6    1 
ATOM   1282 N  N1    . G   C 3 17 ? 4.860   -19.570 8.484   1.00 68.06  ? 47  G   C N1    1 
ATOM   1283 C  C2    . G   C 3 17 ? 4.447   -20.676 7.797   1.00 67.28  ? 47  G   C C2    1 
ATOM   1284 N  N2    . G   C 3 17 ? 5.080   -20.922 6.646   1.00 68.00  ? 47  G   C N2    1 
ATOM   1285 N  N3    . G   C 3 17 ? 3.484   -21.480 8.205   1.00 66.98  ? 47  G   C N3    1 
ATOM   1286 C  C4    . G   C 3 17 ? 2.957   -21.076 9.376   1.00 66.89  ? 47  G   C C4    1 
ATOM   1287 P  P     . C   C 3 18 ? 3.193   -26.354 12.362  1.00 74.69  ? 48  C   C P     1 
ATOM   1288 O  OP1   . C   C 3 18 ? 3.063   -27.815 12.603  1.00 75.28  ? 48  C   C OP1   1 
ATOM   1289 O  OP2   . C   C 3 18 ? 3.513   -25.451 13.499  1.00 68.60  ? 48  C   C OP2   1 
ATOM   1290 O  "O5'" . C   C 3 18 ? 4.276   -26.169 11.209  1.00 70.70  ? 48  C   C "O5'" 1 
ATOM   1291 C  "C5'" . C   C 3 18 ? 4.251   -27.018 10.070  1.00 70.79  ? 48  C   C "C5'" 1 
ATOM   1292 C  "C4'" . C   C 3 18 ? 5.394   -26.699 9.140   1.00 70.24  ? 48  C   C "C4'" 1 
ATOM   1293 O  "O4'" . C   C 3 18 ? 5.168   -25.400 8.534   1.00 73.35  ? 48  C   C "O4'" 1 
ATOM   1294 C  "C3'" . C   C 3 18 ? 6.766   -26.586 9.774   1.00 69.81  ? 48  C   C "C3'" 1 
ATOM   1295 O  "O3'" . C   C 3 18 ? 7.382   -27.848 9.950   1.00 65.90  ? 48  C   C "O3'" 1 
ATOM   1296 C  "C2'" . C   C 3 18 ? 7.499   -25.718 8.762   1.00 70.08  ? 48  C   C "C2'" 1 
ATOM   1297 O  "O2'" . C   C 3 18 ? 7.838   -26.460 7.612   1.00 71.15  ? 48  C   C "O2'" 1 
ATOM   1298 C  "C1'" . C   C 3 18 ? 6.407   -24.721 8.377   1.00 72.04  ? 48  C   C "C1'" 1 
ATOM   1299 N  N1    . C   C 3 18 ? 6.416   -23.556 9.281   1.00 69.97  ? 48  C   C N1    1 
ATOM   1300 C  C2    . C   C 3 18 ? 7.347   -22.529 9.060   1.00 67.39  ? 48  C   C C2    1 
ATOM   1301 O  O2    . C   C 3 18 ? 8.090   -22.596 8.075   1.00 64.85  ? 48  C   C O2    1 
ATOM   1302 N  N3    . C   C 3 18 ? 7.404   -21.492 9.929   1.00 66.30  ? 48  C   C N3    1 
ATOM   1303 C  C4    . C   C 3 18 ? 6.569   -21.453 10.974  1.00 66.73  ? 48  C   C C4    1 
ATOM   1304 N  N4    . C   C 3 18 ? 6.672   -20.435 11.820  1.00 65.85  ? 48  C   C N4    1 
ATOM   1305 C  C5    . C   C 3 18 ? 5.592   -22.466 11.201  1.00 66.97  ? 48  C   C C5    1 
ATOM   1306 C  C6    . C   C 3 18 ? 5.548   -23.486 10.339  1.00 68.47  ? 48  C   C C6    1 
ATOM   1307 P  P     . C   C 3 19 ? 8.537   -28.015 11.054  1.00 72.05  ? 49  C   C P     1 
ATOM   1308 O  OP1   . C   C 3 19 ? 8.914   -29.454 11.042  1.00 71.49  ? 49  C   C OP1   1 
ATOM   1309 O  OP2   . C   C 3 19 ? 8.077   -27.385 12.319  1.00 68.79  ? 49  C   C OP2   1 
ATOM   1310 O  "O5'" . C   C 3 19 ? 9.764   -27.179 10.456  1.00 73.16  ? 49  C   C "O5'" 1 
ATOM   1311 C  "C5'" . C   C 3 19 ? 10.112  -27.342 9.086   1.00 75.89  ? 49  C   C "C5'" 1 
ATOM   1312 C  "C4'" . C   C 3 19 ? 11.123  -26.308 8.609   1.00 76.96  ? 49  C   C "C4'" 1 
ATOM   1313 O  "O4'" . C   C 3 19 ? 10.652  -24.950 8.841   1.00 76.12  ? 49  C   C "O4'" 1 
ATOM   1314 C  "C3'" . C   C 3 19 ? 12.484  -26.399 9.290   1.00 75.42  ? 49  C   C "C3'" 1 
ATOM   1315 O  "O3'" . C   C 3 19 ? 13.354  -25.712 8.389   1.00 75.44  ? 49  C   C "O3'" 1 
ATOM   1316 C  "C2'" . C   C 3 19 ? 12.430  -25.350 10.389  1.00 72.83  ? 49  C   C "C2'" 1 
ATOM   1317 O  "O2'" . C   C 3 19 ? 13.695  -24.765 10.584  1.00 80.54  ? 49  C   C "O2'" 1 
ATOM   1318 C  "C1'" . C   C 3 19 ? 11.462  -24.323 9.809   1.00 71.80  ? 49  C   C "C1'" 1 
ATOM   1319 N  N1    . C   C 3 19 ? 10.647  -23.577 10.778  1.00 70.23  ? 49  C   C N1    1 
ATOM   1320 C  C2    . C   C 3 19 ? 11.012  -22.258 11.069  1.00 67.52  ? 49  C   C C2    1 
ATOM   1321 O  O2    . C   C 3 19 ? 11.924  -21.737 10.423  1.00 66.34  ? 49  C   C O2    1 
ATOM   1322 N  N3    . C   C 3 19 ? 10.357  -21.584 12.029  1.00 66.35  ? 49  C   C N3    1 
ATOM   1323 C  C4    . C   C 3 19 ? 9.345   -22.161 12.669  1.00 67.45  ? 49  C   C C4    1 
ATOM   1324 N  N4    . C   C 3 19 ? 8.744   -21.464 13.628  1.00 66.98  ? 49  C   C N4    1 
ATOM   1325 C  C5    . C   C 3 19 ? 8.909   -23.483 12.358  1.00 69.66  ? 49  C   C C5    1 
ATOM   1326 C  C6    . C   C 3 19 ? 9.585   -24.151 11.413  1.00 70.92  ? 49  C   C C6    1 
HETATM 1327 S  S     . SO4 D 4 .  ? 11.991  7.168   6.012   0.30 57.56  ? 102 SO4 A S     1 
HETATM 1328 O  O1    . SO4 D 4 .  ? 12.766  8.274   5.422   0.30 56.11  ? 102 SO4 A O1    1 
HETATM 1329 O  O2    . SO4 D 4 .  ? 11.494  7.571   7.337   0.30 56.75  ? 102 SO4 A O2    1 
HETATM 1330 O  O3    . SO4 D 4 .  ? 10.855  6.838   5.132   0.30 57.40  ? 102 SO4 A O3    1 
HETATM 1331 O  O4    . SO4 D 4 .  ? 12.856  5.987   6.159   0.30 56.34  ? 102 SO4 A O4    1 
HETATM 1332 CO CO    . NCO E 5 .  ? 7.796   7.024   8.133   0.50 79.09  ? 101 NCO B CO    1 
HETATM 1333 N  N1    . NCO E 5 .  ? 7.513   5.954   6.432   0.50 79.04  ? 101 NCO B N1    1 
HETATM 1334 N  N2    . NCO E 5 .  ? 9.161   5.633   8.637   0.50 79.31  ? 101 NCO B N2    1 
HETATM 1335 N  N3    . NCO E 5 .  ? 9.086   8.284   7.304   0.50 78.95  ? 101 NCO B N3    1 
HETATM 1336 N  N4    . NCO E 5 .  ? 6.514   5.892   9.097   0.50 78.69  ? 101 NCO B N4    1 
HETATM 1337 N  N5    . NCO E 5 .  ? 8.039   7.994   9.816   0.50 79.29  ? 101 NCO B N5    1 
HETATM 1338 N  N6    . NCO E 5 .  ? 6.369   8.343   7.572   0.50 78.70  ? 101 NCO B N6    1 
HETATM 1339 CO CO    . NCO F 5 .  ? -2.364  -11.909 -0.234  1.00 87.46  ? 101 NCO C CO    1 
HETATM 1340 N  N1    . NCO F 5 .  ? -1.339  -11.917 -1.989  1.00 84.66  ? 101 NCO C N1    1 
HETATM 1341 N  N2    . NCO F 5 .  ? -4.003  -12.263 -1.327  1.00 85.50  ? 101 NCO C N2    1 
HETATM 1342 N  N3    . NCO F 5 .  ? -1.972  -13.810 0.175   1.00 84.47  ? 101 NCO C N3    1 
HETATM 1343 N  N4    . NCO F 5 .  ? -2.817  -10.019 -0.470  1.00 87.72  ? 101 NCO C N4    1 
HETATM 1344 N  N5    . NCO F 5 .  ? -3.380  -11.819 1.430   1.00 83.09  ? 101 NCO C N5    1 
HETATM 1345 N  N6    . NCO F 5 .  ? -0.661  -11.485 0.778   1.00 85.69  ? 101 NCO C N6    1 
# 
loop_
_pdbx_poly_seq_scheme.asym_id 
_pdbx_poly_seq_scheme.entity_id 
_pdbx_poly_seq_scheme.seq_id 
_pdbx_poly_seq_scheme.mon_id 
_pdbx_poly_seq_scheme.ndb_seq_num 
_pdbx_poly_seq_scheme.pdb_seq_num 
_pdbx_poly_seq_scheme.auth_seq_num 
_pdbx_poly_seq_scheme.pdb_mon_id 
_pdbx_poly_seq_scheme.auth_mon_id 
_pdbx_poly_seq_scheme.pdb_strand_id 
_pdbx_poly_seq_scheme.pdb_ins_code 
_pdbx_poly_seq_scheme.hetero 
A 1 1  U   1  1  1  U   U   A . n 
A 1 2  C   2  2  2  C   C   A . n 
A 1 3  C   3  3  3  C   C   A . n 
A 1 4  C   4  4  4  C   C   A . n 
A 1 5  A   5  5  5  A   A   A . n 
A 1 6  G   6  6  6  G   G   A . n 
A 1 7  U   7  7  7  U   U   A . n 
A 1 8  C   8  8  8  C   C   A . n 
A 1 9  C   9  9  9  C   C   A . n 
A 1 10 A   10 10 10 A   A   A . n 
A 1 11 C   11 11 11 C   C   A . n 
A 1 12 C   12 12 12 C   C   A . n 
A 1 13 G   13 13 13 G   G   A . n 
A 1 14 U   14 14 ?  ?   ?   A . n 
B 2 1  C   1  2  2  C   C   B . n 
B 2 2  G   2  3  3  G   G   B . n 
B 2 3  G   3  4  4  G   G   B . n 
B 2 4  U   4  5  5  U   U   B . n 
B 2 5  G   5  6  6  G   G   B . n 
B 2 6  A   6  7  7  A   A   B . n 
B 2 7  G   7  8  8  G   G   B . n 
B 2 8  1DP 8  9  9  1DP A   B . n 
B 2 9  A   9  10 10 A   A   B . n 
B 2 10 G   10 11 11 G   G   B . n 
B 2 11 G   11 12 12 G   G   B . n 
B 2 12 G   12 13 13 G   G   B . n 
B 2 13 S9L 13 14 14 S9L S9L B . n 
B 2 14 G   14 15 15 G   G   B . n 
B 2 15 G   15 16 16 G   G   B . n 
B 2 16 C   16 17 17 C   C   B . n 
B 2 17 A   17 18 18 A   A   B . n 
B 2 18 G   18 19 19 G   G   B . n 
B 2 19 A   19 20 20 A   A   B . n 
B 2 20 G   20 21 21 G   G   B . n 
B 2 21 A   21 22 22 A   A   B . n 
B 2 22 A   22 23 23 A   A   B . n 
B 2 23 A   23 24 24 A   A   B . n 
B 2 24 C   24 25 25 C   C   B . n 
B 2 25 A   25 26 26 A   A   B . n 
B 2 26 C   26 27 27 C   C   B . n 
B 2 27 A   27 28 28 A   A   B . n 
B 2 28 C   28 29 29 C   C   B . n 
B 2 29 G   29 30 30 G   G   B . n 
B 2 30 A   30 31 31 A   A   B . n 
C 3 1  U   1  31 31 U   U   C . n 
C 3 2  C   2  32 32 C   C   C . n 
C 3 3  G   3  33 33 G   G   C . n 
C 3 4  U   4  34 34 U   U   C . n 
C 3 5  G   5  35 35 G   G   C . n 
C 3 6  G   6  36 36 G   G   C . n 
C 3 7  U   7  37 37 U   U   C . n 
C 3 8  A   8  38 38 A   A   C . n 
C 3 9  C   9  39 39 C   C   C . n 
C 3 10 A   10 40 40 A   A   C . n 
C 3 11 U   11 41 41 U   U   C . n 
C 3 12 U   12 42 42 U   U   C . n 
C 3 13 A   13 43 43 A   A   C . n 
C 3 14 C   14 44 44 C   C   C . n 
C 3 15 C   15 45 45 C   C   C . n 
C 3 16 U   16 46 46 U   U   C . n 
C 3 17 G   17 47 47 G   G   C . n 
C 3 18 C   18 48 48 C   C   C . n 
C 3 19 C   19 49 49 C   C   C . n 
# 
loop_
_pdbx_nonpoly_scheme.asym_id 
_pdbx_nonpoly_scheme.entity_id 
_pdbx_nonpoly_scheme.mon_id 
_pdbx_nonpoly_scheme.ndb_seq_num 
_pdbx_nonpoly_scheme.pdb_seq_num 
_pdbx_nonpoly_scheme.auth_seq_num 
_pdbx_nonpoly_scheme.pdb_mon_id 
_pdbx_nonpoly_scheme.auth_mon_id 
_pdbx_nonpoly_scheme.pdb_strand_id 
_pdbx_nonpoly_scheme.pdb_ins_code 
D 4 SO4 1 102 3 SO4 SO4 A . 
E 5 NCO 1 101 2 NCO NCO B . 
F 5 NCO 1 101 1 NCO NCO C . 
# 
_pdbx_struct_assembly.id                   1 
_pdbx_struct_assembly.details              author_and_software_defined_assembly 
_pdbx_struct_assembly.method_details       PISA 
_pdbx_struct_assembly.oligomeric_details   trimeric 
_pdbx_struct_assembly.oligomeric_count     3 
# 
_pdbx_struct_assembly_gen.assembly_id       1 
_pdbx_struct_assembly_gen.oper_expression   1 
_pdbx_struct_assembly_gen.asym_id_list      A,B,C,D,E,F 
# 
loop_
_pdbx_struct_assembly_prop.biol_id 
_pdbx_struct_assembly_prop.type 
_pdbx_struct_assembly_prop.value 
_pdbx_struct_assembly_prop.details 
1 'ABSA (A^2)' 3050  ? 
1 MORE         -2.1  ? 
1 'SSA (A^2)'  11240 ? 
# 
_pdbx_struct_oper_list.id                   1 
_pdbx_struct_oper_list.type                 'identity operation' 
_pdbx_struct_oper_list.name                 1_555 
_pdbx_struct_oper_list.symmetry_operation   x,y,z 
_pdbx_struct_oper_list.matrix[1][1]         1.0000000000 
_pdbx_struct_oper_list.matrix[1][2]         0.0000000000 
_pdbx_struct_oper_list.matrix[1][3]         0.0000000000 
_pdbx_struct_oper_list.vector[1]            0.0000000000 
_pdbx_struct_oper_list.matrix[2][1]         0.0000000000 
_pdbx_struct_oper_list.matrix[2][2]         1.0000000000 
_pdbx_struct_oper_list.matrix[2][3]         0.0000000000 
_pdbx_struct_oper_list.vector[2]            0.0000000000 
_pdbx_struct_oper_list.matrix[3][1]         0.0000000000 
_pdbx_struct_oper_list.matrix[3][2]         0.0000000000 
_pdbx_struct_oper_list.matrix[3][3]         1.0000000000 
_pdbx_struct_oper_list.vector[3]            0.0000000000 
# 
loop_
_pdbx_audit_revision_history.ordinal 
_pdbx_audit_revision_history.data_content_type 
_pdbx_audit_revision_history.major_revision 
_pdbx_audit_revision_history.minor_revision 
_pdbx_audit_revision_history.revision_date 
1 'Structure model' 1 0 2009-11-03 
2 'Structure model' 1 1 2011-07-13 
3 'Structure model' 1 2 2023-09-06 
# 
_pdbx_audit_revision_details.ordinal             1 
_pdbx_audit_revision_details.revision_ordinal    1 
_pdbx_audit_revision_details.data_content_type   'Structure model' 
_pdbx_audit_revision_details.provider            repository 
_pdbx_audit_revision_details.type                'Initial release' 
_pdbx_audit_revision_details.description         ? 
_pdbx_audit_revision_details.details             ? 
# 
loop_
_pdbx_audit_revision_group.ordinal 
_pdbx_audit_revision_group.revision_ordinal 
_pdbx_audit_revision_group.data_content_type 
_pdbx_audit_revision_group.group 
1 2 'Structure model' 'Version format compliance' 
2 3 'Structure model' 'Data collection'           
3 3 'Structure model' 'Database references'       
4 3 'Structure model' 'Derived calculations'      
5 3 'Structure model' 'Refinement description'    
# 
loop_
_pdbx_audit_revision_category.ordinal 
_pdbx_audit_revision_category.revision_ordinal 
_pdbx_audit_revision_category.data_content_type 
_pdbx_audit_revision_category.category 
1 3 'Structure model' chem_comp_atom                
2 3 'Structure model' chem_comp_bond                
3 3 'Structure model' database_2                    
4 3 'Structure model' pdbx_initial_refinement_model 
5 3 'Structure model' struct_conn                   
6 3 'Structure model' struct_site                   
# 
loop_
_pdbx_audit_revision_item.ordinal 
_pdbx_audit_revision_item.revision_ordinal 
_pdbx_audit_revision_item.data_content_type 
_pdbx_audit_revision_item.item 
1  3 'Structure model' '_database_2.pdbx_DOI'                
2  3 'Structure model' '_database_2.pdbx_database_accession' 
3  3 'Structure model' '_struct_conn.pdbx_dist_value'        
4  3 'Structure model' '_struct_conn.pdbx_leaving_atom_flag' 
5  3 'Structure model' '_struct_conn.ptnr1_auth_asym_id'     
6  3 'Structure model' '_struct_conn.ptnr1_auth_comp_id'     
7  3 'Structure model' '_struct_conn.ptnr1_auth_seq_id'      
8  3 'Structure model' '_struct_conn.ptnr1_label_asym_id'    
9  3 'Structure model' '_struct_conn.ptnr1_label_atom_id'    
10 3 'Structure model' '_struct_conn.ptnr1_label_comp_id'    
11 3 'Structure model' '_struct_conn.ptnr1_label_seq_id'     
12 3 'Structure model' '_struct_conn.ptnr2_auth_asym_id'     
13 3 'Structure model' '_struct_conn.ptnr2_auth_comp_id'     
14 3 'Structure model' '_struct_conn.ptnr2_auth_seq_id'      
15 3 'Structure model' '_struct_conn.ptnr2_label_asym_id'    
16 3 'Structure model' '_struct_conn.ptnr2_label_comp_id'    
17 3 'Structure model' '_struct_conn.ptnr2_label_seq_id'     
18 3 'Structure model' '_struct_site.pdbx_auth_asym_id'      
19 3 'Structure model' '_struct_site.pdbx_auth_comp_id'      
20 3 'Structure model' '_struct_site.pdbx_auth_seq_id'       
# 
loop_
_software.name 
_software.classification 
_software.version 
_software.citation_id 
_software.pdbx_ordinal 
HKL-2000 'data collection' . ? 1 
CNS      refinement        . ? 2 
HKL-2000 'data reduction'  . ? 3 
HKL-2000 'data scaling'    . ? 4 
CNS      phasing           . ? 5 
# 
_pdbx_validate_symm_contact.id                1 
_pdbx_validate_symm_contact.PDB_model_num     1 
_pdbx_validate_symm_contact.auth_atom_id_1    "O3'" 
_pdbx_validate_symm_contact.auth_asym_id_1    B 
_pdbx_validate_symm_contact.auth_comp_id_1    A 
_pdbx_validate_symm_contact.auth_seq_id_1     31 
_pdbx_validate_symm_contact.PDB_ins_code_1    ? 
_pdbx_validate_symm_contact.label_alt_id_1    ? 
_pdbx_validate_symm_contact.site_symmetry_1   1_555 
_pdbx_validate_symm_contact.auth_atom_id_2    "O3'" 
_pdbx_validate_symm_contact.auth_asym_id_2    B 
_pdbx_validate_symm_contact.auth_comp_id_2    A 
_pdbx_validate_symm_contact.auth_seq_id_2     31 
_pdbx_validate_symm_contact.PDB_ins_code_2    ? 
_pdbx_validate_symm_contact.label_alt_id_2    ? 
_pdbx_validate_symm_contact.site_symmetry_2   11_655 
_pdbx_validate_symm_contact.dist              2.02 
# 
loop_
_pdbx_validate_rmsd_bond.id 
_pdbx_validate_rmsd_bond.PDB_model_num 
_pdbx_validate_rmsd_bond.auth_atom_id_1 
_pdbx_validate_rmsd_bond.auth_asym_id_1 
_pdbx_validate_rmsd_bond.auth_comp_id_1 
_pdbx_validate_rmsd_bond.auth_seq_id_1 
_pdbx_validate_rmsd_bond.PDB_ins_code_1 
_pdbx_validate_rmsd_bond.label_alt_id_1 
_pdbx_validate_rmsd_bond.auth_atom_id_2 
_pdbx_validate_rmsd_bond.auth_asym_id_2 
_pdbx_validate_rmsd_bond.auth_comp_id_2 
_pdbx_validate_rmsd_bond.auth_seq_id_2 
_pdbx_validate_rmsd_bond.PDB_ins_code_2 
_pdbx_validate_rmsd_bond.label_alt_id_2 
_pdbx_validate_rmsd_bond.bond_value 
_pdbx_validate_rmsd_bond.bond_target_value 
_pdbx_validate_rmsd_bond.bond_deviation 
_pdbx_validate_rmsd_bond.bond_standard_deviation 
_pdbx_validate_rmsd_bond.linker_flag 
1 1 "O5'" A A 5 ? ? "C5'" A A 5 ? ? 1.173 1.420 -0.247 0.009 N 
2 1 "C5'" A A 5 ? ? "C4'" A A 5 ? ? 1.210 1.508 -0.298 0.007 N 
3 1 "C1'" A A 5 ? ? N9    A A 5 ? ? 1.329 1.464 -0.135 0.014 N 
# 
loop_
_pdbx_validate_rmsd_angle.id 
_pdbx_validate_rmsd_angle.PDB_model_num 
_pdbx_validate_rmsd_angle.auth_atom_id_1 
_pdbx_validate_rmsd_angle.auth_asym_id_1 
_pdbx_validate_rmsd_angle.auth_comp_id_1 
_pdbx_validate_rmsd_angle.auth_seq_id_1 
_pdbx_validate_rmsd_angle.PDB_ins_code_1 
_pdbx_validate_rmsd_angle.label_alt_id_1 
_pdbx_validate_rmsd_angle.auth_atom_id_2 
_pdbx_validate_rmsd_angle.auth_asym_id_2 
_pdbx_validate_rmsd_angle.auth_comp_id_2 
_pdbx_validate_rmsd_angle.auth_seq_id_2 
_pdbx_validate_rmsd_angle.PDB_ins_code_2 
_pdbx_validate_rmsd_angle.label_alt_id_2 
_pdbx_validate_rmsd_angle.auth_atom_id_3 
_pdbx_validate_rmsd_angle.auth_asym_id_3 
_pdbx_validate_rmsd_angle.auth_comp_id_3 
_pdbx_validate_rmsd_angle.auth_seq_id_3 
_pdbx_validate_rmsd_angle.PDB_ins_code_3 
_pdbx_validate_rmsd_angle.label_alt_id_3 
_pdbx_validate_rmsd_angle.angle_value 
_pdbx_validate_rmsd_angle.angle_target_value 
_pdbx_validate_rmsd_angle.angle_deviation 
_pdbx_validate_rmsd_angle.angle_standard_deviation 
_pdbx_validate_rmsd_angle.linker_flag 
1 1 "C3'" A A 5  ? ? "C2'" A A 5  ? ? "O2'" A A 5  ? ? 143.70 113.30 30.40 2.90 N 
2 1 N9    A G 6  ? ? "C1'" A G 6  ? ? "C2'" A G 6  ? ? 123.81 114.00 9.81  1.30 N 
3 1 "C2'" C U 41 ? ? "C3'" C U 41 ? ? "O3'" C U 41 ? ? 123.46 113.70 9.76  1.60 N 
# 
_pdbx_validate_planes.id              1 
_pdbx_validate_planes.PDB_model_num   1 
_pdbx_validate_planes.auth_comp_id    G 
_pdbx_validate_planes.auth_asym_id    C 
_pdbx_validate_planes.auth_seq_id     35 
_pdbx_validate_planes.PDB_ins_code    ? 
_pdbx_validate_planes.label_alt_id    ? 
_pdbx_validate_planes.rmsd            0.068 
_pdbx_validate_planes.type            'SIDE CHAIN' 
# 
_pdbx_unobs_or_zero_occ_atoms.id               1 
_pdbx_unobs_or_zero_occ_atoms.PDB_model_num    1 
_pdbx_unobs_or_zero_occ_atoms.polymer_flag     Y 
_pdbx_unobs_or_zero_occ_atoms.occupancy_flag   1 
_pdbx_unobs_or_zero_occ_atoms.auth_asym_id     A 
_pdbx_unobs_or_zero_occ_atoms.auth_comp_id     A 
_pdbx_unobs_or_zero_occ_atoms.auth_seq_id      5 
_pdbx_unobs_or_zero_occ_atoms.PDB_ins_code     ? 
_pdbx_unobs_or_zero_occ_atoms.auth_atom_id     "O3'" 
_pdbx_unobs_or_zero_occ_atoms.label_alt_id     ? 
_pdbx_unobs_or_zero_occ_atoms.label_asym_id    A 
_pdbx_unobs_or_zero_occ_atoms.label_comp_id    A 
_pdbx_unobs_or_zero_occ_atoms.label_seq_id     5 
_pdbx_unobs_or_zero_occ_atoms.label_atom_id    "O3'" 
# 
_pdbx_unobs_or_zero_occ_residues.id               1 
_pdbx_unobs_or_zero_occ_residues.PDB_model_num    1 
_pdbx_unobs_or_zero_occ_residues.polymer_flag     Y 
_pdbx_unobs_or_zero_occ_residues.occupancy_flag   1 
_pdbx_unobs_or_zero_occ_residues.auth_asym_id     A 
_pdbx_unobs_or_zero_occ_residues.auth_comp_id     U 
_pdbx_unobs_or_zero_occ_residues.auth_seq_id      14 
_pdbx_unobs_or_zero_occ_residues.PDB_ins_code     ? 
_pdbx_unobs_or_zero_occ_residues.label_asym_id    A 
_pdbx_unobs_or_zero_occ_residues.label_comp_id    U 
_pdbx_unobs_or_zero_occ_residues.label_seq_id     14 
# 
loop_
_chem_comp_atom.comp_id 
_chem_comp_atom.atom_id 
_chem_comp_atom.type_symbol 
_chem_comp_atom.pdbx_aromatic_flag 
_chem_comp_atom.pdbx_stereo_config 
_chem_comp_atom.pdbx_ordinal 
1DP O3P    O  N N 1   
1DP P      P  N N 2   
1DP O1P    O  N N 3   
1DP O2P    O  N N 4   
1DP "O5'"  O  N N 5   
1DP "C5'"  C  N N 6   
1DP "C4'"  C  N R 7   
1DP "O4'"  O  N N 8   
1DP "C1'"  C  N R 9   
1DP N9     N  Y N 10  
1DP C4     C  Y N 11  
1DP N3     N  Y N 12  
1DP C2     C  Y N 13  
1DP C1     C  Y N 14  
1DP C6     C  Y N 15  
1DP N6     N  N N 16  
1DP C5     C  Y N 17  
1DP N7     N  Y N 18  
1DP C8     C  Y N 19  
1DP "C2'"  C  N R 20  
1DP "O2'"  O  N N 21  
1DP "C3'"  C  N S 22  
1DP "O3'"  O  N N 23  
1DP HO3P   H  N N 24  
1DP HO2P   H  N N 25  
1DP "H5'"  H  N N 26  
1DP "H5'A" H  N N 27  
1DP "H4'"  H  N N 28  
1DP "H1'"  H  N N 29  
1DP H2     H  N N 30  
1DP H1     H  N N 31  
1DP HN6    H  N N 32  
1DP HN6A   H  N N 33  
1DP H8     H  N N 34  
1DP "H2'"  H  N N 35  
1DP "HO2'" H  N N 36  
1DP "H3'"  H  N N 37  
1DP "HO3'" H  N N 38  
A   OP3    O  N N 39  
A   P      P  N N 40  
A   OP1    O  N N 41  
A   OP2    O  N N 42  
A   "O5'"  O  N N 43  
A   "C5'"  C  N N 44  
A   "C4'"  C  N R 45  
A   "O4'"  O  N N 46  
A   "C3'"  C  N S 47  
A   "O3'"  O  N N 48  
A   "C2'"  C  N R 49  
A   "O2'"  O  N N 50  
A   "C1'"  C  N R 51  
A   N9     N  Y N 52  
A   C8     C  Y N 53  
A   N7     N  Y N 54  
A   C5     C  Y N 55  
A   C6     C  Y N 56  
A   N6     N  N N 57  
A   N1     N  Y N 58  
A   C2     C  Y N 59  
A   N3     N  Y N 60  
A   C4     C  Y N 61  
A   HOP3   H  N N 62  
A   HOP2   H  N N 63  
A   "H5'"  H  N N 64  
A   "H5''" H  N N 65  
A   "H4'"  H  N N 66  
A   "H3'"  H  N N 67  
A   "HO3'" H  N N 68  
A   "H2'"  H  N N 69  
A   "HO2'" H  N N 70  
A   "H1'"  H  N N 71  
A   H8     H  N N 72  
A   H61    H  N N 73  
A   H62    H  N N 74  
A   H2     H  N N 75  
C   OP3    O  N N 76  
C   P      P  N N 77  
C   OP1    O  N N 78  
C   OP2    O  N N 79  
C   "O5'"  O  N N 80  
C   "C5'"  C  N N 81  
C   "C4'"  C  N R 82  
C   "O4'"  O  N N 83  
C   "C3'"  C  N S 84  
C   "O3'"  O  N N 85  
C   "C2'"  C  N R 86  
C   "O2'"  O  N N 87  
C   "C1'"  C  N R 88  
C   N1     N  N N 89  
C   C2     C  N N 90  
C   O2     O  N N 91  
C   N3     N  N N 92  
C   C4     C  N N 93  
C   N4     N  N N 94  
C   C5     C  N N 95  
C   C6     C  N N 96  
C   HOP3   H  N N 97  
C   HOP2   H  N N 98  
C   "H5'"  H  N N 99  
C   "H5''" H  N N 100 
C   "H4'"  H  N N 101 
C   "H3'"  H  N N 102 
C   "HO3'" H  N N 103 
C   "H2'"  H  N N 104 
C   "HO2'" H  N N 105 
C   "H1'"  H  N N 106 
C   H41    H  N N 107 
C   H42    H  N N 108 
C   H5     H  N N 109 
C   H6     H  N N 110 
G   OP3    O  N N 111 
G   P      P  N N 112 
G   OP1    O  N N 113 
G   OP2    O  N N 114 
G   "O5'"  O  N N 115 
G   "C5'"  C  N N 116 
G   "C4'"  C  N R 117 
G   "O4'"  O  N N 118 
G   "C3'"  C  N S 119 
G   "O3'"  O  N N 120 
G   "C2'"  C  N R 121 
G   "O2'"  O  N N 122 
G   "C1'"  C  N R 123 
G   N9     N  Y N 124 
G   C8     C  Y N 125 
G   N7     N  Y N 126 
G   C5     C  Y N 127 
G   C6     C  N N 128 
G   O6     O  N N 129 
G   N1     N  N N 130 
G   C2     C  N N 131 
G   N2     N  N N 132 
G   N3     N  N N 133 
G   C4     C  Y N 134 
G   HOP3   H  N N 135 
G   HOP2   H  N N 136 
G   "H5'"  H  N N 137 
G   "H5''" H  N N 138 
G   "H4'"  H  N N 139 
G   "H3'"  H  N N 140 
G   "HO3'" H  N N 141 
G   "H2'"  H  N N 142 
G   "HO2'" H  N N 143 
G   "H1'"  H  N N 144 
G   H8     H  N N 145 
G   H1     H  N N 146 
G   H21    H  N N 147 
G   H22    H  N N 148 
NCO CO     CO N N 149 
NCO N1     N  N N 150 
NCO N2     N  N N 151 
NCO N3     N  N N 152 
NCO N4     N  N N 153 
NCO N5     N  N N 154 
NCO N6     N  N N 155 
NCO HN11   H  N N 156 
NCO HN12   H  N N 157 
NCO HN13   H  N N 158 
NCO HN21   H  N N 159 
NCO HN22   H  N N 160 
NCO HN23   H  N N 161 
NCO HN31   H  N N 162 
NCO HN32   H  N N 163 
NCO HN33   H  N N 164 
NCO HN41   H  N N 165 
NCO HN42   H  N N 166 
NCO HN43   H  N N 167 
NCO HN51   H  N N 168 
NCO HN52   H  N N 169 
NCO HN53   H  N N 170 
NCO HN61   H  N N 171 
NCO HN62   H  N N 172 
NCO HN63   H  N N 173 
S9L O3P    O  N N 174 
S9L P      P  N N 175 
S9L O1P    O  N N 176 
S9L O2P    O  N N 177 
S9L "O5'"  O  N N 178 
S9L C12    C  N N 179 
S9L C22    C  N N 180 
S9L OH3    O  N N 181 
S9L C13    C  N N 182 
S9L C23    C  N N 183 
S9L OH4    O  N N 184 
S9L C14    C  N N 185 
S9L C24    C  N N 186 
S9L "O3'"  O  N N 187 
S9L HO3P   H  N N 188 
S9L HO1P   H  N N 189 
S9L H121   H  N N 190 
S9L H122   H  N N 191 
S9L H221   H  N N 192 
S9L H222   H  N N 193 
S9L H131   H  N N 194 
S9L H132   H  N N 195 
S9L H231   H  N N 196 
S9L H232   H  N N 197 
S9L H141   H  N N 198 
S9L H142   H  N N 199 
S9L H241   H  N N 200 
S9L H242   H  N N 201 
S9L "HO3'" H  N N 202 
SO4 S      S  N N 203 
SO4 O1     O  N N 204 
SO4 O2     O  N N 205 
SO4 O3     O  N N 206 
SO4 O4     O  N N 207 
U   OP3    O  N N 208 
U   P      P  N N 209 
U   OP1    O  N N 210 
U   OP2    O  N N 211 
U   "O5'"  O  N N 212 
U   "C5'"  C  N N 213 
U   "C4'"  C  N R 214 
U   "O4'"  O  N N 215 
U   "C3'"  C  N S 216 
U   "O3'"  O  N N 217 
U   "C2'"  C  N R 218 
U   "O2'"  O  N N 219 
U   "C1'"  C  N R 220 
U   N1     N  N N 221 
U   C2     C  N N 222 
U   O2     O  N N 223 
U   N3     N  N N 224 
U   C4     C  N N 225 
U   O4     O  N N 226 
U   C5     C  N N 227 
U   C6     C  N N 228 
U   HOP3   H  N N 229 
U   HOP2   H  N N 230 
U   "H5'"  H  N N 231 
U   "H5''" H  N N 232 
U   "H4'"  H  N N 233 
U   "H3'"  H  N N 234 
U   "HO3'" H  N N 235 
U   "H2'"  H  N N 236 
U   "HO2'" H  N N 237 
U   "H1'"  H  N N 238 
U   H3     H  N N 239 
U   H5     H  N N 240 
U   H6     H  N N 241 
# 
loop_
_chem_comp_bond.comp_id 
_chem_comp_bond.atom_id_1 
_chem_comp_bond.atom_id_2 
_chem_comp_bond.value_order 
_chem_comp_bond.pdbx_aromatic_flag 
_chem_comp_bond.pdbx_stereo_config 
_chem_comp_bond.pdbx_ordinal 
1DP P     O3P    sing N N 1   
1DP O3P   HO3P   sing N N 2   
1DP "O5'" P      sing N N 3   
1DP O1P   P      doub N N 4   
1DP P     O2P    sing N N 5   
1DP O2P   HO2P   sing N N 6   
1DP "O5'" "C5'"  sing N N 7   
1DP "C4'" "C5'"  sing N N 8   
1DP "C5'" "H5'"  sing N N 9   
1DP "C5'" "H5'A" sing N N 10  
1DP "C3'" "C4'"  sing N N 11  
1DP "C4'" "O4'"  sing N N 12  
1DP "C4'" "H4'"  sing N N 13  
1DP "C1'" "O4'"  sing N N 14  
1DP "C2'" "C1'"  sing N N 15  
1DP N9    "C1'"  sing N N 16  
1DP "C1'" "H1'"  sing N N 17  
1DP C4    N9     sing Y N 18  
1DP N9    C8     sing Y N 19  
1DP N3    C4     doub Y N 20  
1DP C4    C5     sing Y N 21  
1DP C2    N3     sing Y N 22  
1DP C1    C2     doub Y N 23  
1DP C2    H2     sing N N 24  
1DP C1    C6     sing Y N 25  
1DP C1    H1     sing N N 26  
1DP N6    C6     sing N N 27  
1DP C6    C5     doub Y N 28  
1DP N6    HN6    sing N N 29  
1DP N6    HN6A   sing N N 30  
1DP C5    N7     sing Y N 31  
1DP N7    C8     doub Y N 32  
1DP C8    H8     sing N N 33  
1DP "O2'" "C2'"  sing N N 34  
1DP "C2'" "C3'"  sing N N 35  
1DP "C2'" "H2'"  sing N N 36  
1DP "O2'" "HO2'" sing N N 37  
1DP "O3'" "C3'"  sing N N 38  
1DP "C3'" "H3'"  sing N N 39  
1DP "O3'" "HO3'" sing N N 40  
A   OP3   P      sing N N 41  
A   OP3   HOP3   sing N N 42  
A   P     OP1    doub N N 43  
A   P     OP2    sing N N 44  
A   P     "O5'"  sing N N 45  
A   OP2   HOP2   sing N N 46  
A   "O5'" "C5'"  sing N N 47  
A   "C5'" "C4'"  sing N N 48  
A   "C5'" "H5'"  sing N N 49  
A   "C5'" "H5''" sing N N 50  
A   "C4'" "O4'"  sing N N 51  
A   "C4'" "C3'"  sing N N 52  
A   "C4'" "H4'"  sing N N 53  
A   "O4'" "C1'"  sing N N 54  
A   "C3'" "O3'"  sing N N 55  
A   "C3'" "C2'"  sing N N 56  
A   "C3'" "H3'"  sing N N 57  
A   "O3'" "HO3'" sing N N 58  
A   "C2'" "O2'"  sing N N 59  
A   "C2'" "C1'"  sing N N 60  
A   "C2'" "H2'"  sing N N 61  
A   "O2'" "HO2'" sing N N 62  
A   "C1'" N9     sing N N 63  
A   "C1'" "H1'"  sing N N 64  
A   N9    C8     sing Y N 65  
A   N9    C4     sing Y N 66  
A   C8    N7     doub Y N 67  
A   C8    H8     sing N N 68  
A   N7    C5     sing Y N 69  
A   C5    C6     sing Y N 70  
A   C5    C4     doub Y N 71  
A   C6    N6     sing N N 72  
A   C6    N1     doub Y N 73  
A   N6    H61    sing N N 74  
A   N6    H62    sing N N 75  
A   N1    C2     sing Y N 76  
A   C2    N3     doub Y N 77  
A   C2    H2     sing N N 78  
A   N3    C4     sing Y N 79  
C   OP3   P      sing N N 80  
C   OP3   HOP3   sing N N 81  
C   P     OP1    doub N N 82  
C   P     OP2    sing N N 83  
C   P     "O5'"  sing N N 84  
C   OP2   HOP2   sing N N 85  
C   "O5'" "C5'"  sing N N 86  
C   "C5'" "C4'"  sing N N 87  
C   "C5'" "H5'"  sing N N 88  
C   "C5'" "H5''" sing N N 89  
C   "C4'" "O4'"  sing N N 90  
C   "C4'" "C3'"  sing N N 91  
C   "C4'" "H4'"  sing N N 92  
C   "O4'" "C1'"  sing N N 93  
C   "C3'" "O3'"  sing N N 94  
C   "C3'" "C2'"  sing N N 95  
C   "C3'" "H3'"  sing N N 96  
C   "O3'" "HO3'" sing N N 97  
C   "C2'" "O2'"  sing N N 98  
C   "C2'" "C1'"  sing N N 99  
C   "C2'" "H2'"  sing N N 100 
C   "O2'" "HO2'" sing N N 101 
C   "C1'" N1     sing N N 102 
C   "C1'" "H1'"  sing N N 103 
C   N1    C2     sing N N 104 
C   N1    C6     sing N N 105 
C   C2    O2     doub N N 106 
C   C2    N3     sing N N 107 
C   N3    C4     doub N N 108 
C   C4    N4     sing N N 109 
C   C4    C5     sing N N 110 
C   N4    H41    sing N N 111 
C   N4    H42    sing N N 112 
C   C5    C6     doub N N 113 
C   C5    H5     sing N N 114 
C   C6    H6     sing N N 115 
G   OP3   P      sing N N 116 
G   OP3   HOP3   sing N N 117 
G   P     OP1    doub N N 118 
G   P     OP2    sing N N 119 
G   P     "O5'"  sing N N 120 
G   OP2   HOP2   sing N N 121 
G   "O5'" "C5'"  sing N N 122 
G   "C5'" "C4'"  sing N N 123 
G   "C5'" "H5'"  sing N N 124 
G   "C5'" "H5''" sing N N 125 
G   "C4'" "O4'"  sing N N 126 
G   "C4'" "C3'"  sing N N 127 
G   "C4'" "H4'"  sing N N 128 
G   "O4'" "C1'"  sing N N 129 
G   "C3'" "O3'"  sing N N 130 
G   "C3'" "C2'"  sing N N 131 
G   "C3'" "H3'"  sing N N 132 
G   "O3'" "HO3'" sing N N 133 
G   "C2'" "O2'"  sing N N 134 
G   "C2'" "C1'"  sing N N 135 
G   "C2'" "H2'"  sing N N 136 
G   "O2'" "HO2'" sing N N 137 
G   "C1'" N9     sing N N 138 
G   "C1'" "H1'"  sing N N 139 
G   N9    C8     sing Y N 140 
G   N9    C4     sing Y N 141 
G   C8    N7     doub Y N 142 
G   C8    H8     sing N N 143 
G   N7    C5     sing Y N 144 
G   C5    C6     sing N N 145 
G   C5    C4     doub Y N 146 
G   C6    O6     doub N N 147 
G   C6    N1     sing N N 148 
G   N1    C2     sing N N 149 
G   N1    H1     sing N N 150 
G   C2    N2     sing N N 151 
G   C2    N3     doub N N 152 
G   N2    H21    sing N N 153 
G   N2    H22    sing N N 154 
G   N3    C4     sing N N 155 
NCO CO    N1     sing N N 156 
NCO CO    N2     sing N N 157 
NCO CO    N3     sing N N 158 
NCO CO    N4     sing N N 159 
NCO CO    N5     sing N N 160 
NCO CO    N6     sing N N 161 
NCO N1    HN11   sing N N 162 
NCO N1    HN12   sing N N 163 
NCO N1    HN13   sing N N 164 
NCO N2    HN21   sing N N 165 
NCO N2    HN22   sing N N 166 
NCO N2    HN23   sing N N 167 
NCO N3    HN31   sing N N 168 
NCO N3    HN32   sing N N 169 
NCO N3    HN33   sing N N 170 
NCO N4    HN41   sing N N 171 
NCO N4    HN42   sing N N 172 
NCO N4    HN43   sing N N 173 
NCO N5    HN51   sing N N 174 
NCO N5    HN52   sing N N 175 
NCO N5    HN53   sing N N 176 
NCO N6    HN61   sing N N 177 
NCO N6    HN62   sing N N 178 
NCO N6    HN63   sing N N 179 
S9L O3P   P      sing N N 180 
S9L O3P   HO3P   sing N N 181 
S9L P     O2P    doub N N 182 
S9L P     O1P    sing N N 183 
S9L P     "O5'"  sing N N 184 
S9L O1P   HO1P   sing N N 185 
S9L "O5'" C12    sing N N 186 
S9L C12   C22    sing N N 187 
S9L C12   H121   sing N N 188 
S9L C12   H122   sing N N 189 
S9L C22   OH3    sing N N 190 
S9L C22   H221   sing N N 191 
S9L C22   H222   sing N N 192 
S9L OH3   C23    sing N N 193 
S9L C13   C23    sing N N 194 
S9L C13   OH4    sing N N 195 
S9L C13   H131   sing N N 196 
S9L C13   H132   sing N N 197 
S9L C23   H231   sing N N 198 
S9L C23   H232   sing N N 199 
S9L OH4   C24    sing N N 200 
S9L C14   C24    sing N N 201 
S9L C14   "O3'"  sing N N 202 
S9L C14   H141   sing N N 203 
S9L C14   H142   sing N N 204 
S9L C24   H241   sing N N 205 
S9L C24   H242   sing N N 206 
S9L "O3'" "HO3'" sing N N 207 
SO4 S     O1     doub N N 208 
SO4 S     O2     doub N N 209 
SO4 S     O3     sing N N 210 
SO4 S     O4     sing N N 211 
U   OP3   P      sing N N 212 
U   OP3   HOP3   sing N N 213 
U   P     OP1    doub N N 214 
U   P     OP2    sing N N 215 
U   P     "O5'"  sing N N 216 
U   OP2   HOP2   sing N N 217 
U   "O5'" "C5'"  sing N N 218 
U   "C5'" "C4'"  sing N N 219 
U   "C5'" "H5'"  sing N N 220 
U   "C5'" "H5''" sing N N 221 
U   "C4'" "O4'"  sing N N 222 
U   "C4'" "C3'"  sing N N 223 
U   "C4'" "H4'"  sing N N 224 
U   "O4'" "C1'"  sing N N 225 
U   "C3'" "O3'"  sing N N 226 
U   "C3'" "C2'"  sing N N 227 
U   "C3'" "H3'"  sing N N 228 
U   "O3'" "HO3'" sing N N 229 
U   "C2'" "O2'"  sing N N 230 
U   "C2'" "C1'"  sing N N 231 
U   "C2'" "H2'"  sing N N 232 
U   "O2'" "HO2'" sing N N 233 
U   "C1'" N1     sing N N 234 
U   "C1'" "H1'"  sing N N 235 
U   N1    C2     sing N N 236 
U   N1    C6     sing N N 237 
U   C2    O2     doub N N 238 
U   C2    N3     sing N N 239 
U   N3    C4     sing N N 240 
U   N3    H3     sing N N 241 
U   C4    O4     doub N N 242 
U   C4    C5     sing N N 243 
U   C5    C6     doub N N 244 
U   C5    H5     sing N N 245 
U   C6    H6     sing N N 246 
# 
loop_
_ndb_struct_conf_na.entry_id 
_ndb_struct_conf_na.feature 
3I2R 'double helix'         
3I2R 'a-form double helix'  
3I2R 'bulge loop'           
3I2R 'mismatched base pair' 
3I2R 'internal loop'        
# 
loop_
_ndb_struct_na_base_pair.model_number 
_ndb_struct_na_base_pair.i_label_asym_id 
_ndb_struct_na_base_pair.i_label_comp_id 
_ndb_struct_na_base_pair.i_label_seq_id 
_ndb_struct_na_base_pair.i_symmetry 
_ndb_struct_na_base_pair.j_label_asym_id 
_ndb_struct_na_base_pair.j_label_comp_id 
_ndb_struct_na_base_pair.j_label_seq_id 
_ndb_struct_na_base_pair.j_symmetry 
_ndb_struct_na_base_pair.shear 
_ndb_struct_na_base_pair.stretch 
_ndb_struct_na_base_pair.stagger 
_ndb_struct_na_base_pair.buckle 
_ndb_struct_na_base_pair.propeller 
_ndb_struct_na_base_pair.opening 
_ndb_struct_na_base_pair.pair_number 
_ndb_struct_na_base_pair.pair_name 
_ndb_struct_na_base_pair.i_auth_asym_id 
_ndb_struct_na_base_pair.i_auth_seq_id 
_ndb_struct_na_base_pair.i_PDB_ins_code 
_ndb_struct_na_base_pair.j_auth_asym_id 
_ndb_struct_na_base_pair.j_auth_seq_id 
_ndb_struct_na_base_pair.j_PDB_ins_code 
_ndb_struct_na_base_pair.hbond_type_28 
_ndb_struct_na_base_pair.hbond_type_12 
1 A C 2  1_555 B G 12 1_555 0.249  -0.300 -0.270 4.020   -20.962 2.415    1  A_C2:G13_B  A 2  ? B 13 ? 19 1  
1 A C 3  1_555 B G 11 1_555 0.312  -0.269 -0.096 -2.086  -7.135  -2.047   2  A_C3:G12_B  A 3  ? B 12 ? 19 1  
1 A C 4  1_555 B G 10 1_555 0.616  0.015  0.085  3.984   0.954   6.120    3  A_C4:G11_B  A 4  ? B 11 ? 19 1  
1 A A 5  1_555 B A 9  1_555 6.038  -1.864 1.871  4.250   12.948  9.005    4  A_A5:A10_B  A 5  ? B 10 ? ?  ?  
1 A U 7  1_555 B G 7  1_555 -7.432 -2.790 0.393  8.280   5.738   -17.863  5  A_U7:G8_B   A 7  ? B 8  ? ?  ?  
1 A C 8  1_555 B A 6  1_555 -2.242 0.711  -0.901 24.158  -14.907 7.733    6  A_C8:A7_B   A 8  ? B 7  ? ?  ?  
1 A C 9  1_555 B G 5  1_555 0.136  0.200  -0.304 17.074  -11.603 11.563   7  A_C9:G6_B   A 9  ? B 6  ? ?  1  
1 A A 10 1_555 B U 4  1_555 0.719  0.013  0.080  1.123   -10.830 -5.634   8  A_A10:U5_B  A 10 ? B 5  ? 20 1  
1 A C 11 1_555 B G 3  1_555 0.228  -0.206 0.233  3.831   -12.606 6.197    9  A_C11:G4_B  A 11 ? B 4  ? 19 1  
1 A C 12 1_555 B G 2  1_555 0.520  -0.454 0.314  1.842   -10.379 1.087    10 A_C12:G3_B  A 12 ? B 3  ? 19 1  
1 A G 13 1_555 B C 1  1_555 -0.493 0.237  -0.180 -4.407  -7.396  13.096   11 A_G13:C2_B  A 13 ? B 2  ? ?  1  
1 B G 14 1_555 C C 19 1_555 -0.712 -0.084 0.654  3.627   -2.145  0.335    12 B_G15:C49_C B 15 ? C 49 ? 19 1  
1 B G 15 1_555 C C 18 1_555 -0.631 -0.078 0.559  10.919  -11.203 0.910    13 B_G16:C48_C B 16 ? C 48 ? 19 1  
1 B C 16 1_555 C G 17 1_555 -0.077 0.007  0.185  6.966   -12.018 4.985    14 B_C17:G47_C B 17 ? C 47 ? 19 1  
1 B A 17 1_555 C U 16 1_555 -0.293 -0.124 -0.135 -0.972  -7.288  7.001    15 B_A18:U46_C B 18 ? C 46 ? 20 1  
1 B G 18 1_555 C C 15 1_555 -0.597 -0.163 -0.434 -7.154  -2.741  7.549    16 B_G19:C45_C B 19 ? C 45 ? 19 1  
1 B A 19 1_555 C C 14 1_555 2.222  0.390  -0.441 -17.252 -6.515  17.231   17 B_A20:C44_C B 20 ? C 44 ? ?  1  
1 B G 20 1_555 C A 13 1_555 6.784  -4.771 0.053  -4.146  3.141   -11.055  18 B_G21:A43_C B 21 ? C 43 ? 11 10 
1 B A 21 1_555 C U 11 1_555 -4.183 -2.045 -0.161 -4.050  -8.701  -98.257  19 B_A22:U41_C B 22 ? C 41 ? 24 4  
1 B A 22 1_555 C A 10 1_555 -4.444 0.849  -0.331 1.418   -18.377 -94.590  20 B_A23:A40_C B 23 ? C 40 ? ?  ?  
1 B A 23 1_555 C A 8  1_555 5.157  3.213  -0.491 -3.474  -10.437 -151.937 21 B_A24:A38_C B 24 ? C 38 ? ?  ?  
1 B C 24 1_555 A G 6  1_555 0.198  -0.318 0.107  14.359  -9.267  1.721    22 B_C25:G6_A  B 25 ? A 6  ? 19 1  
1 B A 25 1_555 C G 6  1_555 0.092  1.371  -0.450 -8.922  -15.386 -16.756  23 B_A26:G36_C B 26 ? C 36 ? 8  ?  
1 B C 26 1_555 C G 5  1_555 0.161  -0.239 0.143  5.778   -14.064 1.056    24 B_C27:G35_C B 27 ? C 35 ? 19 1  
1 B A 27 1_555 C U 4  1_555 -0.018 -0.376 0.504  10.989  -18.210 -1.837   25 B_A28:U34_C B 28 ? C 34 ? 20 1  
1 B C 28 1_555 C G 3  1_555 -0.007 -0.118 0.275  3.694   -10.192 4.451    26 B_C29:G33_C B 29 ? C 33 ? 19 1  
1 B G 29 1_555 C C 2  1_555 -0.275 -0.244 0.248  -8.252  -10.381 -1.407   27 B_G30:C32_C B 30 ? C 32 ? 19 1  
1 B A 30 1_555 C U 1  1_555 0.541  -0.199 0.265  -3.986  -3.680  -3.128   28 B_A31:U31_C B 31 ? C 31 ? 20 1  
# 
loop_
_ndb_struct_na_base_pair_step.model_number 
_ndb_struct_na_base_pair_step.i_label_asym_id_1 
_ndb_struct_na_base_pair_step.i_label_comp_id_1 
_ndb_struct_na_base_pair_step.i_label_seq_id_1 
_ndb_struct_na_base_pair_step.i_symmetry_1 
_ndb_struct_na_base_pair_step.j_label_asym_id_1 
_ndb_struct_na_base_pair_step.j_label_comp_id_1 
_ndb_struct_na_base_pair_step.j_label_seq_id_1 
_ndb_struct_na_base_pair_step.j_symmetry_1 
_ndb_struct_na_base_pair_step.i_label_asym_id_2 
_ndb_struct_na_base_pair_step.i_label_comp_id_2 
_ndb_struct_na_base_pair_step.i_label_seq_id_2 
_ndb_struct_na_base_pair_step.i_symmetry_2 
_ndb_struct_na_base_pair_step.j_label_asym_id_2 
_ndb_struct_na_base_pair_step.j_label_comp_id_2 
_ndb_struct_na_base_pair_step.j_label_seq_id_2 
_ndb_struct_na_base_pair_step.j_symmetry_2 
_ndb_struct_na_base_pair_step.shift 
_ndb_struct_na_base_pair_step.slide 
_ndb_struct_na_base_pair_step.rise 
_ndb_struct_na_base_pair_step.tilt 
_ndb_struct_na_base_pair_step.roll 
_ndb_struct_na_base_pair_step.twist 
_ndb_struct_na_base_pair_step.x_displacement 
_ndb_struct_na_base_pair_step.y_displacement 
_ndb_struct_na_base_pair_step.helical_rise 
_ndb_struct_na_base_pair_step.inclination 
_ndb_struct_na_base_pair_step.tip 
_ndb_struct_na_base_pair_step.helical_twist 
_ndb_struct_na_base_pair_step.step_number 
_ndb_struct_na_base_pair_step.step_name 
_ndb_struct_na_base_pair_step.i_auth_asym_id_1 
_ndb_struct_na_base_pair_step.i_auth_seq_id_1 
_ndb_struct_na_base_pair_step.i_PDB_ins_code_1 
_ndb_struct_na_base_pair_step.j_auth_asym_id_1 
_ndb_struct_na_base_pair_step.j_auth_seq_id_1 
_ndb_struct_na_base_pair_step.j_PDB_ins_code_1 
_ndb_struct_na_base_pair_step.i_auth_asym_id_2 
_ndb_struct_na_base_pair_step.i_auth_seq_id_2 
_ndb_struct_na_base_pair_step.i_PDB_ins_code_2 
_ndb_struct_na_base_pair_step.j_auth_asym_id_2 
_ndb_struct_na_base_pair_step.j_auth_seq_id_2 
_ndb_struct_na_base_pair_step.j_PDB_ins_code_2 
1 A C 2  1_555 B G 12 1_555 A C 3  1_555 B G 11 1_555 -0.631 -1.717 3.442 -3.196  9.046  33.406 -4.255 0.570  2.938 15.348 5.422   
34.719 1  AA_C2C3:G12G13_BB   A 2  ? B 13 ? A 3  ? B 12 ? 
1 A C 3  1_555 B G 11 1_555 A C 4  1_555 B G 10 1_555 0.764  -1.462 3.266 2.743   6.929  29.764 -4.075 -0.926 2.916 13.229 -5.237  
30.662 2  AA_C3C4:G11G12_BB   A 3  ? B 12 ? A 4  ? B 11 ? 
1 A C 4  1_555 B G 10 1_555 A A 5  1_555 B A 9  1_555 0.304  0.024  3.634 -0.746  18.134 50.370 -1.260 -0.391 3.449 20.556 0.846   
53.339 3  AA_C4A5:A10G11_BB   A 4  ? B 11 ? A 5  ? B 10 ? 
1 A A 5  1_555 B A 9  1_555 A U 7  1_555 B G 7  1_555 -1.642 -0.562 5.212 12.660  11.273 32.719 -3.179 5.174  3.939 18.542 -20.822 
36.743 4  AA_A5U7:G8A10_BB    A 5  ? B 10 ? A 7  ? B 8  ? 
1 A U 7  1_555 B G 7  1_555 A C 8  1_555 B A 6  1_555 0.999  -1.206 3.032 -2.254  12.321 49.648 -2.150 -1.295 2.638 14.410 2.636   
51.106 5  AA_U7C8:A7G8_BB     A 7  ? B 8  ? A 8  ? B 7  ? 
1 A C 8  1_555 B A 6  1_555 A C 9  1_555 B G 5  1_555 -0.027 -1.322 3.641 -4.237  7.193  35.994 -3.133 -0.573 3.307 11.452 6.745   
36.918 6  AA_C8C9:G6A7_BB     A 8  ? B 7  ? A 9  ? B 6  ? 
1 A C 9  1_555 B G 5  1_555 A A 10 1_555 B U 4  1_555 -0.942 -1.692 3.501 -2.679  13.683 37.925 -3.995 1.066  2.808 20.237 3.962   
40.318 7  AA_C9A10:U5G6_BB    A 9  ? B 6  ? A 10 ? B 5  ? 
1 A A 10 1_555 B U 4  1_555 A C 11 1_555 B G 3  1_555 0.242  -1.830 3.119 -1.065  4.110  25.154 -5.212 -0.825 2.777 9.352  2.423   
25.504 8  AA_A10C11:G4U5_BB   A 10 ? B 5  ? A 11 ? B 4  ? 
1 A C 11 1_555 B G 3  1_555 A C 12 1_555 B G 2  1_555 0.132  -2.009 3.176 0.093   5.712  33.975 -4.212 -0.210 2.811 9.690  -0.157  
34.438 9  AA_C11C12:G3G4_BB   A 11 ? B 4  ? A 12 ? B 3  ? 
1 A C 12 1_555 B G 2  1_555 A G 13 1_555 B C 1  1_555 0.492  -1.740 3.242 5.448   8.920  27.832 -5.133 0.101  2.619 17.771 -10.854 
29.693 10 AA_C12G13:C2G3_BB   A 12 ? B 3  ? A 13 ? B 2  ? 
1 B G 14 1_555 C C 19 1_555 B G 15 1_555 C C 18 1_555 -0.836 -1.263 3.032 -2.403  6.294  33.136 -3.090 1.088  2.804 10.896 4.160   
33.795 11 BB_G15G16:C48C49_CC B 15 ? C 49 ? B 16 ? C 48 ? 
1 B G 15 1_555 C C 18 1_555 B C 16 1_555 C G 17 1_555 0.416  -1.314 3.334 1.236   7.416  36.166 -3.060 -0.493 3.027 11.789 -1.966  
36.913 12 BB_G16C17:G47C48_CC B 16 ? C 48 ? B 17 ? C 47 ? 
1 B C 16 1_555 C G 17 1_555 B A 17 1_555 C U 16 1_555 0.397  -1.774 3.282 0.710   10.172 30.164 -4.948 -0.605 2.571 18.879 -1.317  
31.803 13 BB_C17A18:U46G47_CC B 17 ? C 47 ? B 18 ? C 46 ? 
1 B A 17 1_555 C U 16 1_555 B G 18 1_555 C C 15 1_555 0.241  -1.782 3.401 0.615   7.903  29.428 -4.927 -0.340 2.841 15.212 -1.184  
30.454 14 BB_A18G19:C45U46_CC B 18 ? C 46 ? B 19 ? C 45 ? 
1 B G 18 1_555 C C 15 1_555 B A 19 1_555 C C 14 1_555 0.730  -1.236 3.532 1.676   9.627  39.990 -2.848 -0.850 3.190 13.828 -2.408  
41.119 15 BB_G19A20:C44C45_CC B 19 ? C 45 ? B 20 ? C 44 ? 
1 B A 19 1_555 C C 14 1_555 B G 20 1_555 C A 13 1_555 -0.828 -1.008 3.055 3.944   5.387  58.496 -1.280 1.029  2.904 5.493  -4.022  
58.842 16 BB_A20G21:A43C44_CC B 20 ? C 44 ? B 21 ? C 43 ? 
1 B G 20 1_555 C A 13 1_555 B A 21 1_555 C U 11 1_555 -2.169 -0.441 3.530 1.893   -0.757 12.043 -1.094 12.644 3.173 -3.575 -8.937  
12.214 17 BB_G21A22:U41A43_CC B 21 ? C 43 ? B 22 ? C 41 ? 
1 B A 21 1_555 C U 11 1_555 B A 22 1_555 C A 10 1_555 -0.114 -2.268 3.402 -11.305 4.570  45.321 -3.238 -0.808 3.113 5.807  14.366  
46.850 18 BB_A22A23:A40U41_CC B 22 ? C 41 ? B 23 ? C 40 ? 
1 B A 22 1_555 C A 10 1_555 B A 23 1_555 C A 8  1_555 -3.743 -2.946 3.566 -3.999  -0.576 72.667 -2.462 3.009  3.759 -0.486 3.372   
72.763 19 BB_A23A24:A38A40_CC B 23 ? C 40 ? B 24 ? C 38 ? 
1 B C 24 1_555 A G 6  1_555 B A 25 1_555 C G 6  1_555 0.345  -1.975 3.725 5.062   7.061  48.186 -2.976 0.007  3.438 8.568  -6.142  
48.917 20 BB_C25A26:G36G6_CA  B 25 ? A 6  ? B 26 ? C 36 ? 
1 B A 25 1_555 C G 6  1_555 B C 26 1_555 C G 5  1_555 1.092  -0.545 3.021 -5.354  0.941  29.991 -1.206 -3.031 2.771 1.800  10.239  
30.468 21 BB_A26C27:G35G36_CC B 26 ? C 36 ? B 27 ? C 35 ? 
1 B C 26 1_555 C G 5  1_555 B A 27 1_555 C U 4  1_555 0.118  -1.311 2.954 -1.251  7.947  34.150 -3.200 -0.356 2.587 13.305 2.094   
35.058 22 BB_C27A28:U34G35_CC B 27 ? C 35 ? B 28 ? C 34 ? 
1 B A 27 1_555 C U 4  1_555 B C 28 1_555 C G 3  1_555 0.583  -1.186 3.428 2.863   0.386  32.576 -2.177 -0.515 3.451 0.686  -5.091  
32.700 23 BB_A28C29:G33U34_CC B 28 ? C 34 ? B 29 ? C 33 ? 
1 B C 28 1_555 C G 3  1_555 B G 29 1_555 C C 2  1_555 0.248  -1.628 3.297 1.966   10.226 36.136 -3.789 -0.142 2.761 16.080 -3.091  
37.558 24 BB_C29G30:C32G33_CC B 29 ? C 33 ? B 30 ? C 32 ? 
1 B G 29 1_555 C C 2  1_555 B A 30 1_555 C U 1  1_555 0.496  -1.832 2.985 3.185   6.180  34.195 -3.874 -0.407 2.657 10.377 -5.349  
34.874 25 BB_G30A31:U31C32_CC B 30 ? C 32 ? B 31 ? C 31 ? 
# 
loop_
_pdbx_entity_nonpoly.entity_id 
_pdbx_entity_nonpoly.name 
_pdbx_entity_nonpoly.comp_id 
4 'SULFATE ION'           SO4 
5 'COBALT HEXAMMINE(III)' NCO 
# 
_pdbx_initial_refinement_model.id               1 
_pdbx_initial_refinement_model.entity_id_list   ? 
_pdbx_initial_refinement_model.type             'experimental model' 
_pdbx_initial_refinement_model.source_name      PDB 
_pdbx_initial_refinement_model.accession_code   2OUE 
_pdbx_initial_refinement_model.details          'PDB entry 2OUE' 
# 
